data_7MZX
#
_entry.id   7MZX
#
_entity_poly.entity_id   1
_entity_poly.type   'polypeptide(L)'
_entity_poly.pdbx_seq_one_letter_code
;GPSPEQRVEIVPRDLRMKDKFLKHLTGPLYFSPKCSKHFHRLYHNTRDCTIPAYYKRCARLLTRLAVSPVCMEDKQ
;
_entity_poly.pdbx_strand_id   A
#
# COMPACT_ATOMS: atom_id res chain seq x y z
N GLY A 1 -16.22 4.45 1.67
CA GLY A 1 -16.28 3.62 0.44
C GLY A 1 -17.05 2.33 0.67
N PRO A 2 -16.71 1.20 -0.05
CA PRO A 2 -17.38 -0.13 0.13
C PRO A 2 -17.01 -0.79 1.48
N SER A 3 -15.91 -0.30 2.07
CA SER A 3 -15.40 -0.77 3.35
C SER A 3 -15.87 0.16 4.50
N PRO A 4 -15.97 -0.38 5.76
CA PRO A 4 -16.09 0.47 6.97
C PRO A 4 -14.73 1.12 7.33
N GLU A 5 -14.56 2.42 6.98
CA GLU A 5 -13.35 3.20 7.33
C GLU A 5 -13.31 3.43 8.86
N GLN A 6 -14.43 3.93 9.39
CA GLN A 6 -14.59 4.22 10.84
C GLN A 6 -15.86 3.51 11.36
N ARG A 7 -15.73 2.20 11.63
CA ARG A 7 -16.81 1.37 12.18
C ARG A 7 -16.24 0.07 12.76
N VAL A 8 -15.52 -0.70 11.92
CA VAL A 8 -14.93 -1.97 12.33
C VAL A 8 -13.73 -2.32 11.42
N GLU A 9 -12.72 -2.96 12.04
CA GLU A 9 -11.46 -3.34 11.36
C GLU A 9 -11.70 -4.34 10.24
N ILE A 10 -12.73 -5.19 10.42
CA ILE A 10 -13.06 -6.27 9.49
C ILE A 10 -13.63 -5.67 8.20
N VAL A 11 -13.08 -6.11 7.06
CA VAL A 11 -13.58 -5.76 5.72
C VAL A 11 -13.52 -7.04 4.87
N PRO A 12 -14.58 -7.34 4.04
CA PRO A 12 -14.59 -8.52 3.12
C PRO A 12 -13.40 -8.51 2.12
N ARG A 13 -13.28 -9.59 1.32
CA ARG A 13 -12.20 -9.76 0.30
C ARG A 13 -12.25 -8.64 -0.77
N ASP A 14 -13.37 -7.89 -0.80
CA ASP A 14 -13.58 -6.69 -1.64
C ASP A 14 -12.66 -5.50 -1.20
N LEU A 15 -11.82 -5.74 -0.17
CA LEU A 15 -10.73 -4.84 0.29
C LEU A 15 -9.73 -4.50 -0.85
N ARG A 16 -9.85 -5.18 -2.00
CA ARG A 16 -9.16 -4.85 -3.27
C ARG A 16 -9.34 -3.35 -3.66
N MET A 17 -10.42 -2.72 -3.13
CA MET A 17 -10.68 -1.26 -3.23
C MET A 17 -9.45 -0.43 -2.79
N LYS A 18 -8.73 -0.96 -1.78
CA LYS A 18 -7.52 -0.34 -1.23
C LYS A 18 -6.47 -0.15 -2.32
N ASP A 19 -6.09 -1.26 -2.97
CA ASP A 19 -5.09 -1.27 -4.06
C ASP A 19 -5.50 -0.31 -5.21
N LYS A 20 -6.80 -0.30 -5.48
CA LYS A 20 -7.40 0.55 -6.52
C LYS A 20 -7.24 2.04 -6.19
N PHE A 21 -7.45 2.37 -4.91
CA PHE A 21 -7.39 3.75 -4.40
C PHE A 21 -5.92 4.24 -4.32
N LEU A 22 -5.05 3.38 -3.78
CA LEU A 22 -3.63 3.71 -3.48
C LEU A 22 -2.87 3.97 -4.79
N LYS A 23 -3.08 3.07 -5.77
CA LYS A 23 -2.44 3.15 -7.10
C LYS A 23 -2.83 4.47 -7.82
N HIS A 24 -4.01 5.00 -7.50
CA HIS A 24 -4.50 6.28 -8.08
C HIS A 24 -4.06 7.48 -7.22
N LEU A 25 -3.86 7.24 -5.91
CA LEU A 25 -3.49 8.29 -4.93
C LEU A 25 -2.02 8.68 -5.08
N THR A 26 -1.18 7.70 -5.41
CA THR A 26 0.28 7.86 -5.49
C THR A 26 0.77 7.84 -6.95
N GLY A 27 0.09 7.04 -7.78
CA GLY A 27 0.57 6.71 -9.12
C GLY A 27 1.16 5.30 -9.15
N PRO A 28 1.79 4.87 -10.30
CA PRO A 28 2.40 3.53 -10.42
C PRO A 28 3.57 3.32 -9.43
N LEU A 29 3.34 2.45 -8.42
CA LEU A 29 4.34 2.06 -7.41
C LEU A 29 4.86 0.64 -7.67
N TYR A 30 4.61 0.12 -8.90
CA TYR A 30 4.80 -1.31 -9.28
C TYR A 30 6.22 -1.91 -9.00
N PHE A 31 7.18 -1.06 -8.55
CA PHE A 31 8.46 -1.46 -7.85
C PHE A 31 9.32 -2.50 -8.64
N SER A 32 10.30 -3.09 -7.94
CA SER A 32 11.16 -4.15 -8.46
C SER A 32 10.87 -5.50 -7.75
N PRO A 33 11.00 -6.68 -8.45
CA PRO A 33 10.93 -8.03 -7.83
C PRO A 33 11.88 -8.23 -6.64
N LYS A 34 12.98 -7.44 -6.61
CA LYS A 34 13.95 -7.39 -5.48
C LYS A 34 13.27 -6.84 -4.21
N CYS A 35 12.41 -5.86 -4.46
CA CYS A 35 11.73 -5.08 -3.42
C CYS A 35 10.30 -5.59 -3.17
N SER A 36 9.85 -6.53 -4.03
CA SER A 36 8.51 -7.16 -3.95
C SER A 36 8.14 -7.61 -2.52
N LYS A 37 9.11 -8.21 -1.84
CA LYS A 37 8.95 -8.71 -0.45
C LYS A 37 8.70 -7.56 0.54
N HIS A 38 9.41 -6.41 0.36
CA HIS A 38 9.24 -5.22 1.23
C HIS A 38 7.83 -4.67 1.07
N PHE A 39 7.38 -4.58 -0.20
CA PHE A 39 6.02 -4.11 -0.52
C PHE A 39 4.98 -5.02 0.14
N HIS A 40 5.23 -6.33 0.07
CA HIS A 40 4.30 -7.34 0.61
C HIS A 40 4.20 -7.24 2.15
N ARG A 41 5.31 -6.91 2.83
CA ARG A 41 5.30 -6.67 4.29
C ARG A 41 4.60 -5.34 4.61
N LEU A 42 4.88 -4.33 3.79
CA LEU A 42 4.35 -2.96 3.96
C LEU A 42 2.90 -2.85 3.49
N TYR A 43 2.38 -3.91 2.83
CA TYR A 43 0.97 -3.97 2.40
C TYR A 43 0.14 -4.92 3.29
N HIS A 44 0.74 -6.04 3.72
CA HIS A 44 0.01 -7.14 4.40
C HIS A 44 0.15 -7.09 5.94
N ASN A 45 1.27 -6.56 6.45
CA ASN A 45 1.57 -6.53 7.91
C ASN A 45 1.11 -5.21 8.55
N THR A 46 1.27 -4.09 7.82
CA THR A 46 1.03 -2.75 8.38
C THR A 46 -0.47 -2.46 8.43
N ARG A 47 -0.94 -1.96 9.59
CA ARG A 47 -2.36 -1.56 9.82
C ARG A 47 -2.81 -0.48 8.82
N ASP A 48 -1.82 0.22 8.25
CA ASP A 48 -2.02 1.27 7.27
C ASP A 48 -2.69 0.73 6.01
N CYS A 49 -2.11 -0.35 5.47
CA CYS A 49 -2.50 -0.91 4.18
C CYS A 49 -3.57 -2.00 4.31
N THR A 50 -3.73 -2.55 5.52
CA THR A 50 -4.78 -3.53 5.81
C THR A 50 -6.13 -2.81 6.01
N ILE A 51 -6.13 -1.86 6.95
CA ILE A 51 -7.34 -1.11 7.36
C ILE A 51 -7.56 0.08 6.41
N PRO A 52 -8.78 0.19 5.79
CA PRO A 52 -9.09 1.18 4.72
C PRO A 52 -9.05 2.65 5.22
N ALA A 53 -9.16 2.81 6.56
CA ALA A 53 -9.10 4.13 7.23
C ALA A 53 -7.75 4.82 7.01
N TYR A 54 -6.68 4.03 7.02
CA TYR A 54 -5.28 4.53 6.97
C TYR A 54 -4.72 4.51 5.54
N TYR A 55 -5.59 4.81 4.56
CA TYR A 55 -5.24 4.85 3.12
C TYR A 55 -4.06 5.81 2.83
N LYS A 56 -4.09 6.99 3.46
CA LYS A 56 -3.08 8.05 3.24
C LYS A 56 -1.69 7.62 3.74
N ARG A 57 -1.68 6.98 4.91
CA ARG A 57 -0.45 6.59 5.61
C ARG A 57 0.20 5.42 4.86
N CYS A 58 -0.66 4.49 4.40
CA CYS A 58 -0.26 3.36 3.54
C CYS A 58 0.37 3.87 2.25
N ALA A 59 -0.32 4.82 1.62
CA ALA A 59 0.07 5.39 0.33
C ALA A 59 1.47 6.01 0.38
N ARG A 60 1.71 6.84 1.40
CA ARG A 60 3.01 7.49 1.63
C ARG A 60 4.11 6.44 1.93
N LEU A 61 3.77 5.49 2.80
CA LEU A 61 4.67 4.41 3.25
C LEU A 61 5.13 3.52 2.07
N LEU A 62 4.24 3.34 1.09
CA LEU A 62 4.55 2.62 -0.16
C LEU A 62 5.39 3.52 -1.10
N THR A 63 5.03 4.82 -1.20
CA THR A 63 5.71 5.78 -2.10
C THR A 63 7.21 5.83 -1.80
N ARG A 64 7.54 6.16 -0.52
CA ARG A 64 8.95 6.26 -0.04
C ARG A 64 9.71 4.92 -0.20
N LEU A 65 8.95 3.82 -0.32
CA LEU A 65 9.51 2.49 -0.56
C LEU A 65 9.85 2.36 -2.05
N ALA A 66 8.89 2.77 -2.90
CA ALA A 66 8.92 2.53 -4.35
C ALA A 66 10.03 3.37 -5.02
N VAL A 67 10.42 4.46 -4.33
CA VAL A 67 11.39 5.44 -4.81
C VAL A 67 12.76 5.29 -4.08
N SER A 68 12.82 4.45 -3.02
CA SER A 68 14.09 4.15 -2.32
C SER A 68 14.85 3.04 -3.09
N PRO A 69 16.23 3.00 -3.02
CA PRO A 69 17.11 2.14 -3.90
C PRO A 69 16.74 0.64 -3.99
N VAL A 70 15.98 0.12 -3.00
CA VAL A 70 15.53 -1.29 -3.01
C VAL A 70 14.49 -1.53 -4.14
N CYS A 71 13.49 -0.63 -4.25
CA CYS A 71 12.44 -0.72 -5.31
C CYS A 71 12.89 0.01 -6.60
N MET A 72 13.69 1.05 -6.42
CA MET A 72 14.13 1.93 -7.51
C MET A 72 15.56 1.55 -7.91
N GLU A 73 15.77 1.13 -9.19
CA GLU A 73 17.11 0.77 -9.69
C GLU A 73 18.04 2.00 -9.63
N ASP A 74 17.47 3.18 -9.92
CA ASP A 74 18.19 4.45 -9.87
C ASP A 74 18.52 4.81 -8.40
N LYS A 75 19.80 5.11 -8.16
CA LYS A 75 20.33 5.52 -6.86
C LYS A 75 19.94 6.98 -6.58
N GLN A 76 19.06 7.19 -5.58
CA GLN A 76 18.54 8.51 -5.22
C GLN A 76 19.47 9.21 -4.19
N GLY A 1 -18.86 2.33 3.52
CA GLY A 1 -19.36 2.20 2.15
C GLY A 1 -19.19 0.78 1.64
N PRO A 2 -18.32 0.53 0.61
CA PRO A 2 -17.90 -0.84 0.24
C PRO A 2 -17.24 -1.56 1.42
N SER A 3 -16.21 -0.93 1.99
CA SER A 3 -15.53 -1.41 3.21
C SER A 3 -16.10 -0.69 4.44
N PRO A 4 -15.91 -1.24 5.68
CA PRO A 4 -15.96 -0.44 6.91
C PRO A 4 -14.65 0.39 7.04
N GLU A 5 -14.74 1.70 6.67
CA GLU A 5 -13.58 2.60 6.58
C GLU A 5 -12.83 2.67 7.93
N GLN A 6 -13.40 3.43 8.88
CA GLN A 6 -12.84 3.57 10.25
C GLN A 6 -13.73 2.87 11.29
N ARG A 7 -14.74 2.12 10.81
CA ARG A 7 -15.68 1.39 11.67
C ARG A 7 -14.97 0.27 12.46
N VAL A 8 -14.26 -0.59 11.71
CA VAL A 8 -13.59 -1.77 12.27
C VAL A 8 -12.47 -2.24 11.31
N GLU A 9 -11.47 -2.95 11.87
CA GLU A 9 -10.36 -3.54 11.10
C GLU A 9 -10.86 -4.60 10.12
N ILE A 10 -11.79 -5.44 10.60
CA ILE A 10 -12.30 -6.59 9.83
C ILE A 10 -13.09 -6.07 8.59
N VAL A 11 -12.66 -6.49 7.38
CA VAL A 11 -13.23 -6.03 6.09
C VAL A 11 -13.49 -7.24 5.17
N PRO A 12 -14.67 -7.29 4.47
CA PRO A 12 -14.96 -8.27 3.38
C PRO A 12 -14.04 -8.08 2.15
N ARG A 13 -14.25 -8.95 1.13
CA ARG A 13 -13.58 -8.87 -0.21
C ARG A 13 -13.57 -7.43 -0.81
N ASP A 14 -14.47 -6.56 -0.32
CA ASP A 14 -14.58 -5.15 -0.72
C ASP A 14 -13.29 -4.33 -0.47
N LEU A 15 -12.30 -4.93 0.23
CA LEU A 15 -10.97 -4.32 0.48
C LEU A 15 -10.20 -4.05 -0.86
N ARG A 16 -10.72 -4.55 -1.99
CA ARG A 16 -10.21 -4.22 -3.34
C ARG A 16 -10.34 -2.71 -3.67
N MET A 17 -11.20 -1.98 -2.92
CA MET A 17 -11.30 -0.50 -3.00
C MET A 17 -9.99 0.16 -2.55
N LYS A 18 -9.30 -0.51 -1.61
CA LYS A 18 -8.07 -0.04 -1.01
C LYS A 18 -6.97 0.06 -2.08
N ASP A 19 -6.66 -1.09 -2.70
CA ASP A 19 -5.60 -1.20 -3.74
C ASP A 19 -5.87 -0.24 -4.91
N LYS A 20 -7.17 -0.18 -5.29
CA LYS A 20 -7.67 0.77 -6.28
C LYS A 20 -7.24 2.21 -5.95
N PHE A 21 -7.55 2.65 -4.72
CA PHE A 21 -7.28 4.02 -4.28
C PHE A 21 -5.78 4.26 -4.07
N LEU A 22 -5.06 3.24 -3.55
CA LEU A 22 -3.64 3.36 -3.17
C LEU A 22 -2.78 3.64 -4.39
N LYS A 23 -2.77 2.70 -5.36
CA LYS A 23 -1.91 2.82 -6.56
C LYS A 23 -2.29 4.05 -7.41
N HIS A 24 -3.55 4.49 -7.28
CA HIS A 24 -4.05 5.71 -7.96
C HIS A 24 -3.48 6.97 -7.25
N LEU A 25 -3.49 6.95 -5.91
CA LEU A 25 -3.02 8.06 -5.05
C LEU A 25 -1.49 8.26 -5.15
N THR A 26 -0.79 7.17 -5.46
CA THR A 26 0.67 7.11 -5.43
C THR A 26 1.28 7.25 -6.83
N GLY A 27 0.60 6.69 -7.83
CA GLY A 27 1.16 6.53 -9.19
C GLY A 27 1.78 5.13 -9.38
N PRO A 28 2.72 4.94 -10.37
CA PRO A 28 3.35 3.63 -10.63
C PRO A 28 4.36 3.21 -9.51
N LEU A 29 3.97 2.19 -8.73
CA LEU A 29 4.80 1.66 -7.62
C LEU A 29 5.38 0.28 -7.97
N TYR A 30 5.30 -0.13 -9.26
CA TYR A 30 5.53 -1.53 -9.73
C TYR A 30 6.87 -2.20 -9.28
N PHE A 31 7.80 -1.40 -8.69
CA PHE A 31 8.97 -1.88 -7.91
C PHE A 31 9.87 -2.93 -8.63
N SER A 32 10.64 -3.71 -7.83
CA SER A 32 11.59 -4.75 -8.34
C SER A 32 11.39 -6.08 -7.56
N PRO A 33 11.95 -7.24 -8.04
CA PRO A 33 12.08 -8.50 -7.23
C PRO A 33 12.74 -8.31 -5.85
N LYS A 34 13.55 -7.24 -5.71
CA LYS A 34 14.15 -6.85 -4.41
C LYS A 34 13.06 -6.25 -3.50
N CYS A 35 12.18 -5.44 -4.09
CA CYS A 35 11.11 -4.74 -3.37
C CYS A 35 9.78 -5.48 -3.37
N SER A 36 9.71 -6.65 -4.03
CA SER A 36 8.49 -7.49 -4.00
C SER A 36 8.15 -7.88 -2.55
N LYS A 37 9.14 -8.47 -1.88
CA LYS A 37 9.07 -8.90 -0.48
C LYS A 37 8.79 -7.69 0.45
N HIS A 38 9.55 -6.59 0.22
CA HIS A 38 9.42 -5.35 0.99
C HIS A 38 7.99 -4.76 0.90
N PHE A 39 7.41 -4.82 -0.31
CA PHE A 39 6.04 -4.35 -0.57
C PHE A 39 5.03 -5.23 0.15
N HIS A 40 5.27 -6.55 0.13
CA HIS A 40 4.34 -7.53 0.70
C HIS A 40 4.21 -7.38 2.22
N ARG A 41 5.31 -7.00 2.91
CA ARG A 41 5.23 -6.70 4.36
C ARG A 41 4.63 -5.30 4.61
N LEU A 42 4.98 -4.31 3.77
CA LEU A 42 4.44 -2.95 3.90
C LEU A 42 2.97 -2.87 3.42
N TYR A 43 2.46 -3.95 2.81
CA TYR A 43 1.07 -4.03 2.34
C TYR A 43 0.21 -4.92 3.26
N HIS A 44 0.76 -6.06 3.70
CA HIS A 44 -0.03 -7.09 4.44
C HIS A 44 0.25 -7.09 5.96
N ASN A 45 1.45 -6.65 6.38
CA ASN A 45 1.88 -6.70 7.81
C ASN A 45 1.55 -5.37 8.52
N THR A 46 1.46 -4.27 7.76
CA THR A 46 1.14 -2.95 8.30
C THR A 46 -0.38 -2.80 8.51
N ARG A 47 -0.78 -2.20 9.66
CA ARG A 47 -2.20 -1.84 9.92
C ARG A 47 -2.70 -0.82 8.89
N ASP A 48 -1.74 -0.06 8.35
CA ASP A 48 -2.00 1.01 7.39
C ASP A 48 -2.66 0.48 6.12
N CYS A 49 -2.06 -0.57 5.55
CA CYS A 49 -2.45 -1.09 4.24
C CYS A 49 -3.48 -2.22 4.34
N THR A 50 -3.64 -2.80 5.53
CA THR A 50 -4.73 -3.76 5.79
C THR A 50 -6.07 -3.01 5.98
N ILE A 51 -6.08 -2.06 6.93
CA ILE A 51 -7.28 -1.30 7.32
C ILE A 51 -7.50 -0.12 6.34
N PRO A 52 -8.71 -0.01 5.68
CA PRO A 52 -8.99 1.01 4.63
C PRO A 52 -9.02 2.46 5.19
N ALA A 53 -9.08 2.57 6.52
CA ALA A 53 -9.01 3.85 7.23
C ALA A 53 -7.71 4.63 6.93
N TYR A 54 -6.60 3.91 6.99
CA TYR A 54 -5.25 4.49 6.89
C TYR A 54 -4.75 4.50 5.44
N TYR A 55 -5.66 4.80 4.49
CA TYR A 55 -5.35 4.80 3.05
C TYR A 55 -4.21 5.78 2.71
N LYS A 56 -4.20 6.94 3.39
CA LYS A 56 -3.24 8.01 3.11
C LYS A 56 -1.84 7.66 3.62
N ARG A 57 -1.76 7.16 4.86
CA ARG A 57 -0.48 6.82 5.51
C ARG A 57 0.12 5.58 4.84
N CYS A 58 -0.75 4.62 4.48
CA CYS A 58 -0.38 3.41 3.72
C CYS A 58 0.23 3.75 2.38
N ALA A 59 -0.49 4.58 1.62
CA ALA A 59 -0.12 4.95 0.27
C ALA A 59 1.25 5.65 0.25
N ARG A 60 1.42 6.62 1.18
CA ARG A 60 2.70 7.34 1.35
C ARG A 60 3.82 6.35 1.72
N LEU A 61 3.51 5.40 2.62
CA LEU A 61 4.43 4.35 3.09
C LEU A 61 4.89 3.42 1.95
N LEU A 62 4.00 3.15 0.99
CA LEU A 62 4.32 2.37 -0.21
C LEU A 62 5.21 3.21 -1.16
N THR A 63 4.82 4.50 -1.34
CA THR A 63 5.52 5.43 -2.25
C THR A 63 7.00 5.55 -1.88
N ARG A 64 7.27 5.87 -0.59
CA ARG A 64 8.65 6.06 -0.08
C ARG A 64 9.51 4.79 -0.17
N LEU A 65 8.86 3.63 -0.42
CA LEU A 65 9.55 2.37 -0.72
C LEU A 65 9.89 2.35 -2.22
N ALA A 66 8.89 2.67 -3.05
CA ALA A 66 8.96 2.48 -4.51
C ALA A 66 9.85 3.54 -5.17
N VAL A 67 10.03 4.67 -4.48
CA VAL A 67 10.82 5.81 -4.98
C VAL A 67 12.25 5.80 -4.39
N SER A 68 12.45 5.08 -3.27
CA SER A 68 13.78 4.93 -2.64
C SER A 68 14.66 3.98 -3.49
N PRO A 69 16.03 4.19 -3.53
CA PRO A 69 16.98 3.43 -4.40
C PRO A 69 16.84 1.88 -4.43
N VAL A 70 16.20 1.28 -3.40
CA VAL A 70 15.94 -0.18 -3.36
C VAL A 70 15.01 -0.62 -4.52
N CYS A 71 14.06 0.24 -4.89
CA CYS A 71 13.05 -0.04 -5.93
C CYS A 71 13.28 0.85 -7.17
N MET A 72 13.99 1.97 -6.97
CA MET A 72 14.21 2.99 -8.02
C MET A 72 15.40 2.58 -8.91
N GLU A 73 15.16 2.42 -10.23
CA GLU A 73 16.21 2.09 -11.22
C GLU A 73 17.23 3.24 -11.37
N ASP A 74 16.78 4.47 -11.06
CA ASP A 74 17.64 5.67 -10.98
C ASP A 74 18.23 5.76 -9.55
N LYS A 75 18.98 4.72 -9.16
CA LYS A 75 19.63 4.62 -7.84
C LYS A 75 21.11 5.07 -7.91
N GLN A 76 21.74 5.21 -6.72
CA GLN A 76 23.13 5.67 -6.58
C GLN A 76 24.12 4.49 -6.82
N GLY A 1 -21.39 0.84 2.05
CA GLY A 1 -19.94 1.01 2.22
C GLY A 1 -19.19 -0.31 2.08
N PRO A 2 -18.32 -0.51 1.02
CA PRO A 2 -17.44 -1.70 0.92
C PRO A 2 -16.51 -1.89 2.14
N SER A 3 -15.73 -0.85 2.45
CA SER A 3 -14.84 -0.81 3.62
C SER A 3 -15.52 -0.02 4.78
N PRO A 4 -15.84 -0.66 5.96
CA PRO A 4 -16.34 0.05 7.16
C PRO A 4 -15.18 0.65 7.98
N GLU A 5 -14.54 1.67 7.39
CA GLU A 5 -13.30 2.28 7.89
C GLU A 5 -13.47 2.88 9.31
N GLN A 6 -14.16 4.01 9.41
CA GLN A 6 -14.37 4.72 10.70
C GLN A 6 -15.55 4.07 11.46
N ARG A 7 -15.30 2.82 11.92
CA ARG A 7 -16.32 1.94 12.50
C ARG A 7 -15.65 0.66 13.02
N VAL A 8 -14.84 0.02 12.17
CA VAL A 8 -14.14 -1.24 12.50
C VAL A 8 -12.79 -1.31 11.75
N GLU A 9 -11.87 -2.12 12.27
CA GLU A 9 -10.52 -2.30 11.69
C GLU A 9 -10.53 -3.30 10.52
N ILE A 10 -11.64 -4.07 10.39
CA ILE A 10 -11.77 -5.11 9.36
C ILE A 10 -12.36 -4.55 8.07
N VAL A 11 -12.24 -5.33 7.02
CA VAL A 11 -12.81 -5.03 5.70
C VAL A 11 -13.02 -6.37 4.95
N PRO A 12 -14.18 -6.56 4.25
CA PRO A 12 -14.39 -7.73 3.35
C PRO A 12 -13.41 -7.75 2.17
N ARG A 13 -13.49 -8.82 1.37
CA ARG A 13 -12.71 -9.00 0.11
C ARG A 13 -12.82 -7.79 -0.85
N ASP A 14 -13.83 -6.91 -0.65
CA ASP A 14 -14.04 -5.66 -1.41
C ASP A 14 -12.87 -4.66 -1.28
N LEU A 15 -11.86 -4.97 -0.44
CA LEU A 15 -10.64 -4.15 -0.23
C LEU A 15 -9.85 -3.80 -1.54
N ARG A 16 -10.20 -4.47 -2.67
CA ARG A 16 -9.61 -4.15 -4.01
C ARG A 16 -9.98 -2.71 -4.43
N MET A 17 -11.11 -2.18 -3.91
CA MET A 17 -11.47 -0.76 -4.09
C MET A 17 -10.36 0.15 -3.57
N LYS A 18 -9.72 -0.26 -2.44
CA LYS A 18 -8.62 0.48 -1.83
C LYS A 18 -7.31 0.21 -2.56
N ASP A 19 -7.05 -1.04 -2.95
CA ASP A 19 -5.82 -1.40 -3.70
C ASP A 19 -5.67 -0.49 -4.95
N LYS A 20 -6.73 -0.45 -5.75
CA LYS A 20 -6.79 0.38 -6.98
C LYS A 20 -6.76 1.89 -6.65
N PHE A 21 -7.39 2.26 -5.51
CA PHE A 21 -7.44 3.66 -5.03
C PHE A 21 -6.03 4.15 -4.63
N LEU A 22 -5.28 3.30 -3.94
CA LEU A 22 -3.97 3.63 -3.35
C LEU A 22 -2.92 3.76 -4.46
N LYS A 23 -2.89 2.77 -5.37
CA LYS A 23 -1.98 2.79 -6.54
C LYS A 23 -2.27 4.00 -7.46
N HIS A 24 -3.56 4.39 -7.54
CA HIS A 24 -3.98 5.59 -8.30
C HIS A 24 -3.54 6.87 -7.57
N LEU A 25 -3.68 6.84 -6.24
CA LEU A 25 -3.39 7.97 -5.33
C LEU A 25 -1.90 8.34 -5.35
N THR A 26 -1.06 7.32 -5.53
CA THR A 26 0.38 7.43 -5.38
C THR A 26 1.10 7.62 -6.73
N GLY A 27 0.60 6.93 -7.76
CA GLY A 27 1.30 6.79 -9.04
C GLY A 27 1.88 5.38 -9.22
N PRO A 28 2.80 5.15 -10.21
CA PRO A 28 3.34 3.81 -10.52
C PRO A 28 4.29 3.26 -9.41
N LEU A 29 3.82 2.24 -8.68
CA LEU A 29 4.58 1.62 -7.56
C LEU A 29 5.11 0.22 -7.95
N TYR A 30 5.11 -0.09 -9.27
CA TYR A 30 5.40 -1.44 -9.85
C TYR A 30 6.74 -2.09 -9.39
N PHE A 31 7.61 -1.31 -8.68
CA PHE A 31 8.82 -1.80 -7.94
C PHE A 31 9.77 -2.71 -8.77
N SER A 32 10.66 -3.41 -8.04
CA SER A 32 11.55 -4.46 -8.58
C SER A 32 11.28 -5.79 -7.83
N PRO A 33 11.67 -6.98 -8.40
CA PRO A 33 11.67 -8.27 -7.64
C PRO A 33 12.56 -8.20 -6.37
N LYS A 34 13.59 -7.32 -6.41
CA LYS A 34 14.47 -6.98 -5.25
C LYS A 34 13.70 -6.23 -4.13
N CYS A 35 12.52 -5.69 -4.48
CA CYS A 35 11.71 -4.86 -3.57
C CYS A 35 10.36 -5.48 -3.25
N SER A 36 9.94 -6.46 -4.07
CA SER A 36 8.61 -7.10 -3.97
C SER A 36 8.33 -7.65 -2.55
N LYS A 37 9.39 -8.11 -1.88
CA LYS A 37 9.34 -8.64 -0.50
C LYS A 37 8.94 -7.52 0.48
N HIS A 38 9.56 -6.33 0.30
CA HIS A 38 9.28 -5.14 1.13
C HIS A 38 7.87 -4.55 0.86
N PHE A 39 7.42 -4.59 -0.42
CA PHE A 39 6.09 -4.08 -0.81
C PHE A 39 4.99 -4.91 -0.15
N HIS A 40 5.16 -6.24 -0.23
CA HIS A 40 4.23 -7.18 0.40
C HIS A 40 4.33 -7.09 1.93
N ARG A 41 5.55 -6.84 2.45
CA ARG A 41 5.80 -6.72 3.90
C ARG A 41 4.98 -5.55 4.49
N LEU A 42 5.14 -4.36 3.90
CA LEU A 42 4.43 -3.16 4.36
C LEU A 42 2.90 -3.32 4.18
N TYR A 43 2.47 -3.74 2.97
CA TYR A 43 1.04 -3.80 2.62
C TYR A 43 0.26 -4.87 3.45
N HIS A 44 0.95 -5.96 3.85
CA HIS A 44 0.29 -7.06 4.58
C HIS A 44 0.45 -6.95 6.11
N ASN A 45 1.59 -6.41 6.58
CA ASN A 45 1.95 -6.47 8.02
C ASN A 45 1.47 -5.23 8.78
N THR A 46 1.55 -4.04 8.15
CA THR A 46 1.22 -2.78 8.82
C THR A 46 -0.29 -2.63 8.94
N ARG A 47 -0.73 -2.08 10.09
CA ARG A 47 -2.15 -1.81 10.36
C ARG A 47 -2.67 -0.70 9.42
N ASP A 48 -1.74 0.05 8.84
CA ASP A 48 -2.01 1.19 7.98
C ASP A 48 -2.60 0.74 6.63
N CYS A 49 -2.15 -0.43 6.15
CA CYS A 49 -2.60 -1.00 4.86
C CYS A 49 -3.69 -2.06 5.03
N THR A 50 -3.65 -2.80 6.17
CA THR A 50 -4.67 -3.82 6.48
C THR A 50 -6.03 -3.15 6.78
N ILE A 51 -5.96 -2.02 7.49
CA ILE A 51 -7.12 -1.22 7.86
C ILE A 51 -7.25 -0.08 6.85
N PRO A 52 -8.33 -0.09 5.99
CA PRO A 52 -8.52 0.89 4.89
C PRO A 52 -8.70 2.34 5.39
N ALA A 53 -8.94 2.50 6.70
CA ALA A 53 -9.07 3.81 7.37
C ALA A 53 -7.78 4.64 7.25
N TYR A 54 -6.65 3.94 7.33
CA TYR A 54 -5.31 4.54 7.27
C TYR A 54 -4.76 4.53 5.83
N TYR A 55 -5.68 4.66 4.84
CA TYR A 55 -5.34 4.68 3.40
C TYR A 55 -4.29 5.76 3.05
N LYS A 56 -4.37 6.91 3.76
CA LYS A 56 -3.39 8.01 3.63
C LYS A 56 -1.98 7.53 3.96
N ARG A 57 -1.86 6.88 5.13
CA ARG A 57 -0.59 6.35 5.65
C ARG A 57 -0.03 5.30 4.70
N CYS A 58 -0.88 4.33 4.33
CA CYS A 58 -0.51 3.20 3.46
C CYS A 58 -0.02 3.67 2.10
N ALA A 59 -0.70 4.68 1.55
CA ALA A 59 -0.36 5.26 0.24
C ALA A 59 1.06 5.88 0.30
N ARG A 60 1.28 6.75 1.29
CA ARG A 60 2.57 7.41 1.52
C ARG A 60 3.69 6.39 1.79
N LEU A 61 3.34 5.35 2.57
CA LEU A 61 4.27 4.32 3.06
C LEU A 61 4.76 3.40 1.92
N LEU A 62 3.86 3.13 0.96
CA LEU A 62 4.21 2.39 -0.26
C LEU A 62 5.05 3.28 -1.20
N THR A 63 4.66 4.56 -1.35
CA THR A 63 5.34 5.51 -2.26
C THR A 63 6.83 5.65 -1.92
N ARG A 64 7.11 6.02 -0.65
CA ARG A 64 8.49 6.20 -0.15
C ARG A 64 9.32 4.90 -0.25
N LEU A 65 8.64 3.75 -0.44
CA LEU A 65 9.27 2.46 -0.65
C LEU A 65 9.55 2.26 -2.16
N ALA A 66 8.56 2.63 -2.98
CA ALA A 66 8.55 2.32 -4.42
C ALA A 66 9.48 3.26 -5.18
N VAL A 67 9.87 4.37 -4.53
CA VAL A 67 10.79 5.36 -5.08
C VAL A 67 12.18 5.29 -4.39
N SER A 68 12.29 4.52 -3.28
CA SER A 68 13.58 4.31 -2.57
C SER A 68 14.47 3.29 -3.33
N PRO A 69 15.84 3.36 -3.19
CA PRO A 69 16.82 2.45 -3.84
C PRO A 69 16.41 0.96 -3.96
N VAL A 70 15.73 0.43 -2.92
CA VAL A 70 15.32 -0.99 -2.88
C VAL A 70 14.36 -1.34 -4.03
N CYS A 71 13.48 -0.40 -4.41
CA CYS A 71 12.56 -0.55 -5.55
C CYS A 71 13.11 0.08 -6.84
N MET A 72 14.04 1.04 -6.70
CA MET A 72 14.40 1.96 -7.81
C MET A 72 15.83 1.70 -8.36
N GLU A 73 16.83 1.73 -7.48
CA GLU A 73 18.26 1.73 -7.85
C GLU A 73 18.84 0.31 -7.93
N ASP A 74 20.11 0.22 -8.38
CA ASP A 74 20.89 -1.04 -8.47
C ASP A 74 21.21 -1.58 -7.07
N LYS A 75 21.41 -0.65 -6.11
CA LYS A 75 21.68 -0.94 -4.70
C LYS A 75 20.37 -0.86 -3.89
N GLN A 76 20.14 -1.85 -3.00
CA GLN A 76 18.90 -1.96 -2.20
C GLN A 76 19.16 -1.51 -0.74
N GLY A 1 -19.39 -4.68 -0.96
CA GLY A 1 -19.51 -3.44 -0.17
C GLY A 1 -18.15 -2.83 0.08
N PRO A 2 -17.95 -1.49 -0.20
CA PRO A 2 -16.60 -0.84 -0.11
C PRO A 2 -16.02 -0.87 1.31
N SER A 3 -14.72 -0.52 1.42
CA SER A 3 -13.93 -0.63 2.66
C SER A 3 -14.52 0.25 3.80
N PRO A 4 -15.03 -0.39 4.91
CA PRO A 4 -15.52 0.34 6.10
C PRO A 4 -14.33 0.86 6.94
N GLU A 5 -13.84 2.05 6.54
CA GLU A 5 -12.59 2.64 7.04
C GLU A 5 -12.65 2.90 8.56
N GLN A 6 -13.56 3.78 8.98
CA GLN A 6 -13.72 4.17 10.39
C GLN A 6 -14.83 3.32 11.06
N ARG A 7 -15.61 2.60 10.26
CA ARG A 7 -16.83 1.91 10.71
C ARG A 7 -16.52 0.67 11.58
N VAL A 8 -15.75 -0.28 11.05
CA VAL A 8 -15.45 -1.56 11.73
C VAL A 8 -14.05 -2.08 11.34
N GLU A 9 -13.46 -2.90 12.24
CA GLU A 9 -12.14 -3.54 12.03
C GLU A 9 -12.13 -4.42 10.76
N ILE A 10 -13.26 -5.13 10.54
CA ILE A 10 -13.39 -6.12 9.47
C ILE A 10 -13.58 -5.43 8.11
N VAL A 11 -13.25 -6.15 7.05
CA VAL A 11 -13.48 -5.70 5.66
C VAL A 11 -13.52 -6.95 4.75
N PRO A 12 -14.53 -7.07 3.82
CA PRO A 12 -14.57 -8.18 2.82
C PRO A 12 -13.44 -8.05 1.77
N ARG A 13 -13.32 -9.06 0.87
CA ARG A 13 -12.29 -9.07 -0.22
C ARG A 13 -12.50 -7.90 -1.21
N ASP A 14 -13.67 -7.22 -1.09
CA ASP A 14 -14.00 -6.01 -1.84
C ASP A 14 -13.12 -4.81 -1.40
N LEU A 15 -12.18 -5.06 -0.44
CA LEU A 15 -11.05 -4.16 -0.08
C LEU A 15 -10.20 -3.80 -1.34
N ARG A 16 -10.33 -4.62 -2.41
CA ARG A 16 -9.75 -4.35 -3.75
C ARG A 16 -10.16 -2.97 -4.30
N MET A 17 -11.32 -2.42 -3.85
CA MET A 17 -11.73 -1.03 -4.19
C MET A 17 -10.65 -0.04 -3.72
N LYS A 18 -10.10 -0.33 -2.53
CA LYS A 18 -9.10 0.52 -1.87
C LYS A 18 -7.75 0.34 -2.54
N ASP A 19 -7.35 -0.92 -2.78
CA ASP A 19 -6.05 -1.24 -3.43
C ASP A 19 -5.91 -0.53 -4.79
N LYS A 20 -7.04 -0.54 -5.54
CA LYS A 20 -7.16 0.12 -6.84
C LYS A 20 -7.06 1.66 -6.67
N PHE A 21 -7.71 2.17 -5.61
CA PHE A 21 -7.69 3.61 -5.27
C PHE A 21 -6.27 4.07 -4.85
N LEU A 22 -5.55 3.16 -4.16
CA LEU A 22 -4.21 3.43 -3.61
C LEU A 22 -3.21 3.54 -4.77
N LYS A 23 -3.33 2.63 -5.76
CA LYS A 23 -2.50 2.64 -6.99
C LYS A 23 -2.62 4.02 -7.70
N HIS A 24 -3.85 4.57 -7.71
CA HIS A 24 -4.11 5.87 -8.35
C HIS A 24 -3.59 7.03 -7.49
N LEU A 25 -3.77 6.89 -6.16
CA LEU A 25 -3.37 7.91 -5.15
C LEU A 25 -1.84 8.09 -5.10
N THR A 26 -1.13 7.01 -5.43
CA THR A 26 0.34 6.96 -5.34
C THR A 26 1.02 7.18 -6.70
N GLY A 27 0.35 6.73 -7.78
CA GLY A 27 0.94 6.67 -9.11
C GLY A 27 1.67 5.33 -9.35
N PRO A 28 2.68 5.27 -10.27
CA PRO A 28 3.43 4.02 -10.55
C PRO A 28 4.34 3.61 -9.36
N LEU A 29 3.96 2.52 -8.67
CA LEU A 29 4.74 1.94 -7.55
C LEU A 29 5.41 0.61 -7.96
N TYR A 30 5.47 0.33 -9.28
CA TYR A 30 5.77 -1.01 -9.87
C TYR A 30 7.07 -1.69 -9.32
N PHE A 31 7.91 -0.93 -8.58
CA PHE A 31 9.03 -1.43 -7.73
C PHE A 31 10.00 -2.41 -8.45
N SER A 32 10.76 -3.19 -7.66
CA SER A 32 11.71 -4.22 -8.15
C SER A 32 11.33 -5.62 -7.58
N PRO A 33 11.77 -6.74 -8.23
CA PRO A 33 11.69 -8.12 -7.66
C PRO A 33 12.18 -8.25 -6.18
N LYS A 34 13.11 -7.37 -5.75
CA LYS A 34 13.52 -7.26 -4.33
C LYS A 34 12.38 -6.65 -3.49
N CYS A 35 11.86 -5.52 -3.99
CA CYS A 35 10.80 -4.76 -3.32
C CYS A 35 9.40 -5.37 -3.51
N SER A 36 9.27 -6.50 -4.21
CA SER A 36 8.00 -7.27 -4.18
C SER A 36 7.74 -7.77 -2.74
N LYS A 37 8.84 -8.16 -2.07
CA LYS A 37 8.82 -8.67 -0.69
C LYS A 37 8.59 -7.53 0.31
N HIS A 38 9.24 -6.37 0.07
CA HIS A 38 9.13 -5.20 0.96
C HIS A 38 7.75 -4.53 0.83
N PHE A 39 7.24 -4.45 -0.41
CA PHE A 39 5.92 -3.83 -0.72
C PHE A 39 4.79 -4.69 -0.15
N HIS A 40 4.90 -6.02 -0.36
CA HIS A 40 3.88 -6.98 0.13
C HIS A 40 3.91 -7.07 1.66
N ARG A 41 5.13 -6.97 2.25
CA ARG A 41 5.32 -6.93 3.70
C ARG A 41 4.61 -5.71 4.30
N LEU A 42 4.95 -4.52 3.79
CA LEU A 42 4.35 -3.25 4.25
C LEU A 42 2.83 -3.23 4.00
N TYR A 43 2.38 -3.89 2.93
CA TYR A 43 0.95 -3.92 2.56
C TYR A 43 0.16 -4.95 3.43
N HIS A 44 0.84 -5.98 3.95
CA HIS A 44 0.17 -7.05 4.73
C HIS A 44 0.34 -6.88 6.27
N ASN A 45 1.45 -6.28 6.69
CA ASN A 45 1.89 -6.29 8.11
C ASN A 45 1.39 -5.05 8.86
N THR A 46 1.53 -3.88 8.23
CA THR A 46 1.43 -2.59 8.94
C THR A 46 -0.03 -2.22 9.22
N ARG A 47 -0.25 -1.53 10.35
CA ARG A 47 -1.58 -1.03 10.78
C ARG A 47 -2.13 0.02 9.79
N ASP A 48 -1.26 0.51 8.91
CA ASP A 48 -1.60 1.48 7.85
C ASP A 48 -2.42 0.80 6.75
N CYS A 49 -1.93 -0.36 6.28
CA CYS A 49 -2.49 -1.07 5.11
C CYS A 49 -3.55 -2.13 5.49
N THR A 50 -3.41 -2.73 6.69
CA THR A 50 -4.38 -3.73 7.19
C THR A 50 -5.73 -3.06 7.46
N ILE A 51 -5.66 -1.87 8.10
CA ILE A 51 -6.82 -1.08 8.49
C ILE A 51 -7.11 -0.06 7.36
N PRO A 52 -8.30 -0.15 6.67
CA PRO A 52 -8.67 0.75 5.54
C PRO A 52 -8.80 2.24 5.95
N ALA A 53 -8.83 2.51 7.27
CA ALA A 53 -8.85 3.87 7.84
C ALA A 53 -7.57 4.64 7.48
N TYR A 54 -6.42 3.99 7.64
CA TYR A 54 -5.10 4.61 7.46
C TYR A 54 -4.57 4.38 6.03
N TYR A 55 -5.49 4.44 5.06
CA TYR A 55 -5.19 4.14 3.66
C TYR A 55 -4.20 5.14 3.01
N LYS A 56 -4.28 6.42 3.42
CA LYS A 56 -3.33 7.46 2.95
C LYS A 56 -1.94 7.25 3.57
N ARG A 57 -1.93 6.73 4.80
CA ARG A 57 -0.68 6.38 5.51
C ARG A 57 -0.02 5.18 4.81
N CYS A 58 -0.86 4.21 4.40
CA CYS A 58 -0.43 3.04 3.61
C CYS A 58 0.13 3.47 2.27
N ALA A 59 -0.63 4.36 1.60
CA ALA A 59 -0.31 4.87 0.27
C ALA A 59 1.05 5.57 0.28
N ARG A 60 1.24 6.45 1.28
CA ARG A 60 2.49 7.18 1.49
C ARG A 60 3.65 6.21 1.77
N LEU A 61 3.40 5.25 2.67
CA LEU A 61 4.40 4.26 3.13
C LEU A 61 4.89 3.34 1.98
N LEU A 62 4.00 3.05 1.03
CA LEU A 62 4.32 2.29 -0.18
C LEU A 62 5.18 3.17 -1.13
N THR A 63 4.73 4.43 -1.35
CA THR A 63 5.41 5.39 -2.25
C THR A 63 6.88 5.60 -1.85
N ARG A 64 7.09 5.97 -0.56
CA ARG A 64 8.44 6.26 -0.01
C ARG A 64 9.36 5.02 -0.05
N LEU A 65 8.76 3.83 -0.26
CA LEU A 65 9.49 2.59 -0.47
C LEU A 65 9.82 2.44 -1.97
N ALA A 66 8.81 2.68 -2.83
CA ALA A 66 8.87 2.36 -4.27
C ALA A 66 9.81 3.33 -5.03
N VAL A 67 10.08 4.49 -4.39
CA VAL A 67 10.93 5.55 -4.96
C VAL A 67 12.35 5.53 -4.35
N SER A 68 12.63 4.58 -3.44
CA SER A 68 13.96 4.43 -2.81
C SER A 68 14.82 3.40 -3.63
N PRO A 69 16.21 3.46 -3.55
CA PRO A 69 17.14 2.68 -4.44
C PRO A 69 17.03 1.12 -4.34
N VAL A 70 16.28 0.59 -3.35
CA VAL A 70 16.02 -0.86 -3.28
C VAL A 70 15.00 -1.25 -4.37
N CYS A 71 14.00 -0.38 -4.57
CA CYS A 71 12.87 -0.61 -5.49
C CYS A 71 13.16 -0.02 -6.87
N MET A 72 13.95 1.06 -6.91
CA MET A 72 14.33 1.75 -8.15
C MET A 72 15.72 1.28 -8.56
N GLU A 73 15.94 1.14 -9.88
CA GLU A 73 17.22 0.73 -10.46
C GLU A 73 18.27 1.85 -10.33
N ASP A 74 17.79 3.10 -10.35
CA ASP A 74 18.61 4.30 -10.10
C ASP A 74 18.70 4.57 -8.58
N LYS A 75 19.88 5.06 -8.15
CA LYS A 75 20.16 5.37 -6.73
C LYS A 75 19.73 6.80 -6.42
N GLN A 76 19.48 7.09 -5.13
CA GLN A 76 19.19 8.45 -4.62
C GLN A 76 19.47 8.52 -3.10
N GLY A 1 -18.59 4.83 1.42
CA GLY A 1 -17.36 4.06 1.15
C GLY A 1 -17.65 2.60 0.79
N PRO A 2 -16.66 1.85 0.19
CA PRO A 2 -16.83 0.40 -0.12
C PRO A 2 -16.74 -0.47 1.15
N SER A 3 -15.97 0.04 2.11
CA SER A 3 -15.68 -0.59 3.40
C SER A 3 -16.58 -0.01 4.50
N PRO A 4 -16.62 -0.64 5.73
CA PRO A 4 -17.14 0.02 6.95
C PRO A 4 -16.37 1.32 7.23
N GLU A 5 -17.08 2.47 7.15
CA GLU A 5 -16.49 3.82 7.28
C GLU A 5 -15.93 4.02 8.72
N GLN A 6 -16.84 4.17 9.69
CA GLN A 6 -16.49 4.30 11.12
C GLN A 6 -17.30 3.24 11.89
N ARG A 7 -16.81 1.99 11.82
CA ARG A 7 -17.52 0.82 12.36
C ARG A 7 -16.52 -0.22 12.87
N VAL A 8 -15.69 -0.75 11.97
CA VAL A 8 -14.68 -1.78 12.31
C VAL A 8 -13.55 -1.75 11.27
N GLU A 9 -12.34 -2.16 11.71
CA GLU A 9 -11.13 -2.16 10.87
C GLU A 9 -11.16 -3.33 9.87
N ILE A 10 -11.84 -4.43 10.25
CA ILE A 10 -11.95 -5.63 9.42
C ILE A 10 -12.93 -5.34 8.26
N VAL A 11 -12.52 -5.71 7.05
CA VAL A 11 -13.26 -5.42 5.81
C VAL A 11 -13.27 -6.70 4.95
N PRO A 12 -14.36 -6.97 4.16
CA PRO A 12 -14.36 -8.05 3.14
C PRO A 12 -13.17 -8.03 2.15
N ARG A 13 -13.16 -9.06 1.29
CA ARG A 13 -12.20 -9.23 0.16
C ARG A 13 -12.11 -7.99 -0.78
N ASP A 14 -13.07 -7.07 -0.63
CA ASP A 14 -13.13 -5.77 -1.33
C ASP A 14 -11.99 -4.81 -0.94
N LEU A 15 -11.03 -5.26 -0.10
CA LEU A 15 -9.71 -4.60 0.07
C LEU A 15 -8.86 -4.66 -1.23
N ARG A 16 -9.35 -5.41 -2.23
CA ARG A 16 -8.90 -5.29 -3.63
C ARG A 16 -9.05 -3.83 -4.13
N MET A 17 -10.09 -3.12 -3.62
CA MET A 17 -10.31 -1.68 -3.87
C MET A 17 -9.13 -0.87 -3.32
N LYS A 18 -8.68 -1.26 -2.11
CA LYS A 18 -7.67 -0.52 -1.32
C LYS A 18 -6.38 -0.31 -2.15
N ASP A 19 -5.84 -1.41 -2.74
CA ASP A 19 -4.59 -1.37 -3.54
C ASP A 19 -4.72 -0.45 -4.78
N LYS A 20 -5.92 -0.42 -5.38
CA LYS A 20 -6.20 0.41 -6.58
C LYS A 20 -6.26 1.90 -6.20
N PHE A 21 -6.95 2.19 -5.08
CA PHE A 21 -7.09 3.56 -4.56
C PHE A 21 -5.71 4.14 -4.21
N LEU A 22 -4.88 3.30 -3.57
CA LEU A 22 -3.48 3.60 -3.24
C LEU A 22 -2.71 3.93 -4.51
N LYS A 23 -2.80 3.04 -5.49
CA LYS A 23 -2.04 3.12 -6.75
C LYS A 23 -2.36 4.45 -7.48
N HIS A 24 -3.61 4.91 -7.35
CA HIS A 24 -4.08 6.20 -7.88
C HIS A 24 -3.61 7.39 -7.02
N LEU A 25 -3.56 7.17 -5.70
CA LEU A 25 -3.20 8.21 -4.71
C LEU A 25 -1.67 8.44 -4.67
N THR A 26 -0.91 7.43 -5.12
CA THR A 26 0.55 7.39 -4.96
C THR A 26 1.29 7.58 -6.30
N GLY A 27 0.76 6.97 -7.36
CA GLY A 27 1.46 6.87 -8.64
C GLY A 27 2.03 5.46 -8.85
N PRO A 28 3.10 5.28 -9.70
CA PRO A 28 3.65 3.95 -10.00
C PRO A 28 4.43 3.34 -8.81
N LEU A 29 3.82 2.34 -8.16
CA LEU A 29 4.43 1.60 -7.02
C LEU A 29 4.94 0.22 -7.50
N TYR A 30 5.11 0.10 -8.82
CA TYR A 30 5.24 -1.18 -9.57
C TYR A 30 6.18 -2.22 -8.94
N PHE A 31 7.20 -1.75 -8.16
CA PHE A 31 8.20 -2.58 -7.40
C PHE A 31 8.94 -3.65 -8.24
N SER A 32 10.25 -3.71 -8.09
CA SER A 32 11.09 -4.71 -8.74
C SER A 32 11.13 -6.02 -7.89
N PRO A 33 11.57 -7.20 -8.45
CA PRO A 33 11.57 -8.53 -7.76
C PRO A 33 12.07 -8.54 -6.28
N LYS A 34 13.22 -7.92 -6.02
CA LYS A 34 13.81 -7.85 -4.64
C LYS A 34 12.96 -6.96 -3.71
N CYS A 35 12.29 -5.98 -4.31
CA CYS A 35 11.51 -4.97 -3.59
C CYS A 35 10.07 -5.40 -3.35
N SER A 36 9.60 -6.42 -4.12
CA SER A 36 8.22 -6.95 -3.99
C SER A 36 7.94 -7.43 -2.55
N LYS A 37 8.97 -8.03 -1.95
CA LYS A 37 8.92 -8.60 -0.59
C LYS A 37 8.72 -7.49 0.45
N HIS A 38 9.40 -6.36 0.19
CA HIS A 38 9.34 -5.16 1.04
C HIS A 38 7.96 -4.48 0.95
N PHE A 39 7.41 -4.46 -0.27
CA PHE A 39 6.04 -3.97 -0.53
C PHE A 39 5.02 -4.89 0.16
N HIS A 40 5.31 -6.20 0.13
CA HIS A 40 4.43 -7.24 0.68
C HIS A 40 4.25 -7.05 2.19
N ARG A 41 5.37 -6.83 2.92
CA ARG A 41 5.31 -6.57 4.37
C ARG A 41 4.61 -5.21 4.64
N LEU A 42 4.97 -4.17 3.86
CA LEU A 42 4.40 -2.82 4.03
C LEU A 42 2.94 -2.72 3.53
N TYR A 43 2.43 -3.75 2.84
CA TYR A 43 1.02 -3.78 2.38
C TYR A 43 0.15 -4.68 3.28
N HIS A 44 0.64 -5.88 3.58
CA HIS A 44 -0.20 -6.94 4.19
C HIS A 44 0.06 -7.09 5.71
N ASN A 45 1.22 -6.59 6.21
CA ASN A 45 1.58 -6.70 7.66
C ASN A 45 1.17 -5.42 8.40
N THR A 46 1.28 -4.26 7.73
CA THR A 46 1.03 -2.95 8.34
C THR A 46 -0.47 -2.65 8.41
N ARG A 47 -0.94 -2.22 9.59
CA ARG A 47 -2.35 -1.84 9.81
C ARG A 47 -2.73 -0.56 9.04
N ASP A 48 -1.71 0.13 8.51
CA ASP A 48 -1.89 1.26 7.58
C ASP A 48 -2.61 0.77 6.32
N CYS A 49 -2.07 -0.32 5.74
CA CYS A 49 -2.47 -0.82 4.42
C CYS A 49 -3.56 -1.90 4.48
N THR A 50 -3.68 -2.57 5.63
CA THR A 50 -4.78 -3.54 5.84
C THR A 50 -6.12 -2.78 6.00
N ILE A 51 -6.09 -1.75 6.85
CA ILE A 51 -7.28 -0.94 7.18
C ILE A 51 -7.42 0.19 6.15
N PRO A 52 -8.57 0.27 5.41
CA PRO A 52 -8.78 1.23 4.30
C PRO A 52 -8.97 2.68 4.80
N ALA A 53 -9.31 2.82 6.10
CA ALA A 53 -9.44 4.11 6.77
C ALA A 53 -8.09 4.85 6.81
N TYR A 54 -6.99 4.08 6.85
CA TYR A 54 -5.61 4.62 6.85
C TYR A 54 -5.02 4.56 5.43
N TYR A 55 -5.80 5.03 4.45
CA TYR A 55 -5.38 5.09 3.04
C TYR A 55 -4.21 6.06 2.85
N LYS A 56 -4.22 7.17 3.62
CA LYS A 56 -3.18 8.22 3.58
C LYS A 56 -1.85 7.69 4.16
N ARG A 57 -1.99 7.03 5.32
CA ARG A 57 -0.87 6.42 6.05
C ARG A 57 -0.18 5.36 5.18
N CYS A 58 -1.00 4.48 4.60
CA CYS A 58 -0.57 3.41 3.72
C CYS A 58 0.09 3.96 2.46
N ALA A 59 -0.52 5.01 1.89
CA ALA A 59 -0.05 5.64 0.66
C ALA A 59 1.37 6.16 0.80
N ARG A 60 1.61 6.90 1.88
CA ARG A 60 2.91 7.50 2.18
C ARG A 60 3.96 6.42 2.47
N LEU A 61 3.56 5.41 3.26
CA LEU A 61 4.46 4.32 3.69
C LEU A 61 4.86 3.40 2.52
N LEU A 62 3.98 3.25 1.51
CA LEU A 62 4.28 2.48 0.28
C LEU A 62 5.12 3.33 -0.70
N THR A 63 4.68 4.59 -0.94
CA THR A 63 5.34 5.51 -1.90
C THR A 63 6.83 5.69 -1.55
N ARG A 64 7.09 5.97 -0.26
CA ARG A 64 8.46 6.19 0.26
C ARG A 64 9.40 5.00 -0.01
N LEU A 65 8.81 3.81 -0.20
CA LEU A 65 9.53 2.57 -0.53
C LEU A 65 9.63 2.39 -2.06
N ALA A 66 8.54 2.75 -2.75
CA ALA A 66 8.36 2.42 -4.17
C ALA A 66 9.20 3.33 -5.07
N VAL A 67 9.48 4.53 -4.55
CA VAL A 67 10.30 5.55 -5.23
C VAL A 67 11.78 5.44 -4.80
N SER A 68 12.03 4.58 -3.78
CA SER A 68 13.39 4.23 -3.33
C SER A 68 14.12 3.40 -4.41
N PRO A 69 15.50 3.44 -4.47
CA PRO A 69 16.31 2.70 -5.47
C PRO A 69 16.01 1.19 -5.54
N VAL A 70 15.59 0.61 -4.40
CA VAL A 70 15.26 -0.82 -4.31
C VAL A 70 14.05 -1.19 -5.22
N CYS A 71 13.00 -0.35 -5.25
CA CYS A 71 11.78 -0.61 -6.09
C CYS A 71 11.87 0.10 -7.47
N MET A 72 12.56 1.24 -7.50
CA MET A 72 12.55 2.16 -8.65
C MET A 72 13.71 1.84 -9.61
N GLU A 73 14.92 2.18 -9.20
CA GLU A 73 16.14 1.98 -9.99
C GLU A 73 17.35 2.06 -9.06
N ASP A 74 18.22 1.02 -9.10
CA ASP A 74 19.39 0.89 -8.19
C ASP A 74 20.25 2.15 -8.16
N LYS A 75 20.72 2.56 -9.34
CA LYS A 75 21.60 3.72 -9.50
C LYS A 75 20.78 5.02 -9.50
N GLN A 76 21.04 5.88 -8.49
CA GLN A 76 20.41 7.20 -8.34
C GLN A 76 21.20 8.24 -9.18
N GLY A 1 -19.07 1.76 3.03
CA GLY A 1 -18.50 1.50 1.69
C GLY A 1 -18.18 0.02 1.49
N PRO A 2 -17.23 -0.34 0.57
CA PRO A 2 -16.79 -1.73 0.39
C PRO A 2 -16.06 -2.27 1.65
N SER A 3 -15.20 -1.41 2.22
CA SER A 3 -14.55 -1.64 3.51
C SER A 3 -15.29 -0.84 4.63
N PRO A 4 -15.26 -1.30 5.92
CA PRO A 4 -15.80 -0.51 7.08
C PRO A 4 -14.85 0.62 7.55
N GLU A 5 -14.65 1.63 6.65
CA GLU A 5 -13.94 2.94 6.85
C GLU A 5 -12.98 2.95 8.08
N GLN A 6 -13.47 3.49 9.22
CA GLN A 6 -12.78 3.50 10.52
C GLN A 6 -13.66 2.71 11.53
N ARG A 7 -14.80 2.20 11.02
CA ARG A 7 -15.85 1.52 11.80
C ARG A 7 -15.32 0.25 12.50
N VAL A 8 -14.65 -0.63 11.75
CA VAL A 8 -14.04 -1.85 12.31
C VAL A 8 -12.96 -2.40 11.36
N GLU A 9 -11.88 -2.98 11.94
CA GLU A 9 -10.71 -3.51 11.19
C GLU A 9 -11.03 -4.82 10.46
N ILE A 10 -12.15 -5.49 10.81
CA ILE A 10 -12.56 -6.73 10.11
C ILE A 10 -13.09 -6.32 8.72
N VAL A 11 -12.24 -6.51 7.69
CA VAL A 11 -12.54 -6.07 6.32
C VAL A 11 -12.53 -7.30 5.39
N PRO A 12 -13.61 -7.52 4.58
CA PRO A 12 -13.65 -8.59 3.56
C PRO A 12 -12.76 -8.28 2.34
N ARG A 13 -12.72 -9.24 1.39
CA ARG A 13 -11.94 -9.14 0.12
C ARG A 13 -12.22 -7.87 -0.73
N ASP A 14 -13.23 -7.09 -0.33
CA ASP A 14 -13.57 -5.78 -0.92
C ASP A 14 -12.48 -4.70 -0.61
N LEU A 15 -11.48 -5.08 0.22
CA LEU A 15 -10.26 -4.27 0.47
C LEU A 15 -9.35 -4.30 -0.77
N ARG A 16 -9.69 -5.14 -1.77
CA ARG A 16 -8.95 -5.18 -3.05
C ARG A 16 -9.21 -3.89 -3.86
N MET A 17 -10.35 -3.22 -3.56
CA MET A 17 -10.68 -1.88 -4.11
C MET A 17 -9.58 -0.88 -3.74
N LYS A 18 -9.01 -1.08 -2.52
CA LYS A 18 -8.00 -0.20 -1.93
C LYS A 18 -6.75 -0.12 -2.82
N ASP A 19 -6.31 -1.28 -3.36
CA ASP A 19 -5.09 -1.39 -4.21
C ASP A 19 -5.14 -0.38 -5.38
N LYS A 20 -6.32 -0.30 -6.03
CA LYS A 20 -6.54 0.58 -7.19
C LYS A 20 -6.54 2.05 -6.76
N PHE A 21 -7.18 2.33 -5.61
CA PHE A 21 -7.27 3.69 -5.06
C PHE A 21 -5.88 4.23 -4.69
N LEU A 22 -5.05 3.34 -4.09
CA LEU A 22 -3.67 3.67 -3.68
C LEU A 22 -2.83 3.96 -4.93
N LYS A 23 -3.00 3.11 -5.96
CA LYS A 23 -2.33 3.24 -7.27
C LYS A 23 -2.65 4.60 -7.92
N HIS A 24 -3.92 5.05 -7.80
CA HIS A 24 -4.37 6.36 -8.33
C HIS A 24 -3.81 7.50 -7.48
N LEU A 25 -3.83 7.29 -6.15
CA LEU A 25 -3.44 8.30 -5.15
C LEU A 25 -1.94 8.62 -5.22
N THR A 26 -1.13 7.61 -5.53
CA THR A 26 0.33 7.70 -5.48
C THR A 26 0.94 7.90 -6.88
N GLY A 27 0.40 7.18 -7.87
CA GLY A 27 0.99 7.06 -9.20
C GLY A 27 1.60 5.67 -9.43
N PRO A 28 2.76 5.56 -10.18
CA PRO A 28 3.42 4.25 -10.43
C PRO A 28 4.23 3.75 -9.21
N LEU A 29 3.76 2.69 -8.54
CA LEU A 29 4.47 2.02 -7.43
C LEU A 29 5.03 0.65 -7.84
N TYR A 30 5.12 0.42 -9.16
CA TYR A 30 5.38 -0.89 -9.78
C TYR A 30 6.67 -1.62 -9.30
N PHE A 31 7.53 -0.94 -8.50
CA PHE A 31 8.68 -1.52 -7.72
C PHE A 31 9.62 -2.42 -8.58
N SER A 32 10.33 -3.34 -7.90
CA SER A 32 11.27 -4.29 -8.53
C SER A 32 11.21 -5.67 -7.84
N PRO A 33 11.75 -6.77 -8.50
CA PRO A 33 11.90 -8.13 -7.90
C PRO A 33 12.58 -8.14 -6.50
N LYS A 34 13.44 -7.13 -6.25
CA LYS A 34 14.19 -7.00 -4.98
C LYS A 34 13.32 -6.38 -3.85
N CYS A 35 12.10 -5.99 -4.22
CA CYS A 35 11.25 -5.12 -3.40
C CYS A 35 9.77 -5.54 -3.48
N SER A 36 9.50 -6.55 -4.32
CA SER A 36 8.16 -7.15 -4.49
C SER A 36 7.56 -7.62 -3.15
N LYS A 37 8.32 -8.45 -2.42
CA LYS A 37 7.91 -9.00 -1.13
C LYS A 37 7.88 -7.93 -0.03
N HIS A 38 8.66 -6.84 -0.21
CA HIS A 38 8.66 -5.70 0.74
C HIS A 38 7.36 -4.89 0.60
N PHE A 39 6.85 -4.80 -0.64
CA PHE A 39 5.56 -4.17 -0.95
C PHE A 39 4.42 -5.00 -0.36
N HIS A 40 4.53 -6.33 -0.52
CA HIS A 40 3.58 -7.30 0.07
C HIS A 40 3.60 -7.21 1.62
N ARG A 41 4.81 -7.08 2.20
CA ARG A 41 5.01 -7.07 3.65
C ARG A 41 4.32 -5.84 4.27
N LEU A 42 4.64 -4.66 3.73
CA LEU A 42 4.10 -3.39 4.24
C LEU A 42 2.57 -3.29 4.00
N TYR A 43 2.12 -3.70 2.81
CA TYR A 43 0.70 -3.61 2.45
C TYR A 43 -0.18 -4.56 3.30
N HIS A 44 0.32 -5.78 3.59
CA HIS A 44 -0.52 -6.81 4.23
C HIS A 44 -0.33 -6.87 5.76
N ASN A 45 0.87 -6.54 6.26
CA ASN A 45 1.22 -6.78 7.69
C ASN A 45 0.98 -5.53 8.55
N THR A 46 1.35 -4.34 8.04
CA THR A 46 1.35 -3.11 8.88
C THR A 46 -0.07 -2.56 9.04
N ARG A 47 -0.37 -2.04 10.25
CA ARG A 47 -1.68 -1.42 10.59
C ARG A 47 -1.95 -0.14 9.77
N ASP A 48 -0.89 0.38 9.17
CA ASP A 48 -0.93 1.51 8.23
C ASP A 48 -1.79 1.15 7.01
N CYS A 49 -1.76 -0.14 6.60
CA CYS A 49 -2.40 -0.63 5.36
C CYS A 49 -3.53 -1.66 5.62
N THR A 50 -3.50 -2.37 6.77
CA THR A 50 -4.56 -3.36 7.12
C THR A 50 -5.92 -2.66 7.31
N ILE A 51 -5.84 -1.44 7.83
CA ILE A 51 -6.99 -0.63 8.19
C ILE A 51 -7.29 0.35 7.02
N PRO A 52 -8.52 0.27 6.41
CA PRO A 52 -8.89 1.08 5.22
C PRO A 52 -8.95 2.59 5.52
N ALA A 53 -9.06 2.92 6.81
CA ALA A 53 -9.09 4.30 7.32
C ALA A 53 -7.80 5.07 6.99
N TYR A 54 -6.68 4.34 6.97
CA TYR A 54 -5.34 4.90 6.76
C TYR A 54 -4.88 4.67 5.31
N TYR A 55 -5.73 5.03 4.33
CA TYR A 55 -5.38 4.85 2.91
C TYR A 55 -4.30 5.83 2.46
N LYS A 56 -4.34 7.06 2.99
CA LYS A 56 -3.31 8.10 2.72
C LYS A 56 -1.97 7.70 3.33
N ARG A 57 -2.04 7.26 4.59
CA ARG A 57 -0.89 6.78 5.37
C ARG A 57 -0.22 5.56 4.70
N CYS A 58 -1.06 4.61 4.26
CA CYS A 58 -0.62 3.39 3.54
C CYS A 58 0.01 3.76 2.21
N ALA A 59 -0.63 4.71 1.51
CA ALA A 59 -0.20 5.18 0.20
C ALA A 59 1.21 5.77 0.25
N ARG A 60 1.45 6.64 1.23
CA ARG A 60 2.75 7.30 1.44
C ARG A 60 3.83 6.29 1.82
N LEU A 61 3.46 5.34 2.71
CA LEU A 61 4.33 4.25 3.14
C LEU A 61 4.80 3.39 1.95
N LEU A 62 3.88 3.12 1.00
CA LEU A 62 4.19 2.37 -0.22
C LEU A 62 5.04 3.23 -1.19
N THR A 63 4.69 4.51 -1.34
CA THR A 63 5.35 5.41 -2.29
C THR A 63 6.84 5.55 -1.96
N ARG A 64 7.14 5.90 -0.70
CA ARG A 64 8.54 6.06 -0.25
C ARG A 64 9.32 4.74 -0.37
N LEU A 65 8.58 3.60 -0.38
CA LEU A 65 9.17 2.28 -0.56
C LEU A 65 9.57 2.12 -2.03
N ALA A 66 8.63 2.53 -2.91
CA ALA A 66 8.71 2.30 -4.35
C ALA A 66 9.80 3.16 -4.99
N VAL A 67 10.12 4.28 -4.32
CA VAL A 67 11.09 5.26 -4.83
C VAL A 67 12.43 5.18 -4.07
N SER A 68 12.45 4.54 -2.88
CA SER A 68 13.70 4.29 -2.11
C SER A 68 14.54 3.19 -2.81
N PRO A 69 15.92 3.24 -2.68
CA PRO A 69 16.89 2.34 -3.40
C PRO A 69 16.58 0.82 -3.41
N VAL A 70 15.68 0.34 -2.53
CA VAL A 70 15.27 -1.09 -2.52
C VAL A 70 14.38 -1.43 -3.74
N CYS A 71 13.35 -0.61 -4.00
CA CYS A 71 12.48 -0.75 -5.19
C CYS A 71 13.09 -0.03 -6.39
N MET A 72 13.93 0.97 -6.11
CA MET A 72 14.59 1.75 -7.15
C MET A 72 15.96 1.11 -7.44
N GLU A 73 16.01 0.24 -8.47
CA GLU A 73 17.24 -0.47 -8.91
C GLU A 73 18.38 0.52 -9.23
N ASP A 74 17.99 1.75 -9.64
CA ASP A 74 18.88 2.90 -9.72
C ASP A 74 19.05 3.46 -8.29
N LYS A 75 19.78 2.69 -7.47
CA LYS A 75 20.03 2.99 -6.05
C LYS A 75 20.79 4.32 -5.88
N GLN A 76 20.43 5.08 -4.84
CA GLN A 76 20.97 6.43 -4.60
C GLN A 76 21.86 6.40 -3.33
N GLY A 1 -17.18 3.70 0.47
CA GLY A 1 -18.27 2.71 0.44
C GLY A 1 -17.89 1.40 1.13
N PRO A 2 -17.36 0.38 0.36
CA PRO A 2 -17.14 -1.02 0.86
C PRO A 2 -16.19 -1.10 2.07
N SER A 3 -15.08 -0.36 1.99
CA SER A 3 -14.01 -0.40 2.99
C SER A 3 -14.32 0.57 4.16
N PRO A 4 -14.20 0.13 5.46
CA PRO A 4 -14.39 1.00 6.64
C PRO A 4 -13.31 2.08 6.76
N GLU A 5 -13.73 3.31 7.08
CA GLU A 5 -12.81 4.44 7.33
C GLU A 5 -13.07 5.00 8.73
N GLN A 6 -14.33 5.42 8.98
CA GLN A 6 -14.80 5.80 10.32
C GLN A 6 -15.73 4.68 10.85
N ARG A 7 -15.14 3.48 10.99
CA ARG A 7 -15.86 2.24 11.39
C ARG A 7 -14.82 1.20 11.88
N VAL A 8 -15.30 0.16 12.61
CA VAL A 8 -14.51 -1.05 12.95
C VAL A 8 -13.82 -1.65 11.69
N GLU A 9 -12.55 -2.03 11.86
CA GLU A 9 -11.60 -2.39 10.76
C GLU A 9 -11.97 -3.65 9.96
N ILE A 10 -13.12 -4.30 10.26
CA ILE A 10 -13.61 -5.47 9.49
C ILE A 10 -14.10 -5.01 8.10
N VAL A 11 -13.77 -5.79 7.06
CA VAL A 11 -14.02 -5.42 5.65
C VAL A 11 -14.33 -6.68 4.80
N PRO A 12 -15.38 -6.62 3.90
CA PRO A 12 -15.70 -7.71 2.93
C PRO A 12 -14.66 -7.87 1.81
N ARG A 13 -14.91 -8.88 0.93
CA ARG A 13 -14.11 -9.23 -0.28
C ARG A 13 -13.69 -7.99 -1.14
N ASP A 14 -14.49 -6.93 -1.06
CA ASP A 14 -14.36 -5.71 -1.89
C ASP A 14 -13.12 -4.85 -1.53
N LEU A 15 -12.26 -5.30 -0.59
CA LEU A 15 -11.02 -4.57 -0.15
C LEU A 15 -10.13 -4.12 -1.35
N ARG A 16 -10.24 -4.81 -2.49
CA ARG A 16 -9.43 -4.54 -3.70
C ARG A 16 -9.82 -3.21 -4.40
N MET A 17 -10.91 -2.56 -3.92
CA MET A 17 -11.20 -1.14 -4.22
C MET A 17 -10.05 -0.25 -3.71
N LYS A 18 -9.47 -0.64 -2.56
CA LYS A 18 -8.34 0.07 -1.94
C LYS A 18 -7.08 -0.06 -2.79
N ASP A 19 -6.78 -1.27 -3.31
CA ASP A 19 -5.60 -1.49 -4.20
C ASP A 19 -5.56 -0.42 -5.30
N LYS A 20 -6.67 -0.37 -6.07
CA LYS A 20 -6.87 0.59 -7.17
C LYS A 20 -6.76 2.05 -6.68
N PHE A 21 -7.35 2.32 -5.51
CA PHE A 21 -7.42 3.67 -4.91
C PHE A 21 -6.00 4.16 -4.50
N LEU A 22 -5.22 3.25 -3.92
CA LEU A 22 -3.93 3.55 -3.28
C LEU A 22 -2.86 3.84 -4.35
N LYS A 23 -2.77 2.94 -5.35
CA LYS A 23 -1.83 3.12 -6.49
C LYS A 23 -2.30 4.25 -7.44
N HIS A 24 -3.55 4.72 -7.28
CA HIS A 24 -4.05 5.92 -7.99
C HIS A 24 -3.63 7.19 -7.24
N LEU A 25 -3.71 7.13 -5.90
CA LEU A 25 -3.35 8.24 -4.97
C LEU A 25 -1.85 8.57 -5.09
N THR A 26 -1.04 7.56 -5.42
CA THR A 26 0.42 7.65 -5.44
C THR A 26 1.00 7.71 -6.87
N GLY A 27 0.38 6.96 -7.79
CA GLY A 27 0.94 6.72 -9.12
C GLY A 27 1.62 5.34 -9.21
N PRO A 28 2.56 5.12 -10.19
CA PRO A 28 3.21 3.81 -10.43
C PRO A 28 4.13 3.35 -9.26
N LEU A 29 3.69 2.30 -8.54
CA LEU A 29 4.45 1.70 -7.40
C LEU A 29 5.04 0.34 -7.77
N TYR A 30 5.11 0.04 -9.10
CA TYR A 30 5.43 -1.31 -9.66
C TYR A 30 6.74 -1.97 -9.15
N PHE A 31 7.57 -1.21 -8.39
CA PHE A 31 8.75 -1.72 -7.62
C PHE A 31 9.70 -2.61 -8.47
N SER A 32 10.48 -3.46 -7.78
CA SER A 32 11.36 -4.45 -8.41
C SER A 32 11.21 -5.81 -7.66
N PRO A 33 11.49 -6.98 -8.33
CA PRO A 33 11.53 -8.33 -7.68
C PRO A 33 12.24 -8.38 -6.30
N LYS A 34 13.34 -7.60 -6.14
CA LYS A 34 14.07 -7.47 -4.86
C LYS A 34 13.18 -6.82 -3.79
N CYS A 35 12.56 -5.71 -4.19
CA CYS A 35 11.77 -4.84 -3.30
C CYS A 35 10.33 -5.37 -3.12
N SER A 36 9.98 -6.40 -3.91
CA SER A 36 8.66 -7.07 -3.86
C SER A 36 8.36 -7.60 -2.46
N LYS A 37 9.43 -8.06 -1.77
CA LYS A 37 9.36 -8.52 -0.38
C LYS A 37 8.91 -7.40 0.55
N HIS A 38 9.50 -6.21 0.36
CA HIS A 38 9.26 -5.04 1.21
C HIS A 38 7.86 -4.46 0.99
N PHE A 39 7.41 -4.43 -0.28
CA PHE A 39 6.07 -3.92 -0.65
C PHE A 39 4.98 -4.82 -0.06
N HIS A 40 5.19 -6.13 -0.21
CA HIS A 40 4.31 -7.18 0.34
C HIS A 40 4.30 -7.07 1.88
N ARG A 41 5.50 -6.88 2.47
CA ARG A 41 5.70 -6.80 3.94
C ARG A 41 4.93 -5.63 4.53
N LEU A 42 5.11 -4.45 3.93
CA LEU A 42 4.46 -3.22 4.40
C LEU A 42 2.93 -3.30 4.23
N TYR A 43 2.47 -3.88 3.10
CA TYR A 43 1.03 -3.99 2.80
C TYR A 43 0.35 -5.07 3.69
N HIS A 44 1.13 -6.06 4.14
CA HIS A 44 0.60 -7.23 4.91
C HIS A 44 0.75 -7.04 6.45
N ASN A 45 1.80 -6.34 6.88
CA ASN A 45 2.18 -6.27 8.32
C ASN A 45 1.55 -5.05 9.01
N THR A 46 1.66 -3.87 8.36
CA THR A 46 1.43 -2.58 9.03
C THR A 46 -0.08 -2.29 9.16
N ARG A 47 -0.47 -1.74 10.33
CA ARG A 47 -1.87 -1.35 10.64
C ARG A 47 -2.45 -0.38 9.58
N ASP A 48 -1.55 0.35 8.93
CA ASP A 48 -1.87 1.33 7.88
C ASP A 48 -2.58 0.67 6.68
N CYS A 49 -2.02 -0.46 6.22
CA CYS A 49 -2.48 -1.17 5.01
C CYS A 49 -3.46 -2.32 5.34
N THR A 50 -3.36 -2.88 6.55
CA THR A 50 -4.26 -3.95 7.01
C THR A 50 -5.67 -3.38 7.27
N ILE A 51 -5.69 -2.14 7.77
CA ILE A 51 -6.90 -1.40 8.06
C ILE A 51 -7.10 -0.36 6.94
N PRO A 52 -8.12 -0.54 6.05
CA PRO A 52 -8.37 0.35 4.88
C PRO A 52 -8.67 1.83 5.25
N ALA A 53 -8.96 2.07 6.55
CA ALA A 53 -9.19 3.41 7.11
C ALA A 53 -7.98 4.32 6.92
N TYR A 54 -6.79 3.75 7.13
CA TYR A 54 -5.51 4.47 7.09
C TYR A 54 -4.90 4.36 5.68
N TYR A 55 -5.69 4.78 4.68
CA TYR A 55 -5.36 4.63 3.26
C TYR A 55 -4.23 5.59 2.83
N LYS A 56 -4.28 6.86 3.31
CA LYS A 56 -3.22 7.86 3.03
C LYS A 56 -1.89 7.39 3.64
N ARG A 57 -1.99 6.84 4.85
CA ARG A 57 -0.85 6.33 5.61
C ARG A 57 -0.21 5.12 4.89
N CYS A 58 -1.08 4.19 4.43
CA CYS A 58 -0.67 3.00 3.66
C CYS A 58 0.00 3.39 2.35
N ALA A 59 -0.69 4.26 1.61
CA ALA A 59 -0.27 4.70 0.28
C ALA A 59 1.10 5.40 0.33
N ARG A 60 1.27 6.29 1.33
CA ARG A 60 2.51 7.07 1.55
C ARG A 60 3.67 6.15 1.96
N LEU A 61 3.35 5.16 2.81
CA LEU A 61 4.30 4.16 3.30
C LEU A 61 4.79 3.24 2.16
N LEU A 62 3.92 3.03 1.16
CA LEU A 62 4.29 2.36 -0.09
C LEU A 62 5.10 3.31 -0.99
N THR A 63 4.68 4.60 -1.08
CA THR A 63 5.28 5.60 -1.99
C THR A 63 6.78 5.73 -1.72
N ARG A 64 7.12 6.07 -0.45
CA ARG A 64 8.51 6.25 0.02
C ARG A 64 9.39 5.04 -0.34
N LEU A 65 8.77 3.86 -0.40
CA LEU A 65 9.44 2.59 -0.67
C LEU A 65 9.60 2.41 -2.19
N ALA A 66 8.55 2.75 -2.95
CA ALA A 66 8.50 2.48 -4.39
C ALA A 66 9.43 3.45 -5.16
N VAL A 67 9.71 4.58 -4.51
CA VAL A 67 10.58 5.63 -5.04
C VAL A 67 11.98 5.59 -4.40
N SER A 68 12.19 4.69 -3.39
CA SER A 68 13.51 4.45 -2.78
C SER A 68 14.35 3.55 -3.73
N PRO A 69 15.73 3.51 -3.61
CA PRO A 69 16.61 2.85 -4.62
C PRO A 69 16.36 1.32 -4.75
N VAL A 70 15.82 0.69 -3.69
CA VAL A 70 15.56 -0.76 -3.66
C VAL A 70 14.43 -1.14 -4.64
N CYS A 71 13.35 -0.34 -4.67
CA CYS A 71 12.20 -0.56 -5.59
C CYS A 71 12.43 0.07 -6.96
N MET A 72 13.17 1.18 -6.99
CA MET A 72 13.47 1.90 -8.23
C MET A 72 14.61 1.15 -8.94
N GLU A 73 14.50 1.02 -10.27
CA GLU A 73 15.44 0.23 -11.10
C GLU A 73 16.88 0.81 -11.11
N ASP A 74 17.03 2.02 -10.55
CA ASP A 74 18.33 2.73 -10.40
C ASP A 74 18.42 3.34 -8.98
N LYS A 75 19.66 3.58 -8.47
CA LYS A 75 19.88 4.17 -7.13
C LYS A 75 19.65 5.70 -7.16
N GLN A 76 19.60 6.33 -5.97
CA GLN A 76 19.42 7.80 -5.85
C GLN A 76 20.51 8.41 -4.91
N GLY A 1 -14.45 5.40 2.65
CA GLY A 1 -14.20 4.56 1.45
C GLY A 1 -14.91 3.22 1.51
N PRO A 2 -14.52 2.22 0.64
CA PRO A 2 -15.11 0.85 0.63
C PRO A 2 -14.72 0.00 1.86
N SER A 3 -13.75 0.50 2.65
CA SER A 3 -13.24 -0.18 3.84
C SER A 3 -13.92 0.37 5.12
N PRO A 4 -14.10 -0.47 6.21
CA PRO A 4 -14.55 -0.01 7.55
C PRO A 4 -13.46 0.81 8.30
N GLU A 5 -12.98 1.87 7.64
CA GLU A 5 -11.80 2.64 8.06
C GLU A 5 -12.09 3.65 9.19
N GLN A 6 -13.36 3.76 9.58
CA GLN A 6 -13.80 4.55 10.75
C GLN A 6 -14.89 3.73 11.50
N ARG A 7 -14.79 2.40 11.39
CA ARG A 7 -15.73 1.44 12.02
C ARG A 7 -14.96 0.36 12.80
N VAL A 8 -14.15 -0.44 12.08
CA VAL A 8 -13.42 -1.58 12.67
C VAL A 8 -12.17 -1.90 11.82
N GLU A 9 -11.09 -2.34 12.49
CA GLU A 9 -9.78 -2.60 11.84
C GLU A 9 -9.81 -3.85 10.94
N ILE A 10 -10.90 -4.64 11.00
CA ILE A 10 -11.10 -5.79 10.08
C ILE A 10 -11.70 -5.26 8.76
N VAL A 11 -11.11 -5.67 7.62
CA VAL A 11 -11.57 -5.27 6.27
C VAL A 11 -11.59 -6.52 5.37
N PRO A 12 -12.61 -6.67 4.45
CA PRO A 12 -12.56 -7.70 3.36
C PRO A 12 -11.37 -7.51 2.41
N ARG A 13 -11.23 -8.46 1.46
CA ARG A 13 -10.28 -8.36 0.33
C ARG A 13 -10.34 -7.00 -0.44
N ASP A 14 -11.45 -6.25 -0.26
CA ASP A 14 -11.63 -4.89 -0.82
C ASP A 14 -10.61 -3.85 -0.22
N LEU A 15 -9.75 -4.31 0.71
CA LEU A 15 -8.59 -3.53 1.21
C LEU A 15 -7.53 -3.36 0.09
N ARG A 16 -7.57 -4.27 -0.91
CA ARG A 16 -6.74 -4.19 -2.13
C ARG A 16 -7.01 -2.89 -2.92
N MET A 17 -8.22 -2.31 -2.75
CA MET A 17 -8.57 -1.00 -3.35
C MET A 17 -7.62 0.08 -2.82
N LYS A 18 -7.36 0.03 -1.49
CA LYS A 18 -6.49 1.00 -0.80
C LYS A 18 -5.10 1.07 -1.45
N ASP A 19 -4.47 -0.09 -1.64
CA ASP A 19 -3.09 -0.20 -2.20
C ASP A 19 -2.89 0.63 -3.48
N LYS A 20 -3.84 0.47 -4.41
CA LYS A 20 -3.80 1.16 -5.72
C LYS A 20 -4.15 2.65 -5.57
N PHE A 21 -5.02 2.97 -4.58
CA PHE A 21 -5.40 4.36 -4.26
C PHE A 21 -4.20 5.11 -3.64
N LEU A 22 -3.38 4.39 -2.86
CA LEU A 22 -2.20 4.94 -2.16
C LEU A 22 -1.06 5.13 -3.15
N LYS A 23 -1.02 4.24 -4.16
CA LYS A 23 -0.16 4.41 -5.33
C LYS A 23 -0.56 5.69 -6.09
N HIS A 24 -1.86 5.84 -6.34
CA HIS A 24 -2.41 6.99 -7.08
C HIS A 24 -2.31 8.29 -6.26
N LEU A 25 -2.23 8.15 -4.93
CA LEU A 25 -2.11 9.29 -4.00
C LEU A 25 -0.71 9.93 -4.07
N THR A 26 0.33 9.11 -4.28
CA THR A 26 1.74 9.53 -4.08
C THR A 26 2.54 9.62 -5.39
N GLY A 27 2.30 8.69 -6.32
CA GLY A 27 3.00 8.66 -7.61
C GLY A 27 3.35 7.23 -8.04
N PRO A 28 4.39 7.02 -8.92
CA PRO A 28 4.78 5.66 -9.35
C PRO A 28 5.45 4.88 -8.19
N LEU A 29 4.70 3.91 -7.66
CA LEU A 29 5.16 2.98 -6.60
C LEU A 29 5.36 1.58 -7.21
N TYR A 30 5.53 1.54 -8.56
CA TYR A 30 5.46 0.33 -9.44
C TYR A 30 6.42 -0.85 -9.10
N PHE A 31 7.01 -0.86 -7.89
CA PHE A 31 7.63 -2.04 -7.26
C PHE A 31 8.96 -2.45 -7.95
N SER A 32 9.62 -3.47 -7.39
CA SER A 32 10.87 -4.04 -7.95
C SER A 32 11.10 -5.45 -7.34
N PRO A 33 11.91 -6.35 -8.01
CA PRO A 33 12.28 -7.68 -7.44
C PRO A 33 13.03 -7.59 -6.09
N LYS A 34 13.73 -6.46 -5.87
CA LYS A 34 14.46 -6.19 -4.60
C LYS A 34 13.56 -5.45 -3.58
N CYS A 35 12.30 -5.16 -3.95
CA CYS A 35 11.33 -4.49 -3.05
C CYS A 35 9.97 -5.18 -3.01
N SER A 36 9.82 -6.35 -3.66
CA SER A 36 8.59 -7.17 -3.52
C SER A 36 8.33 -7.47 -2.03
N LYS A 37 9.40 -7.93 -1.36
CA LYS A 37 9.43 -8.17 0.09
C LYS A 37 9.20 -6.86 0.89
N HIS A 38 9.88 -5.78 0.49
CA HIS A 38 9.87 -4.50 1.22
C HIS A 38 8.47 -3.87 1.25
N PHE A 39 7.78 -3.88 0.10
CA PHE A 39 6.39 -3.36 -0.01
C PHE A 39 5.42 -4.27 0.73
N HIS A 40 5.66 -5.59 0.60
CA HIS A 40 4.83 -6.62 1.25
C HIS A 40 4.83 -6.44 2.79
N ARG A 41 6.03 -6.22 3.37
CA ARG A 41 6.16 -6.07 4.82
C ARG A 41 5.69 -4.68 5.27
N LEU A 42 6.00 -3.63 4.50
CA LEU A 42 5.56 -2.27 4.84
C LEU A 42 4.04 -2.09 4.63
N TYR A 43 3.38 -3.01 3.90
CA TYR A 43 1.91 -2.95 3.71
C TYR A 43 1.15 -3.93 4.65
N HIS A 44 1.76 -5.09 4.96
CA HIS A 44 1.06 -6.18 5.70
C HIS A 44 1.49 -6.28 7.18
N ASN A 45 2.65 -5.71 7.54
CA ASN A 45 3.20 -5.79 8.91
C ASN A 45 2.91 -4.51 9.71
N THR A 46 2.99 -3.34 9.05
CA THR A 46 2.83 -2.04 9.72
C THR A 46 1.34 -1.73 9.96
N ARG A 47 1.05 -1.12 11.13
CA ARG A 47 -0.32 -0.78 11.57
C ARG A 47 -0.92 0.34 10.68
N ASP A 48 -0.03 1.11 10.04
CA ASP A 48 -0.42 2.22 9.13
C ASP A 48 -1.16 1.68 7.91
N CYS A 49 -0.72 0.53 7.40
CA CYS A 49 -1.22 -0.06 6.14
C CYS A 49 -2.24 -1.19 6.38
N THR A 50 -2.14 -1.87 7.54
CA THR A 50 -3.13 -2.89 7.94
C THR A 50 -4.49 -2.22 8.21
N ILE A 51 -4.44 -1.00 8.73
CA ILE A 51 -5.61 -0.21 9.09
C ILE A 51 -5.76 0.93 8.06
N PRO A 52 -6.84 0.88 7.20
CA PRO A 52 -7.09 1.91 6.15
C PRO A 52 -7.39 3.32 6.71
N ALA A 53 -7.51 3.42 8.05
CA ALA A 53 -7.66 4.70 8.75
C ALA A 53 -6.38 5.55 8.62
N TYR A 54 -5.22 4.86 8.63
CA TYR A 54 -3.88 5.49 8.53
C TYR A 54 -3.36 5.41 7.09
N TYR A 55 -4.28 5.49 6.12
CA TYR A 55 -3.96 5.33 4.68
C TYR A 55 -2.92 6.36 4.19
N LYS A 56 -2.95 7.59 4.74
CA LYS A 56 -1.99 8.66 4.38
C LYS A 56 -0.59 8.33 4.90
N ARG A 57 -0.54 7.78 6.12
CA ARG A 57 0.73 7.34 6.75
C ARG A 57 1.31 6.14 6.00
N CYS A 58 0.41 5.28 5.53
CA CYS A 58 0.74 4.12 4.70
C CYS A 58 1.27 4.57 3.34
N ALA A 59 0.63 5.60 2.78
CA ALA A 59 0.96 6.13 1.46
C ALA A 59 2.37 6.75 1.48
N ARG A 60 2.65 7.55 2.51
CA ARG A 60 3.98 8.18 2.75
C ARG A 60 5.05 7.10 2.94
N LEU A 61 4.71 6.07 3.75
CA LEU A 61 5.57 4.91 4.02
C LEU A 61 5.98 4.19 2.72
N LEU A 62 5.02 4.07 1.81
CA LEU A 62 5.24 3.46 0.49
C LEU A 62 6.15 4.36 -0.35
N THR A 63 5.86 5.68 -0.36
CA THR A 63 6.60 6.67 -1.19
C THR A 63 8.09 6.61 -0.86
N ARG A 64 8.40 6.80 0.44
CA ARG A 64 9.78 6.86 0.97
C ARG A 64 10.51 5.52 0.81
N LEU A 65 9.79 4.47 0.40
CA LEU A 65 10.37 3.17 0.03
C LEU A 65 10.59 3.13 -1.50
N ALA A 66 9.56 3.58 -2.23
CA ALA A 66 9.45 3.39 -3.68
C ALA A 66 10.44 4.27 -4.46
N VAL A 67 10.64 5.48 -3.96
CA VAL A 67 11.47 6.50 -4.62
C VAL A 67 12.95 6.37 -4.19
N SER A 68 13.18 5.52 -3.18
CA SER A 68 14.52 5.12 -2.74
C SER A 68 15.21 4.22 -3.81
N PRO A 69 16.58 4.22 -3.91
CA PRO A 69 17.35 3.45 -4.94
C PRO A 69 17.08 1.91 -4.91
N VAL A 70 16.44 1.43 -3.82
CA VAL A 70 16.11 0.01 -3.64
C VAL A 70 14.87 -0.42 -4.49
N CYS A 71 13.86 0.45 -4.58
CA CYS A 71 12.59 0.13 -5.28
C CYS A 71 12.48 0.89 -6.59
N MET A 72 13.06 2.09 -6.61
CA MET A 72 13.34 2.82 -7.85
C MET A 72 14.54 2.15 -8.49
N GLU A 73 14.33 1.47 -9.63
CA GLU A 73 15.42 0.75 -10.33
C GLU A 73 16.35 1.76 -11.04
N ASP A 74 17.15 2.42 -10.20
CA ASP A 74 18.09 3.48 -10.56
C ASP A 74 18.78 3.88 -9.26
N LYS A 75 19.96 3.32 -9.04
CA LYS A 75 20.72 3.49 -7.81
C LYS A 75 21.33 4.91 -7.76
N GLN A 76 21.24 5.55 -6.59
CA GLN A 76 21.76 6.90 -6.34
C GLN A 76 22.75 6.86 -5.15
N GLY A 1 -16.44 4.27 2.51
CA GLY A 1 -16.84 3.80 1.16
C GLY A 1 -17.40 2.38 1.18
N PRO A 2 -16.98 1.47 0.23
CA PRO A 2 -17.42 0.03 0.23
C PRO A 2 -17.07 -0.72 1.52
N SER A 3 -15.92 -0.36 2.11
CA SER A 3 -15.36 -1.04 3.28
C SER A 3 -16.00 -0.50 4.60
N PRO A 4 -16.32 -1.41 5.58
CA PRO A 4 -16.83 -1.00 6.92
C PRO A 4 -15.75 -0.26 7.76
N GLU A 5 -15.73 1.08 7.66
CA GLU A 5 -14.85 1.95 8.47
C GLU A 5 -15.46 2.16 9.87
N GLN A 6 -16.79 2.35 9.93
CA GLN A 6 -17.54 2.40 11.21
C GLN A 6 -18.64 1.31 11.16
N ARG A 7 -18.23 0.09 11.56
CA ARG A 7 -19.11 -1.09 11.61
C ARG A 7 -18.33 -2.27 12.20
N VAL A 8 -17.35 -2.78 11.43
CA VAL A 8 -16.50 -3.89 11.84
C VAL A 8 -15.14 -3.74 11.15
N GLU A 9 -14.05 -4.09 11.86
CA GLU A 9 -12.67 -3.94 11.35
C GLU A 9 -12.33 -5.00 10.29
N ILE A 10 -13.18 -6.05 10.15
CA ILE A 10 -13.01 -7.05 9.08
C ILE A 10 -13.65 -6.53 7.79
N VAL A 11 -12.91 -6.63 6.68
CA VAL A 11 -13.37 -6.24 5.35
C VAL A 11 -13.21 -7.47 4.42
N PRO A 12 -14.22 -7.79 3.56
CA PRO A 12 -14.08 -8.81 2.48
C PRO A 12 -12.98 -8.47 1.46
N ARG A 13 -12.84 -9.33 0.44
CA ARG A 13 -11.94 -9.11 -0.73
C ARG A 13 -12.12 -7.70 -1.40
N ASP A 14 -13.21 -7.00 -1.04
CA ASP A 14 -13.45 -5.58 -1.39
C ASP A 14 -12.38 -4.63 -0.80
N LEU A 15 -11.46 -5.16 0.05
CA LEU A 15 -10.32 -4.41 0.62
C LEU A 15 -9.34 -4.02 -0.51
N ARG A 16 -9.45 -4.65 -1.71
CA ARG A 16 -8.62 -4.27 -2.90
C ARG A 16 -8.99 -2.85 -3.43
N MET A 17 -10.07 -2.25 -2.87
CA MET A 17 -10.35 -0.81 -3.03
C MET A 17 -9.10 0.01 -2.67
N LYS A 18 -8.36 -0.49 -1.64
CA LYS A 18 -7.02 0.02 -1.29
C LYS A 18 -6.13 0.10 -2.54
N ASP A 19 -5.76 -1.06 -3.11
CA ASP A 19 -4.82 -1.19 -4.27
C ASP A 19 -5.09 -0.15 -5.37
N LYS A 20 -6.37 -0.01 -5.71
CA LYS A 20 -6.85 0.85 -6.79
C LYS A 20 -6.79 2.34 -6.40
N PHE A 21 -7.10 2.65 -5.13
CA PHE A 21 -7.05 4.02 -4.60
C PHE A 21 -5.59 4.46 -4.42
N LEU A 22 -4.74 3.54 -3.98
CA LEU A 22 -3.34 3.82 -3.62
C LEU A 22 -2.55 4.15 -4.89
N LYS A 23 -2.74 3.34 -5.94
CA LYS A 23 -2.13 3.63 -7.27
C LYS A 23 -2.69 4.95 -7.84
N HIS A 24 -3.95 5.27 -7.51
CA HIS A 24 -4.60 6.51 -7.96
C HIS A 24 -4.08 7.74 -7.18
N LEU A 25 -3.69 7.53 -5.92
CA LEU A 25 -3.25 8.59 -5.00
C LEU A 25 -1.76 8.94 -5.21
N THR A 26 -0.96 7.90 -5.48
CA THR A 26 0.51 8.02 -5.51
C THR A 26 1.08 7.89 -6.93
N GLY A 27 0.48 6.98 -7.72
CA GLY A 27 1.06 6.50 -8.98
C GLY A 27 1.40 5.02 -8.91
N PRO A 28 1.94 4.40 -9.99
CA PRO A 28 2.37 2.98 -9.98
C PRO A 28 3.47 2.68 -8.93
N LEU A 29 3.12 1.89 -7.89
CA LEU A 29 4.04 1.50 -6.79
C LEU A 29 4.45 0.02 -6.93
N TYR A 30 4.25 -0.54 -8.15
CA TYR A 30 4.44 -1.97 -8.47
C TYR A 30 5.93 -2.42 -8.53
N PHE A 31 6.80 -1.63 -7.87
CA PHE A 31 8.10 -2.07 -7.25
C PHE A 31 9.04 -2.87 -8.20
N SER A 32 9.94 -3.69 -7.60
CA SER A 32 10.95 -4.49 -8.33
C SER A 32 11.05 -5.93 -7.74
N PRO A 33 11.76 -6.90 -8.43
CA PRO A 33 12.11 -8.24 -7.85
C PRO A 33 12.76 -8.17 -6.45
N LYS A 34 13.39 -7.01 -6.14
CA LYS A 34 14.00 -6.73 -4.84
C LYS A 34 12.90 -6.36 -3.82
N CYS A 35 12.03 -5.43 -4.24
CA CYS A 35 10.96 -4.87 -3.38
C CYS A 35 9.68 -5.70 -3.38
N SER A 36 9.70 -6.87 -4.01
CA SER A 36 8.61 -7.87 -3.88
C SER A 36 8.29 -8.13 -2.40
N LYS A 37 9.33 -8.60 -1.68
CA LYS A 37 9.25 -8.92 -0.24
C LYS A 37 8.82 -7.71 0.57
N HIS A 38 9.55 -6.60 0.36
CA HIS A 38 9.42 -5.34 1.12
C HIS A 38 7.98 -4.77 1.02
N PHE A 39 7.41 -4.80 -0.19
CA PHE A 39 6.07 -4.27 -0.46
C PHE A 39 5.01 -5.14 0.21
N HIS A 40 5.13 -6.47 0.04
CA HIS A 40 4.15 -7.42 0.60
C HIS A 40 4.06 -7.29 2.14
N ARG A 41 5.19 -6.98 2.78
CA ARG A 41 5.21 -6.68 4.24
C ARG A 41 4.50 -5.35 4.54
N LEU A 42 4.88 -4.29 3.81
CA LEU A 42 4.32 -2.94 4.02
C LEU A 42 2.85 -2.83 3.56
N TYR A 43 2.34 -3.86 2.85
CA TYR A 43 0.96 -3.86 2.34
C TYR A 43 0.04 -4.81 3.13
N HIS A 44 0.59 -5.95 3.60
CA HIS A 44 -0.22 -7.00 4.27
C HIS A 44 -0.06 -7.02 5.80
N ASN A 45 1.05 -6.47 6.32
CA ASN A 45 1.42 -6.61 7.75
C ASN A 45 1.25 -5.28 8.53
N THR A 46 1.17 -4.13 7.82
CA THR A 46 1.03 -2.80 8.48
C THR A 46 -0.44 -2.44 8.72
N ARG A 47 -0.73 -1.80 9.88
CA ARG A 47 -2.11 -1.42 10.28
C ARG A 47 -2.73 -0.41 9.29
N ASP A 48 -1.86 0.35 8.61
CA ASP A 48 -2.29 1.38 7.66
C ASP A 48 -2.90 0.75 6.41
N CYS A 49 -2.28 -0.34 5.94
CA CYS A 49 -2.65 -1.00 4.69
C CYS A 49 -3.69 -2.11 4.90
N THR A 50 -3.80 -2.62 6.14
CA THR A 50 -4.85 -3.58 6.51
C THR A 50 -6.21 -2.85 6.72
N ILE A 51 -6.17 -1.83 7.59
CA ILE A 51 -7.35 -1.03 7.93
C ILE A 51 -7.61 -0.01 6.80
N PRO A 52 -8.81 -0.08 6.13
CA PRO A 52 -9.13 0.77 4.93
C PRO A 52 -9.18 2.27 5.24
N ALA A 53 -9.30 2.60 6.53
CA ALA A 53 -9.39 3.98 7.03
C ALA A 53 -8.10 4.78 6.80
N TYR A 54 -6.94 4.09 6.88
CA TYR A 54 -5.61 4.72 6.82
C TYR A 54 -4.99 4.58 5.41
N TYR A 55 -5.78 4.92 4.39
CA TYR A 55 -5.36 4.82 2.97
C TYR A 55 -4.26 5.84 2.62
N LYS A 56 -4.34 7.07 3.17
CA LYS A 56 -3.33 8.13 2.92
C LYS A 56 -1.97 7.74 3.52
N ARG A 57 -2.02 7.19 4.75
CA ARG A 57 -0.82 6.71 5.47
C ARG A 57 -0.16 5.57 4.69
N CYS A 58 -0.97 4.56 4.34
CA CYS A 58 -0.55 3.38 3.56
C CYS A 58 0.08 3.79 2.23
N ALA A 59 -0.53 4.78 1.60
CA ALA A 59 -0.09 5.32 0.31
C ALA A 59 1.35 5.87 0.41
N ARG A 60 1.58 6.76 1.39
CA ARG A 60 2.90 7.38 1.63
C ARG A 60 3.95 6.32 2.04
N LEU A 61 3.51 5.34 2.83
CA LEU A 61 4.35 4.28 3.38
C LEU A 61 4.84 3.30 2.29
N LEU A 62 4.02 3.12 1.25
CA LEU A 62 4.41 2.34 0.05
C LEU A 62 5.30 3.18 -0.87
N THR A 63 4.92 4.47 -1.08
CA THR A 63 5.63 5.38 -2.00
C THR A 63 7.11 5.49 -1.62
N ARG A 64 7.36 5.76 -0.33
CA ARG A 64 8.72 5.91 0.23
C ARG A 64 9.61 4.67 0.02
N LEU A 65 8.97 3.52 -0.25
CA LEU A 65 9.67 2.28 -0.61
C LEU A 65 9.93 2.27 -2.13
N ALA A 66 8.88 2.58 -2.90
CA ALA A 66 8.84 2.37 -4.36
C ALA A 66 9.76 3.35 -5.10
N VAL A 67 10.03 4.50 -4.45
CA VAL A 67 10.86 5.57 -5.01
C VAL A 67 12.33 5.46 -4.55
N SER A 68 12.59 4.56 -3.57
CA SER A 68 13.95 4.23 -3.12
C SER A 68 14.70 3.39 -4.19
N PRO A 69 16.06 3.49 -4.28
CA PRO A 69 16.88 2.76 -5.29
C PRO A 69 16.71 1.22 -5.26
N VAL A 70 16.15 0.68 -4.15
CA VAL A 70 15.82 -0.75 -4.02
C VAL A 70 14.75 -1.17 -5.06
N CYS A 71 13.71 -0.33 -5.21
CA CYS A 71 12.57 -0.60 -6.12
C CYS A 71 12.77 0.12 -7.46
N MET A 72 13.46 1.25 -7.41
CA MET A 72 13.66 2.14 -8.54
C MET A 72 15.04 1.88 -9.15
N GLU A 73 15.07 1.42 -10.42
CA GLU A 73 16.34 1.09 -11.13
C GLU A 73 17.21 2.37 -11.29
N ASP A 74 16.55 3.55 -11.31
CA ASP A 74 17.23 4.84 -11.17
C ASP A 74 17.48 5.10 -9.67
N LYS A 75 18.77 5.04 -9.25
CA LYS A 75 19.15 5.30 -7.85
C LYS A 75 18.84 6.76 -7.48
N GLN A 76 17.86 6.93 -6.56
CA GLN A 76 17.44 8.25 -6.05
C GLN A 76 17.91 8.41 -4.58
N GLY A 1 -18.20 1.38 4.60
CA GLY A 1 -18.38 1.01 3.17
C GLY A 1 -17.95 -0.43 2.90
N PRO A 2 -17.72 -0.82 1.61
CA PRO A 2 -17.11 -2.13 1.24
C PRO A 2 -15.81 -2.42 2.02
N SER A 3 -14.95 -1.38 2.12
CA SER A 3 -13.74 -1.40 2.94
C SER A 3 -14.07 -0.81 4.35
N PRO A 4 -13.81 -1.56 5.47
CA PRO A 4 -14.10 -1.10 6.87
C PRO A 4 -13.26 0.12 7.31
N GLU A 5 -13.92 1.06 8.00
CA GLU A 5 -13.28 2.27 8.55
C GLU A 5 -13.57 2.38 10.06
N GLN A 6 -14.82 2.06 10.42
CA GLN A 6 -15.30 2.00 11.82
C GLN A 6 -15.63 0.52 12.20
N ARG A 7 -15.48 -0.39 11.21
CA ARG A 7 -15.82 -1.83 11.34
C ARG A 7 -14.53 -2.68 11.60
N VAL A 8 -14.75 -3.95 12.03
CA VAL A 8 -13.71 -4.97 12.33
C VAL A 8 -12.55 -5.03 11.29
N GLU A 9 -11.36 -5.43 11.83
CA GLU A 9 -10.10 -5.69 11.10
C GLU A 9 -10.30 -6.21 9.67
N ILE A 10 -11.13 -7.25 9.57
CA ILE A 10 -11.30 -8.04 8.34
C ILE A 10 -11.99 -7.21 7.24
N VAL A 11 -11.53 -7.40 6.01
CA VAL A 11 -12.13 -6.75 4.81
C VAL A 11 -12.59 -7.87 3.87
N PRO A 12 -13.61 -7.61 3.02
CA PRO A 12 -13.94 -8.48 1.87
C PRO A 12 -12.94 -8.32 0.69
N ARG A 13 -13.12 -9.13 -0.36
CA ARG A 13 -12.29 -9.04 -1.60
C ARG A 13 -12.42 -7.66 -2.32
N ASP A 14 -13.30 -6.80 -1.79
CA ASP A 14 -13.48 -5.40 -2.20
C ASP A 14 -12.30 -4.49 -1.79
N LEU A 15 -11.25 -5.04 -1.15
CA LEU A 15 -10.04 -4.26 -0.82
C LEU A 15 -9.30 -3.83 -2.10
N ARG A 16 -9.59 -4.52 -3.22
CA ARG A 16 -9.14 -4.13 -4.58
C ARG A 16 -9.51 -2.67 -4.93
N MET A 17 -10.68 -2.21 -4.45
CA MET A 17 -11.12 -0.80 -4.58
C MET A 17 -10.07 0.12 -3.95
N LYS A 18 -9.55 -0.32 -2.80
CA LYS A 18 -8.47 0.38 -2.10
C LYS A 18 -7.12 0.22 -2.81
N ASP A 19 -6.74 -1.00 -3.29
CA ASP A 19 -5.43 -1.20 -3.99
C ASP A 19 -5.30 -0.23 -5.18
N LYS A 20 -6.41 -0.06 -5.90
CA LYS A 20 -6.53 0.90 -7.02
C LYS A 20 -6.43 2.35 -6.51
N PHE A 21 -7.12 2.62 -5.39
CA PHE A 21 -7.19 3.96 -4.78
C PHE A 21 -5.80 4.41 -4.29
N LEU A 22 -5.06 3.48 -3.68
CA LEU A 22 -3.75 3.73 -3.06
C LEU A 22 -2.71 3.95 -4.16
N LYS A 23 -2.77 3.08 -5.18
CA LYS A 23 -1.93 3.17 -6.37
C LYS A 23 -2.18 4.49 -7.15
N HIS A 24 -3.45 4.92 -7.25
CA HIS A 24 -3.82 6.17 -8.00
C HIS A 24 -3.50 7.43 -7.18
N LEU A 25 -3.54 7.29 -5.85
CA LEU A 25 -3.26 8.39 -4.91
C LEU A 25 -1.76 8.75 -4.91
N THR A 26 -0.91 7.79 -5.30
CA THR A 26 0.55 7.89 -5.19
C THR A 26 1.25 7.97 -6.57
N GLY A 27 0.77 7.16 -7.52
CA GLY A 27 1.41 6.99 -8.83
C GLY A 27 1.93 5.56 -9.05
N PRO A 28 2.99 5.35 -9.89
CA PRO A 28 3.52 4.00 -10.18
C PRO A 28 4.26 3.39 -8.96
N LEU A 29 3.62 2.38 -8.34
CA LEU A 29 4.18 1.64 -7.19
C LEU A 29 4.60 0.21 -7.60
N TYR A 30 4.69 -0.06 -8.92
CA TYR A 30 4.82 -1.42 -9.51
C TYR A 30 6.03 -2.25 -8.97
N PHE A 31 6.96 -1.58 -8.24
CA PHE A 31 8.10 -2.20 -7.50
C PHE A 31 8.92 -3.21 -8.35
N SER A 32 9.67 -4.10 -7.69
CA SER A 32 10.46 -5.17 -8.33
C SER A 32 10.30 -6.48 -7.51
N PRO A 33 10.64 -7.70 -8.09
CA PRO A 33 10.72 -8.97 -7.31
C PRO A 33 11.73 -8.87 -6.13
N LYS A 34 12.75 -8.01 -6.32
CA LYS A 34 13.78 -7.71 -5.30
C LYS A 34 13.21 -6.85 -4.16
N CYS A 35 12.13 -6.10 -4.44
CA CYS A 35 11.50 -5.18 -3.48
C CYS A 35 10.10 -5.66 -3.07
N SER A 36 9.67 -6.79 -3.65
CA SER A 36 8.36 -7.42 -3.39
C SER A 36 8.23 -7.84 -1.91
N LYS A 37 9.37 -8.18 -1.27
CA LYS A 37 9.40 -8.57 0.16
C LYS A 37 9.01 -7.34 1.01
N HIS A 38 9.62 -6.19 0.70
CA HIS A 38 9.35 -4.91 1.40
C HIS A 38 7.87 -4.49 1.25
N PHE A 39 7.39 -4.45 0.00
CA PHE A 39 6.01 -4.00 -0.34
C PHE A 39 4.98 -4.87 0.37
N HIS A 40 5.19 -6.20 0.32
CA HIS A 40 4.29 -7.18 0.95
C HIS A 40 4.28 -7.04 2.48
N ARG A 41 5.46 -6.92 3.13
CA ARG A 41 5.54 -6.91 4.60
C ARG A 41 4.92 -5.62 5.16
N LEU A 42 5.12 -4.48 4.48
CA LEU A 42 4.51 -3.20 4.88
C LEU A 42 2.98 -3.25 4.72
N TYR A 43 2.52 -3.72 3.55
CA TYR A 43 1.07 -3.77 3.24
C TYR A 43 0.32 -4.76 4.16
N HIS A 44 0.99 -5.86 4.57
CA HIS A 44 0.34 -6.98 5.27
C HIS A 44 0.49 -6.88 6.81
N ASN A 45 1.54 -6.16 7.28
CA ASN A 45 1.79 -6.03 8.75
C ASN A 45 1.18 -4.74 9.30
N THR A 46 1.51 -3.60 8.67
CA THR A 46 1.26 -2.28 9.27
C THR A 46 -0.24 -1.95 9.16
N ARG A 47 -0.82 -1.52 10.28
CA ARG A 47 -2.25 -1.14 10.40
C ARG A 47 -2.62 0.03 9.48
N ASP A 48 -1.59 0.71 8.97
CA ASP A 48 -1.70 1.75 7.93
C ASP A 48 -2.41 1.16 6.69
N CYS A 49 -1.95 -0.02 6.24
CA CYS A 49 -2.45 -0.70 5.03
C CYS A 49 -3.51 -1.77 5.32
N THR A 50 -3.33 -2.53 6.43
CA THR A 50 -4.23 -3.66 6.78
C THR A 50 -5.67 -3.16 6.97
N ILE A 51 -5.76 -2.05 7.73
CA ILE A 51 -7.00 -1.34 7.95
C ILE A 51 -7.10 -0.23 6.89
N PRO A 52 -8.05 -0.37 5.90
CA PRO A 52 -8.22 0.59 4.78
C PRO A 52 -8.68 1.99 5.21
N ALA A 53 -9.06 2.13 6.51
CA ALA A 53 -9.39 3.42 7.13
C ALA A 53 -8.19 4.37 7.05
N TYR A 54 -7.00 3.80 7.28
CA TYR A 54 -5.72 4.53 7.31
C TYR A 54 -5.07 4.51 5.91
N TYR A 55 -5.91 4.56 4.86
CA TYR A 55 -5.49 4.47 3.44
C TYR A 55 -4.38 5.47 3.07
N LYS A 56 -4.47 6.69 3.63
CA LYS A 56 -3.51 7.78 3.35
C LYS A 56 -2.11 7.43 3.89
N ARG A 57 -2.11 6.86 5.11
CA ARG A 57 -0.88 6.38 5.76
C ARG A 57 -0.25 5.26 4.95
N CYS A 58 -1.10 4.31 4.51
CA CYS A 58 -0.69 3.20 3.63
C CYS A 58 -0.06 3.71 2.34
N ALA A 59 -0.69 4.73 1.77
CA ALA A 59 -0.34 5.30 0.47
C ALA A 59 1.09 5.87 0.50
N ARG A 60 1.34 6.81 1.43
CA ARG A 60 2.65 7.46 1.60
C ARG A 60 3.75 6.44 2.02
N LEU A 61 3.34 5.46 2.86
CA LEU A 61 4.21 4.36 3.35
C LEU A 61 4.73 3.48 2.20
N LEU A 62 3.84 3.20 1.22
CA LEU A 62 4.21 2.48 0.00
C LEU A 62 5.08 3.38 -0.89
N THR A 63 4.68 4.67 -1.06
CA THR A 63 5.33 5.62 -1.99
C THR A 63 6.84 5.73 -1.73
N ARG A 64 7.21 6.12 -0.49
CA ARG A 64 8.63 6.32 -0.10
C ARG A 64 9.48 5.05 -0.33
N LEU A 65 8.82 3.89 -0.36
CA LEU A 65 9.45 2.59 -0.61
C LEU A 65 9.52 2.33 -2.13
N ALA A 66 8.43 2.67 -2.82
CA ALA A 66 8.21 2.30 -4.22
C ALA A 66 9.03 3.19 -5.14
N VAL A 67 9.35 4.40 -4.65
CA VAL A 67 10.12 5.40 -5.39
C VAL A 67 11.62 5.33 -5.04
N SER A 68 11.98 4.59 -3.97
CA SER A 68 13.40 4.37 -3.61
C SER A 68 13.99 3.25 -4.51
N PRO A 69 15.30 3.33 -4.92
CA PRO A 69 15.89 2.49 -6.02
C PRO A 69 15.82 0.95 -5.81
N VAL A 70 15.39 0.48 -4.63
CA VAL A 70 15.13 -0.97 -4.41
C VAL A 70 13.88 -1.41 -5.20
N CYS A 71 12.79 -0.62 -5.11
CA CYS A 71 11.54 -0.87 -5.87
C CYS A 71 11.58 -0.18 -7.23
N MET A 72 12.25 0.96 -7.28
CA MET A 72 12.23 1.88 -8.46
C MET A 72 13.43 1.62 -9.36
N GLU A 73 13.44 2.26 -10.56
CA GLU A 73 14.58 2.24 -11.47
C GLU A 73 15.83 2.89 -10.84
N ASP A 74 16.96 2.78 -11.55
CA ASP A 74 18.24 3.37 -11.13
C ASP A 74 18.14 4.91 -11.12
N LYS A 75 17.26 5.44 -11.99
CA LYS A 75 16.92 6.88 -12.07
C LYS A 75 16.21 7.33 -10.79
N GLN A 76 16.79 8.34 -10.11
CA GLN A 76 16.25 8.92 -8.88
C GLN A 76 16.27 10.47 -8.99
N GLY A 1 -14.91 4.72 4.11
CA GLY A 1 -14.33 3.68 3.24
C GLY A 1 -15.41 2.79 2.63
N PRO A 2 -15.24 2.26 1.35
CA PRO A 2 -16.21 1.33 0.68
C PRO A 2 -16.46 0.03 1.47
N SER A 3 -15.50 -0.30 2.34
CA SER A 3 -15.56 -1.42 3.27
C SER A 3 -16.71 -1.24 4.32
N PRO A 4 -17.11 -2.34 5.05
CA PRO A 4 -17.94 -2.23 6.28
C PRO A 4 -17.18 -1.50 7.41
N GLU A 5 -17.09 -0.18 7.24
CA GLU A 5 -16.37 0.72 8.14
C GLU A 5 -17.24 1.00 9.39
N GLN A 6 -16.59 1.09 10.57
CA GLN A 6 -17.27 1.24 11.88
C GLN A 6 -18.22 0.06 12.18
N ARG A 7 -17.93 -1.09 11.55
CA ARG A 7 -18.75 -2.31 11.63
C ARG A 7 -17.85 -3.51 11.92
N VAL A 8 -16.89 -3.81 11.01
CA VAL A 8 -15.94 -4.91 11.22
C VAL A 8 -14.56 -4.51 10.65
N GLU A 9 -13.51 -4.69 11.48
CA GLU A 9 -12.13 -4.27 11.17
C GLU A 9 -11.45 -5.28 10.22
N ILE A 10 -11.95 -6.55 10.20
CA ILE A 10 -11.37 -7.61 9.36
C ILE A 10 -11.50 -7.24 7.87
N VAL A 11 -12.65 -6.60 7.54
CA VAL A 11 -13.00 -6.13 6.19
C VAL A 11 -12.97 -7.30 5.16
N PRO A 12 -14.16 -7.74 4.62
CA PRO A 12 -14.27 -8.71 3.50
C PRO A 12 -13.46 -8.30 2.23
N ARG A 13 -13.54 -9.16 1.20
CA ARG A 13 -12.89 -8.98 -0.15
C ARG A 13 -12.89 -7.52 -0.70
N ASP A 14 -13.78 -6.68 -0.19
CA ASP A 14 -13.88 -5.21 -0.49
C ASP A 14 -12.56 -4.45 -0.18
N LEU A 15 -11.63 -5.09 0.57
CA LEU A 15 -10.29 -4.51 0.88
C LEU A 15 -9.47 -4.38 -0.43
N ARG A 16 -9.79 -5.21 -1.42
CA ARG A 16 -9.10 -5.27 -2.74
C ARG A 16 -9.15 -3.89 -3.45
N MET A 17 -10.21 -3.10 -3.12
CA MET A 17 -10.41 -1.72 -3.62
C MET A 17 -9.18 -0.84 -3.31
N LYS A 18 -8.56 -1.09 -2.13
CA LYS A 18 -7.37 -0.36 -1.66
C LYS A 18 -6.27 -0.27 -2.72
N ASP A 19 -6.01 -1.38 -3.41
CA ASP A 19 -4.93 -1.45 -4.43
C ASP A 19 -5.12 -0.38 -5.52
N LYS A 20 -6.33 -0.35 -6.09
CA LYS A 20 -6.68 0.60 -7.16
C LYS A 20 -6.63 2.06 -6.65
N PHE A 21 -7.05 2.26 -5.39
CA PHE A 21 -7.13 3.58 -4.76
C PHE A 21 -5.74 4.16 -4.44
N LEU A 22 -4.88 3.34 -3.83
CA LEU A 22 -3.54 3.72 -3.34
C LEU A 22 -2.62 4.00 -4.53
N LYS A 23 -2.73 3.11 -5.52
CA LYS A 23 -2.06 3.22 -6.83
C LYS A 23 -2.47 4.51 -7.57
N HIS A 24 -3.72 4.97 -7.35
CA HIS A 24 -4.21 6.25 -7.92
C HIS A 24 -3.62 7.42 -7.12
N LEU A 25 -3.67 7.29 -5.78
CA LEU A 25 -3.29 8.34 -4.81
C LEU A 25 -1.79 8.70 -4.89
N THR A 26 -0.98 7.71 -5.29
CA THR A 26 0.48 7.85 -5.36
C THR A 26 0.96 7.97 -6.81
N GLY A 27 0.32 7.20 -7.70
CA GLY A 27 0.82 6.95 -9.06
C GLY A 27 1.47 5.57 -9.17
N PRO A 28 2.32 5.30 -10.22
CA PRO A 28 3.00 3.99 -10.42
C PRO A 28 3.96 3.60 -9.25
N LEU A 29 3.56 2.59 -8.46
CA LEU A 29 4.42 1.96 -7.42
C LEU A 29 4.86 0.55 -7.85
N TYR A 30 4.71 0.24 -9.17
CA TYR A 30 4.84 -1.12 -9.77
C TYR A 30 6.13 -1.91 -9.39
N PHE A 31 7.12 -1.23 -8.79
CA PHE A 31 8.28 -1.82 -8.05
C PHE A 31 9.10 -2.87 -8.86
N SER A 32 9.88 -3.69 -8.14
CA SER A 32 10.77 -4.71 -8.71
C SER A 32 10.73 -6.01 -7.83
N PRO A 33 11.11 -7.21 -8.38
CA PRO A 33 11.30 -8.48 -7.61
C PRO A 33 12.02 -8.34 -6.23
N LYS A 34 13.03 -7.45 -6.15
CA LYS A 34 13.75 -7.14 -4.88
C LYS A 34 12.80 -6.48 -3.87
N CYS A 35 11.98 -5.57 -4.39
CA CYS A 35 11.01 -4.79 -3.63
C CYS A 35 9.78 -5.60 -3.27
N SER A 36 9.47 -6.64 -4.05
CA SER A 36 8.21 -7.43 -3.93
C SER A 36 7.96 -7.92 -2.48
N LYS A 37 9.04 -8.30 -1.78
CA LYS A 37 9.02 -8.72 -0.36
C LYS A 37 8.71 -7.53 0.56
N HIS A 38 9.44 -6.42 0.31
CA HIS A 38 9.31 -5.17 1.10
C HIS A 38 7.89 -4.58 0.98
N PHE A 39 7.33 -4.64 -0.24
CA PHE A 39 5.98 -4.13 -0.55
C PHE A 39 4.96 -5.06 0.09
N HIS A 40 5.19 -6.39 -0.01
CA HIS A 40 4.31 -7.42 0.58
C HIS A 40 4.12 -7.18 2.09
N ARG A 41 5.21 -6.85 2.80
CA ARG A 41 5.16 -6.60 4.26
C ARG A 41 4.54 -5.22 4.57
N LEU A 42 4.92 -4.20 3.78
CA LEU A 42 4.40 -2.83 3.93
C LEU A 42 2.95 -2.69 3.41
N TYR A 43 2.42 -3.74 2.76
CA TYR A 43 1.05 -3.76 2.25
C TYR A 43 0.14 -4.68 3.10
N HIS A 44 0.68 -5.82 3.57
CA HIS A 44 -0.14 -6.88 4.21
C HIS A 44 0.00 -6.86 5.75
N ASN A 45 1.18 -6.47 6.26
CA ASN A 45 1.50 -6.57 7.70
C ASN A 45 1.21 -5.25 8.43
N THR A 46 1.37 -4.12 7.73
CA THR A 46 1.18 -2.79 8.31
C THR A 46 -0.30 -2.46 8.45
N ARG A 47 -0.70 -2.01 9.65
CA ARG A 47 -2.11 -1.73 9.98
C ARG A 47 -2.70 -0.61 9.12
N ASP A 48 -1.84 0.23 8.54
CA ASP A 48 -2.25 1.34 7.69
C ASP A 48 -2.85 0.84 6.37
N CYS A 49 -2.29 -0.24 5.83
CA CYS A 49 -2.72 -0.84 4.56
C CYS A 49 -3.78 -1.93 4.76
N THR A 50 -3.81 -2.52 5.97
CA THR A 50 -4.84 -3.52 6.33
C THR A 50 -6.20 -2.82 6.57
N ILE A 51 -6.14 -1.69 7.29
CA ILE A 51 -7.31 -0.89 7.63
C ILE A 51 -7.50 0.18 6.53
N PRO A 52 -8.62 0.11 5.75
CA PRO A 52 -8.84 0.99 4.57
C PRO A 52 -8.99 2.48 4.94
N ALA A 53 -9.20 2.75 6.24
CA ALA A 53 -9.26 4.11 6.81
C ALA A 53 -7.93 4.86 6.59
N TYR A 54 -6.79 4.17 6.82
CA TYR A 54 -5.44 4.78 6.78
C TYR A 54 -4.85 4.72 5.36
N TYR A 55 -5.60 5.28 4.40
CA TYR A 55 -5.23 5.28 2.98
C TYR A 55 -3.99 6.16 2.72
N LYS A 56 -3.99 7.36 3.30
CA LYS A 56 -2.90 8.35 3.11
C LYS A 56 -1.61 7.86 3.79
N ARG A 57 -1.78 7.25 4.98
CA ARG A 57 -0.67 6.71 5.78
C ARG A 57 0.03 5.59 4.99
N CYS A 58 -0.80 4.62 4.53
CA CYS A 58 -0.35 3.49 3.69
C CYS A 58 0.32 3.96 2.40
N ALA A 59 -0.28 4.98 1.78
CA ALA A 59 0.16 5.51 0.48
C ALA A 59 1.59 6.08 0.57
N ARG A 60 1.84 6.92 1.58
CA ARG A 60 3.14 7.57 1.83
C ARG A 60 4.21 6.52 2.20
N LEU A 61 3.79 5.54 3.03
CA LEU A 61 4.63 4.44 3.53
C LEU A 61 5.08 3.51 2.39
N LEU A 62 4.22 3.34 1.37
CA LEU A 62 4.54 2.59 0.14
C LEU A 62 5.43 3.44 -0.79
N THR A 63 5.08 4.74 -0.95
CA THR A 63 5.77 5.65 -1.90
C THR A 63 7.27 5.72 -1.59
N ARG A 64 7.59 5.99 -0.30
CA ARG A 64 8.99 6.09 0.18
C ARG A 64 9.80 4.83 -0.12
N LEU A 65 9.09 3.68 -0.20
CA LEU A 65 9.69 2.40 -0.56
C LEU A 65 9.94 2.40 -2.06
N ALA A 66 8.90 2.73 -2.83
CA ALA A 66 8.86 2.50 -4.28
C ALA A 66 9.92 3.34 -5.00
N VAL A 67 10.16 4.55 -4.46
CA VAL A 67 11.06 5.54 -5.05
C VAL A 67 12.51 5.41 -4.52
N SER A 68 12.71 4.58 -3.47
CA SER A 68 14.07 4.29 -2.93
C SER A 68 14.73 3.19 -3.81
N PRO A 69 16.10 3.15 -3.93
CA PRO A 69 16.82 2.34 -4.97
C PRO A 69 16.60 0.81 -4.83
N VAL A 70 16.22 0.32 -3.64
CA VAL A 70 15.93 -1.12 -3.40
C VAL A 70 14.70 -1.57 -4.23
N CYS A 71 13.80 -0.61 -4.49
CA CYS A 71 12.49 -0.85 -5.11
C CYS A 71 12.36 -0.19 -6.49
N MET A 72 13.08 0.93 -6.67
CA MET A 72 13.09 1.67 -7.93
C MET A 72 14.30 1.20 -8.75
N GLU A 73 14.08 0.94 -10.05
CA GLU A 73 15.15 0.53 -10.98
C GLU A 73 16.23 1.64 -11.11
N ASP A 74 15.78 2.90 -10.97
CA ASP A 74 16.66 4.07 -10.91
C ASP A 74 17.26 4.19 -9.49
N LYS A 75 18.60 4.06 -9.40
CA LYS A 75 19.34 4.18 -8.14
C LYS A 75 19.54 5.65 -7.79
N GLN A 76 19.35 5.96 -6.51
CA GLN A 76 19.47 7.31 -5.96
C GLN A 76 20.20 7.25 -4.60
N GLY A 1 -17.09 2.92 5.23
CA GLY A 1 -17.67 3.39 3.96
C GLY A 1 -18.08 2.21 3.09
N PRO A 2 -17.39 1.94 1.93
CA PRO A 2 -17.58 0.69 1.14
C PRO A 2 -17.12 -0.53 1.95
N SER A 3 -16.01 -0.33 2.67
CA SER A 3 -15.44 -1.25 3.63
C SER A 3 -15.87 -0.87 5.08
N PRO A 4 -15.78 -1.80 6.09
CA PRO A 4 -15.99 -1.46 7.53
C PRO A 4 -14.72 -0.86 8.21
N GLU A 5 -14.73 0.47 8.44
CA GLU A 5 -13.74 1.14 9.33
C GLU A 5 -14.21 0.98 10.79
N GLN A 6 -15.35 1.64 11.10
CA GLN A 6 -15.91 1.71 12.46
C GLN A 6 -16.95 0.60 12.69
N ARG A 7 -16.46 -0.64 12.75
CA ARG A 7 -17.28 -1.84 12.96
C ARG A 7 -16.37 -3.01 13.36
N VAL A 8 -15.54 -3.44 12.42
CA VAL A 8 -14.52 -4.47 12.62
C VAL A 8 -13.65 -4.53 11.35
N GLU A 9 -12.33 -4.66 11.53
CA GLU A 9 -11.36 -4.45 10.47
C GLU A 9 -11.02 -5.77 9.74
N ILE A 10 -11.87 -6.80 9.92
CA ILE A 10 -11.77 -8.05 9.14
C ILE A 10 -12.38 -7.84 7.73
N VAL A 11 -11.78 -6.92 7.00
CA VAL A 11 -12.29 -6.41 5.74
C VAL A 11 -12.02 -7.43 4.63
N PRO A 12 -13.09 -7.94 3.91
CA PRO A 12 -12.96 -8.82 2.72
C PRO A 12 -12.09 -8.22 1.60
N ARG A 13 -11.95 -8.99 0.51
CA ARG A 13 -11.21 -8.60 -0.72
C ARG A 13 -11.67 -7.21 -1.32
N ASP A 14 -12.73 -6.60 -0.74
CA ASP A 14 -13.16 -5.21 -1.00
C ASP A 14 -12.09 -4.16 -0.58
N LEU A 15 -10.94 -4.63 -0.02
CA LEU A 15 -9.67 -3.86 0.04
C LEU A 15 -9.07 -3.65 -1.37
N ARG A 16 -9.71 -4.24 -2.39
CA ARG A 16 -9.52 -3.88 -3.81
C ARG A 16 -9.74 -2.37 -3.98
N MET A 17 -10.78 -1.84 -3.28
CA MET A 17 -11.09 -0.40 -3.21
C MET A 17 -9.88 0.38 -2.66
N LYS A 18 -9.30 -0.15 -1.56
CA LYS A 18 -8.07 0.39 -0.95
C LYS A 18 -6.95 0.46 -2.01
N ASP A 19 -6.64 -0.69 -2.63
CA ASP A 19 -5.49 -0.86 -3.54
C ASP A 19 -5.58 0.08 -4.76
N LYS A 20 -6.80 0.22 -5.30
CA LYS A 20 -7.07 1.07 -6.47
C LYS A 20 -7.02 2.55 -6.08
N PHE A 21 -7.32 2.85 -4.80
CA PHE A 21 -7.18 4.21 -4.24
C PHE A 21 -5.68 4.54 -4.09
N LEU A 22 -4.89 3.57 -3.59
CA LEU A 22 -3.45 3.74 -3.31
C LEU A 22 -2.71 4.05 -4.60
N LYS A 23 -2.84 3.15 -5.57
CA LYS A 23 -2.18 3.23 -6.88
C LYS A 23 -2.63 4.48 -7.66
N HIS A 24 -3.87 4.93 -7.43
CA HIS A 24 -4.40 6.18 -8.05
C HIS A 24 -3.82 7.43 -7.36
N LEU A 25 -3.65 7.34 -6.03
CA LEU A 25 -3.18 8.45 -5.17
C LEU A 25 -1.69 8.74 -5.40
N THR A 26 -0.94 7.67 -5.66
CA THR A 26 0.52 7.69 -5.71
C THR A 26 1.05 7.66 -7.15
N GLY A 27 0.35 6.89 -8.01
CA GLY A 27 0.80 6.62 -9.38
C GLY A 27 1.47 5.25 -9.48
N PRO A 28 2.47 5.06 -10.41
CA PRO A 28 3.19 3.78 -10.58
C PRO A 28 4.06 3.39 -9.35
N LEU A 29 3.65 2.34 -8.63
CA LEU A 29 4.40 1.78 -7.47
C LEU A 29 5.03 0.41 -7.81
N TYR A 30 5.12 0.08 -9.12
CA TYR A 30 5.49 -1.27 -9.65
C TYR A 30 6.75 -1.92 -9.00
N PHE A 31 7.63 -1.10 -8.40
CA PHE A 31 8.80 -1.53 -7.58
C PHE A 31 9.73 -2.57 -8.31
N SER A 32 10.55 -3.32 -7.53
CA SER A 32 11.52 -4.32 -8.04
C SER A 32 11.35 -5.69 -7.32
N PRO A 33 11.74 -6.85 -7.96
CA PRO A 33 11.81 -8.18 -7.26
C PRO A 33 12.66 -8.20 -5.96
N LYS A 34 13.43 -7.11 -5.71
CA LYS A 34 14.11 -6.88 -4.43
C LYS A 34 13.11 -6.34 -3.39
N CYS A 35 12.22 -5.46 -3.87
CA CYS A 35 11.16 -4.85 -3.05
C CYS A 35 9.92 -5.72 -2.95
N SER A 36 9.81 -6.81 -3.75
CA SER A 36 8.64 -7.73 -3.68
C SER A 36 8.35 -8.16 -2.22
N LYS A 37 9.43 -8.55 -1.52
CA LYS A 37 9.42 -8.86 -0.08
C LYS A 37 8.89 -7.68 0.75
N HIS A 38 9.54 -6.52 0.57
CA HIS A 38 9.34 -5.33 1.40
C HIS A 38 7.92 -4.74 1.27
N PHE A 39 7.50 -4.55 0.01
CA PHE A 39 6.16 -4.05 -0.36
C PHE A 39 5.08 -4.98 0.16
N HIS A 40 5.25 -6.30 -0.09
CA HIS A 40 4.24 -7.30 0.28
C HIS A 40 4.01 -7.31 1.80
N ARG A 41 5.10 -7.28 2.57
CA ARG A 41 5.03 -7.36 4.04
C ARG A 41 4.51 -6.04 4.64
N LEU A 42 4.84 -4.89 4.02
CA LEU A 42 4.30 -3.58 4.42
C LEU A 42 2.78 -3.54 4.17
N TYR A 43 2.38 -4.05 3.00
CA TYR A 43 0.98 -4.03 2.55
C TYR A 43 0.10 -5.01 3.38
N HIS A 44 0.68 -6.15 3.78
CA HIS A 44 -0.09 -7.22 4.46
C HIS A 44 -0.05 -7.09 5.99
N ASN A 45 1.05 -6.54 6.55
CA ASN A 45 1.28 -6.56 8.02
C ASN A 45 0.85 -5.25 8.70
N THR A 46 1.09 -4.08 8.06
CA THR A 46 0.87 -2.78 8.74
C THR A 46 -0.63 -2.42 8.76
N ARG A 47 -1.04 -1.75 9.86
CA ARG A 47 -2.43 -1.28 10.07
C ARG A 47 -2.86 -0.27 9.00
N ASP A 48 -1.86 0.37 8.37
CA ASP A 48 -2.04 1.34 7.31
C ASP A 48 -2.85 0.75 6.14
N CYS A 49 -2.38 -0.39 5.63
CA CYS A 49 -2.95 -1.02 4.41
C CYS A 49 -4.11 -1.99 4.73
N THR A 50 -4.11 -2.56 5.94
CA THR A 50 -5.15 -3.53 6.34
C THR A 50 -6.43 -2.82 6.81
N ILE A 51 -6.30 -1.79 7.67
CA ILE A 51 -7.44 -0.94 8.10
C ILE A 51 -7.76 0.05 6.96
N PRO A 52 -9.03 0.05 6.44
CA PRO A 52 -9.42 0.84 5.25
C PRO A 52 -9.46 2.37 5.50
N ALA A 53 -9.43 2.76 6.79
CA ALA A 53 -9.40 4.18 7.21
C ALA A 53 -8.05 4.84 6.84
N TYR A 54 -6.96 4.07 6.95
CA TYR A 54 -5.58 4.59 6.79
C TYR A 54 -5.09 4.46 5.32
N TYR A 55 -5.94 4.92 4.39
CA TYR A 55 -5.67 4.84 2.93
C TYR A 55 -4.39 5.61 2.54
N LYS A 56 -4.30 6.86 2.98
CA LYS A 56 -3.22 7.79 2.60
C LYS A 56 -1.90 7.39 3.27
N ARG A 57 -2.05 6.82 4.47
CA ARG A 57 -0.93 6.36 5.32
C ARG A 57 -0.25 5.16 4.65
N CYS A 58 -1.08 4.21 4.17
CA CYS A 58 -0.63 3.06 3.38
C CYS A 58 0.01 3.49 2.08
N ALA A 59 -0.63 4.47 1.43
CA ALA A 59 -0.22 4.98 0.13
C ALA A 59 1.22 5.52 0.18
N ARG A 60 1.52 6.34 1.21
CA ARG A 60 2.85 6.97 1.39
C ARG A 60 3.86 5.98 1.97
N LEU A 61 3.35 4.98 2.70
CA LEU A 61 4.16 3.86 3.21
C LEU A 61 4.69 2.99 2.05
N LEU A 62 3.87 2.83 1.01
CA LEU A 62 4.26 2.13 -0.22
C LEU A 62 5.15 3.06 -1.09
N THR A 63 4.71 4.33 -1.27
CA THR A 63 5.39 5.32 -2.16
C THR A 63 6.88 5.47 -1.78
N ARG A 64 7.10 5.77 -0.49
CA ARG A 64 8.45 6.00 0.07
C ARG A 64 9.41 4.84 -0.24
N LEU A 65 8.84 3.63 -0.39
CA LEU A 65 9.57 2.41 -0.69
C LEU A 65 9.75 2.28 -2.22
N ALA A 66 8.66 2.52 -2.95
CA ALA A 66 8.56 2.21 -4.39
C ALA A 66 9.38 3.19 -5.25
N VAL A 67 9.79 4.30 -4.62
CA VAL A 67 10.63 5.33 -5.24
C VAL A 67 12.12 5.16 -4.85
N SER A 68 12.38 4.37 -3.77
CA SER A 68 13.75 4.09 -3.26
C SER A 68 14.57 3.24 -4.27
N PRO A 69 15.95 3.33 -4.29
CA PRO A 69 16.86 2.54 -5.20
C PRO A 69 16.59 1.02 -5.20
N VAL A 70 16.15 0.47 -4.04
CA VAL A 70 15.80 -0.97 -3.91
C VAL A 70 14.66 -1.37 -4.88
N CYS A 71 13.77 -0.40 -5.16
CA CYS A 71 12.60 -0.58 -6.04
C CYS A 71 12.84 0.05 -7.42
N MET A 72 13.68 1.09 -7.45
CA MET A 72 13.96 1.88 -8.64
C MET A 72 15.08 1.20 -9.45
N GLU A 73 15.06 1.37 -10.79
CA GLU A 73 16.09 0.77 -11.68
C GLU A 73 17.43 1.55 -11.63
N ASP A 74 17.45 2.63 -10.84
CA ASP A 74 18.61 3.52 -10.71
C ASP A 74 18.75 3.96 -9.24
N LYS A 75 19.91 4.54 -8.90
CA LYS A 75 20.22 5.03 -7.55
C LYS A 75 19.83 6.52 -7.43
N GLN A 76 19.09 6.87 -6.36
CA GLN A 76 18.65 8.25 -6.07
C GLN A 76 18.70 8.49 -4.55
N GLY A 1 -17.30 4.41 1.58
CA GLY A 1 -16.50 3.37 0.88
C GLY A 1 -16.99 1.95 1.16
N PRO A 2 -16.60 0.94 0.33
CA PRO A 2 -17.07 -0.47 0.49
C PRO A 2 -16.43 -1.21 1.67
N SER A 3 -15.36 -0.65 2.22
CA SER A 3 -14.59 -1.26 3.31
C SER A 3 -15.03 -0.67 4.68
N PRO A 4 -15.12 -1.52 5.77
CA PRO A 4 -15.31 -1.01 7.15
C PRO A 4 -14.09 -0.18 7.62
N GLU A 5 -14.24 1.15 7.57
CA GLU A 5 -13.20 2.12 7.97
C GLU A 5 -12.96 2.05 9.50
N GLN A 6 -13.89 2.64 10.27
CA GLN A 6 -13.86 2.65 11.75
C GLN A 6 -14.97 1.70 12.24
N ARG A 7 -14.65 0.40 12.25
CA ARG A 7 -15.61 -0.65 12.63
C ARG A 7 -14.85 -1.92 12.97
N VAL A 8 -14.12 -2.45 11.99
CA VAL A 8 -13.32 -3.67 12.14
C VAL A 8 -12.21 -3.68 11.08
N GLU A 9 -11.04 -4.22 11.46
CA GLU A 9 -9.83 -4.23 10.63
C GLU A 9 -9.93 -5.31 9.52
N ILE A 10 -10.83 -6.29 9.73
CA ILE A 10 -11.09 -7.35 8.73
C ILE A 10 -12.02 -6.77 7.66
N VAL A 11 -11.72 -7.03 6.39
CA VAL A 11 -12.52 -6.55 5.24
C VAL A 11 -12.72 -7.70 4.24
N PRO A 12 -13.96 -7.86 3.65
CA PRO A 12 -14.20 -8.75 2.47
C PRO A 12 -13.33 -8.35 1.25
N ARG A 13 -13.46 -9.10 0.13
CA ARG A 13 -12.68 -8.86 -1.13
C ARG A 13 -12.78 -7.40 -1.66
N ASP A 14 -13.74 -6.62 -1.13
CA ASP A 14 -13.92 -5.17 -1.41
C ASP A 14 -12.71 -4.30 -0.96
N LEU A 15 -11.74 -4.92 -0.27
CA LEU A 15 -10.45 -4.28 0.08
C LEU A 15 -9.58 -4.08 -1.19
N ARG A 16 -9.90 -4.83 -2.27
CA ARG A 16 -9.21 -4.70 -3.57
C ARG A 16 -9.56 -3.38 -4.28
N MET A 17 -10.67 -2.74 -3.85
CA MET A 17 -11.04 -1.37 -4.28
C MET A 17 -9.94 -0.39 -3.81
N LYS A 18 -9.33 -0.68 -2.65
CA LYS A 18 -8.22 0.12 -2.11
C LYS A 18 -7.02 0.09 -3.05
N ASP A 19 -6.71 -1.05 -3.66
CA ASP A 19 -5.59 -1.16 -4.64
C ASP A 19 -5.78 -0.14 -5.80
N LYS A 20 -7.05 0.01 -6.23
CA LYS A 20 -7.42 0.93 -7.33
C LYS A 20 -7.21 2.40 -6.92
N PHE A 21 -7.64 2.72 -5.69
CA PHE A 21 -7.60 4.09 -5.14
C PHE A 21 -6.15 4.51 -4.84
N LEU A 22 -5.44 3.64 -4.11
CA LEU A 22 -4.05 3.87 -3.64
C LEU A 22 -3.10 4.02 -4.83
N LYS A 23 -3.31 3.17 -5.86
CA LYS A 23 -2.58 3.25 -7.16
C LYS A 23 -2.77 4.64 -7.81
N HIS A 24 -4.01 5.13 -7.77
CA HIS A 24 -4.37 6.44 -8.37
C HIS A 24 -3.95 7.61 -7.45
N LEU A 25 -3.81 7.32 -6.13
CA LEU A 25 -3.45 8.31 -5.11
C LEU A 25 -1.96 8.65 -5.17
N THR A 26 -1.14 7.66 -5.52
CA THR A 26 0.33 7.79 -5.52
C THR A 26 0.92 7.78 -6.94
N GLY A 27 0.36 6.91 -7.79
CA GLY A 27 0.91 6.60 -9.12
C GLY A 27 1.49 5.18 -9.18
N PRO A 28 2.43 4.89 -10.13
CA PRO A 28 3.03 3.54 -10.28
C PRO A 28 3.98 3.17 -9.10
N LEU A 29 3.52 2.22 -8.25
CA LEU A 29 4.30 1.70 -7.11
C LEU A 29 4.79 0.26 -7.39
N TYR A 30 4.74 -0.13 -8.68
CA TYR A 30 4.96 -1.53 -9.16
C TYR A 30 6.40 -2.07 -8.93
N PHE A 31 7.25 -1.28 -8.23
CA PHE A 31 8.50 -1.73 -7.55
C PHE A 31 9.48 -2.55 -8.42
N SER A 32 10.49 -3.13 -7.76
CA SER A 32 11.44 -4.08 -8.36
C SER A 32 11.22 -5.49 -7.75
N PRO A 33 11.50 -6.60 -8.53
CA PRO A 33 11.36 -8.02 -8.07
C PRO A 33 11.94 -8.29 -6.67
N LYS A 34 13.09 -7.67 -6.36
CA LYS A 34 13.78 -7.83 -5.07
C LYS A 34 12.96 -7.19 -3.94
N CYS A 35 12.46 -5.99 -4.25
CA CYS A 35 11.74 -5.13 -3.31
C CYS A 35 10.29 -5.57 -3.11
N SER A 36 9.83 -6.50 -3.95
CA SER A 36 8.52 -7.18 -3.79
C SER A 36 8.31 -7.74 -2.36
N LYS A 37 9.42 -8.15 -1.73
CA LYS A 37 9.42 -8.62 -0.33
C LYS A 37 8.99 -7.50 0.63
N HIS A 38 9.68 -6.34 0.50
CA HIS A 38 9.39 -5.13 1.30
C HIS A 38 7.93 -4.65 1.12
N PHE A 39 7.47 -4.65 -0.16
CA PHE A 39 6.12 -4.17 -0.53
C PHE A 39 5.02 -5.05 0.10
N HIS A 40 5.18 -6.37 -0.07
CA HIS A 40 4.25 -7.38 0.44
C HIS A 40 4.13 -7.29 1.96
N ARG A 41 5.29 -7.19 2.63
CA ARG A 41 5.37 -7.13 4.09
C ARG A 41 4.77 -5.81 4.65
N LEU A 42 5.06 -4.67 3.99
CA LEU A 42 4.49 -3.37 4.40
C LEU A 42 2.95 -3.35 4.24
N TYR A 43 2.47 -3.91 3.11
CA TYR A 43 1.03 -3.85 2.77
C TYR A 43 0.21 -4.82 3.66
N HIS A 44 0.79 -5.96 4.06
CA HIS A 44 0.06 -6.97 4.87
C HIS A 44 0.24 -6.76 6.40
N ASN A 45 1.39 -6.22 6.83
CA ASN A 45 1.74 -6.17 8.28
C ASN A 45 1.19 -4.92 8.97
N THR A 46 1.47 -3.75 8.38
CA THR A 46 1.38 -2.47 9.09
C THR A 46 -0.07 -2.01 9.25
N ARG A 47 -0.35 -1.31 10.37
CA ARG A 47 -1.66 -0.68 10.71
C ARG A 47 -2.19 0.17 9.54
N ASP A 48 -1.23 0.76 8.83
CA ASP A 48 -1.44 1.68 7.71
C ASP A 48 -2.26 1.01 6.58
N CYS A 49 -1.78 -0.14 6.10
CA CYS A 49 -2.34 -0.82 4.92
C CYS A 49 -3.35 -1.93 5.27
N THR A 50 -3.27 -2.49 6.48
CA THR A 50 -4.25 -3.48 6.96
C THR A 50 -5.63 -2.83 7.06
N ILE A 51 -5.66 -1.66 7.70
CA ILE A 51 -6.87 -0.92 8.00
C ILE A 51 -7.14 0.09 6.87
N PRO A 52 -8.30 -0.02 6.15
CA PRO A 52 -8.65 0.86 5.00
C PRO A 52 -8.82 2.34 5.41
N ALA A 53 -8.99 2.56 6.72
CA ALA A 53 -9.08 3.90 7.33
C ALA A 53 -7.80 4.70 7.10
N TYR A 54 -6.66 4.03 7.23
CA TYR A 54 -5.33 4.64 7.12
C TYR A 54 -4.81 4.50 5.67
N TYR A 55 -5.70 4.69 4.69
CA TYR A 55 -5.38 4.59 3.25
C TYR A 55 -4.27 5.58 2.84
N LYS A 56 -4.32 6.81 3.42
CA LYS A 56 -3.33 7.86 3.15
C LYS A 56 -1.95 7.48 3.72
N ARG A 57 -1.99 6.91 4.94
CA ARG A 57 -0.79 6.39 5.62
C ARG A 57 -0.15 5.28 4.75
N CYS A 58 -1.00 4.32 4.34
CA CYS A 58 -0.62 3.17 3.49
C CYS A 58 0.01 3.63 2.19
N ALA A 59 -0.62 4.63 1.59
CA ALA A 59 -0.22 5.18 0.30
C ALA A 59 1.22 5.73 0.34
N ARG A 60 1.50 6.61 1.33
CA ARG A 60 2.84 7.22 1.49
C ARG A 60 3.88 6.20 2.03
N LEU A 61 3.42 5.20 2.77
CA LEU A 61 4.27 4.12 3.29
C LEU A 61 4.79 3.23 2.15
N LEU A 62 3.92 3.00 1.15
CA LEU A 62 4.29 2.27 -0.06
C LEU A 62 5.18 3.17 -0.95
N THR A 63 4.78 4.45 -1.12
CA THR A 63 5.46 5.42 -2.01
C THR A 63 6.94 5.57 -1.63
N ARG A 64 7.20 5.87 -0.33
CA ARG A 64 8.58 6.06 0.20
C ARG A 64 9.47 4.84 -0.08
N LEU A 65 8.82 3.66 -0.17
CA LEU A 65 9.49 2.41 -0.48
C LEU A 65 9.65 2.26 -2.00
N ALA A 66 8.60 2.63 -2.75
CA ALA A 66 8.51 2.39 -4.20
C ALA A 66 9.50 3.30 -4.97
N VAL A 67 9.88 4.40 -4.31
CA VAL A 67 10.81 5.40 -4.84
C VAL A 67 12.17 5.32 -4.13
N SER A 68 12.38 4.29 -3.26
CA SER A 68 13.70 4.02 -2.63
C SER A 68 14.53 3.12 -3.56
N PRO A 69 15.92 3.16 -3.53
CA PRO A 69 16.81 2.45 -4.50
C PRO A 69 16.58 0.92 -4.66
N VAL A 70 15.83 0.28 -3.73
CA VAL A 70 15.54 -1.19 -3.82
C VAL A 70 14.32 -1.44 -4.74
N CYS A 71 13.26 -0.61 -4.61
CA CYS A 71 12.03 -0.72 -5.45
C CYS A 71 12.18 0.05 -6.76
N MET A 72 13.05 1.06 -6.76
CA MET A 72 13.34 1.86 -7.94
C MET A 72 14.52 1.24 -8.68
N GLU A 73 14.42 1.22 -10.03
CA GLU A 73 15.48 0.68 -10.91
C GLU A 73 16.73 1.57 -10.91
N ASP A 74 16.58 2.80 -10.39
CA ASP A 74 17.64 3.83 -10.39
C ASP A 74 17.88 4.34 -8.95
N LYS A 75 19.04 5.00 -8.75
CA LYS A 75 19.43 5.57 -7.44
C LYS A 75 18.64 6.87 -7.13
N GLN A 76 18.59 7.24 -5.84
CA GLN A 76 17.91 8.47 -5.36
C GLN A 76 18.52 8.93 -4.02
N GLY A 1 -16.64 4.16 1.71
CA GLY A 1 -16.17 3.03 0.88
C GLY A 1 -16.96 1.75 1.11
N PRO A 2 -16.76 0.69 0.24
CA PRO A 2 -17.42 -0.66 0.40
C PRO A 2 -16.96 -1.40 1.68
N SER A 3 -15.81 -0.98 2.20
CA SER A 3 -15.10 -1.61 3.30
C SER A 3 -15.47 -0.96 4.67
N PRO A 4 -15.75 -1.80 5.74
CA PRO A 4 -15.87 -1.30 7.14
C PRO A 4 -14.62 -0.49 7.57
N GLU A 5 -14.78 0.84 7.59
CA GLU A 5 -13.69 1.80 7.84
C GLU A 5 -13.43 1.95 9.35
N GLN A 6 -14.50 2.30 10.09
CA GLN A 6 -14.44 2.54 11.56
C GLN A 6 -15.37 1.57 12.32
N ARG A 7 -16.06 0.70 11.58
CA ARG A 7 -16.96 -0.32 12.15
C ARG A 7 -16.15 -1.38 12.90
N VAL A 8 -15.18 -1.95 12.19
CA VAL A 8 -14.32 -3.04 12.67
C VAL A 8 -13.12 -3.14 11.72
N GLU A 9 -11.96 -3.59 12.23
CA GLU A 9 -10.72 -3.75 11.43
C GLU A 9 -10.86 -4.85 10.37
N ILE A 10 -11.78 -5.82 10.60
CA ILE A 10 -12.04 -6.91 9.66
C ILE A 10 -12.91 -6.41 8.50
N VAL A 11 -12.51 -6.75 7.27
CA VAL A 11 -13.17 -6.29 6.03
C VAL A 11 -13.32 -7.49 5.08
N PRO A 12 -14.47 -7.62 4.33
CA PRO A 12 -14.63 -8.57 3.19
C PRO A 12 -13.55 -8.42 2.07
N ARG A 13 -13.64 -9.31 1.06
CA ARG A 13 -12.78 -9.29 -0.16
C ARG A 13 -12.84 -7.93 -0.94
N ASP A 14 -13.82 -7.08 -0.58
CA ASP A 14 -13.96 -5.70 -1.10
C ASP A 14 -12.82 -4.78 -0.60
N LEU A 15 -11.93 -5.30 0.27
CA LEU A 15 -10.75 -4.57 0.77
C LEU A 15 -9.79 -4.22 -0.37
N ARG A 16 -9.76 -5.03 -1.44
CA ARG A 16 -8.84 -4.84 -2.60
C ARG A 16 -9.12 -3.51 -3.35
N MET A 17 -10.27 -2.85 -3.02
CA MET A 17 -10.56 -1.45 -3.42
C MET A 17 -9.35 -0.55 -3.08
N LYS A 18 -8.74 -0.84 -1.91
CA LYS A 18 -7.48 -0.23 -1.42
C LYS A 18 -6.42 -0.13 -2.54
N ASP A 19 -6.13 -1.26 -3.21
CA ASP A 19 -5.07 -1.37 -4.24
C ASP A 19 -5.09 -0.19 -5.26
N LYS A 20 -6.23 -0.01 -5.92
CA LYS A 20 -6.42 1.03 -6.96
C LYS A 20 -6.62 2.42 -6.34
N PHE A 21 -7.05 2.47 -5.09
CA PHE A 21 -7.30 3.73 -4.35
C PHE A 21 -5.96 4.41 -3.95
N LEU A 22 -5.01 3.57 -3.55
CA LEU A 22 -3.63 3.97 -3.21
C LEU A 22 -2.89 4.33 -4.49
N LYS A 23 -3.00 3.42 -5.47
CA LYS A 23 -2.39 3.54 -6.82
C LYS A 23 -2.90 4.78 -7.56
N HIS A 24 -4.11 5.24 -7.22
CA HIS A 24 -4.70 6.51 -7.71
C HIS A 24 -3.95 7.72 -7.09
N LEU A 25 -3.76 7.66 -5.77
CA LEU A 25 -3.14 8.74 -4.97
C LEU A 25 -1.63 8.89 -5.29
N THR A 26 -0.98 7.77 -5.65
CA THR A 26 0.48 7.70 -5.78
C THR A 26 0.95 7.69 -7.25
N GLY A 27 0.20 6.97 -8.09
CA GLY A 27 0.60 6.69 -9.47
C GLY A 27 1.35 5.36 -9.58
N PRO A 28 2.31 5.22 -10.56
CA PRO A 28 3.10 3.99 -10.76
C PRO A 28 4.04 3.66 -9.56
N LEU A 29 3.72 2.60 -8.81
CA LEU A 29 4.54 2.10 -7.69
C LEU A 29 5.23 0.76 -8.02
N TYR A 30 5.31 0.42 -9.33
CA TYR A 30 5.69 -0.94 -9.83
C TYR A 30 7.02 -1.52 -9.27
N PHE A 31 7.77 -0.74 -8.47
CA PHE A 31 8.88 -1.22 -7.58
C PHE A 31 9.91 -2.14 -8.31
N SER A 32 10.46 -3.16 -7.59
CA SER A 32 11.37 -4.18 -8.14
C SER A 32 11.01 -5.58 -7.59
N PRO A 33 11.41 -6.71 -8.27
CA PRO A 33 11.33 -8.10 -7.69
C PRO A 33 11.90 -8.21 -6.24
N LYS A 34 12.88 -7.34 -5.92
CA LYS A 34 13.47 -7.22 -4.58
C LYS A 34 12.46 -6.56 -3.61
N CYS A 35 11.88 -5.45 -4.06
CA CYS A 35 10.88 -4.68 -3.30
C CYS A 35 9.53 -5.38 -3.22
N SER A 36 9.31 -6.41 -4.05
CA SER A 36 8.06 -7.20 -4.06
C SER A 36 7.82 -7.83 -2.67
N LYS A 37 8.92 -8.29 -2.06
CA LYS A 37 8.93 -8.85 -0.69
C LYS A 37 8.47 -7.77 0.30
N HIS A 38 9.14 -6.61 0.21
CA HIS A 38 8.97 -5.48 1.14
C HIS A 38 7.57 -4.83 0.97
N PHE A 39 7.01 -4.95 -0.24
CA PHE A 39 5.68 -4.39 -0.59
C PHE A 39 4.60 -5.26 0.04
N HIS A 40 4.76 -6.59 -0.11
CA HIS A 40 3.84 -7.59 0.48
C HIS A 40 3.81 -7.46 2.01
N ARG A 41 5.02 -7.32 2.59
CA ARG A 41 5.20 -7.15 4.06
C ARG A 41 4.50 -5.87 4.55
N LEU A 42 4.91 -4.71 4.00
CA LEU A 42 4.35 -3.38 4.38
C LEU A 42 2.81 -3.32 4.17
N TYR A 43 2.30 -4.03 3.15
CA TYR A 43 0.86 -4.02 2.82
C TYR A 43 0.05 -4.91 3.80
N HIS A 44 0.64 -6.04 4.20
CA HIS A 44 -0.06 -7.06 5.03
C HIS A 44 0.21 -6.89 6.55
N ASN A 45 1.31 -6.22 6.92
CA ASN A 45 1.76 -6.15 8.33
C ASN A 45 1.24 -4.89 9.02
N THR A 46 1.33 -3.74 8.33
CA THR A 46 0.99 -2.44 8.91
C THR A 46 -0.52 -2.21 8.86
N ARG A 47 -1.08 -1.60 9.93
CA ARG A 47 -2.51 -1.27 10.02
C ARG A 47 -2.92 -0.23 8.96
N ASP A 48 -1.92 0.49 8.44
CA ASP A 48 -2.08 1.50 7.40
C ASP A 48 -2.75 0.90 6.15
N CYS A 49 -2.24 -0.25 5.71
CA CYS A 49 -2.65 -0.89 4.46
C CYS A 49 -3.72 -1.98 4.65
N THR A 50 -3.74 -2.63 5.82
CA THR A 50 -4.76 -3.63 6.15
C THR A 50 -6.14 -2.96 6.33
N ILE A 51 -6.15 -1.90 7.16
CA ILE A 51 -7.38 -1.15 7.51
C ILE A 51 -7.61 -0.05 6.44
N PRO A 52 -8.84 0.01 5.84
CA PRO A 52 -9.16 0.95 4.74
C PRO A 52 -9.19 2.44 5.17
N ALA A 53 -9.24 2.67 6.49
CA ALA A 53 -9.24 4.01 7.11
C ALA A 53 -7.93 4.77 6.83
N TYR A 54 -6.79 4.08 6.99
CA TYR A 54 -5.45 4.70 6.98
C TYR A 54 -4.81 4.70 5.57
N TYR A 55 -5.63 4.99 4.55
CA TYR A 55 -5.24 4.93 3.12
C TYR A 55 -4.07 5.88 2.78
N LYS A 56 -4.08 7.08 3.37
CA LYS A 56 -3.10 8.15 3.05
C LYS A 56 -1.68 7.74 3.51
N ARG A 57 -1.62 7.11 4.68
CA ARG A 57 -0.37 6.67 5.30
C ARG A 57 0.14 5.39 4.63
N CYS A 58 -0.80 4.53 4.18
CA CYS A 58 -0.48 3.32 3.39
C CYS A 58 0.13 3.69 2.04
N ALA A 59 -0.53 4.64 1.38
CA ALA A 59 -0.12 5.13 0.06
C ALA A 59 1.28 5.75 0.12
N ARG A 60 1.51 6.53 1.19
CA ARG A 60 2.81 7.16 1.47
C ARG A 60 3.89 6.08 1.77
N LEU A 61 3.50 5.05 2.54
CA LEU A 61 4.41 3.96 2.97
C LEU A 61 4.88 3.10 1.77
N LEU A 62 3.98 2.92 0.79
CA LEU A 62 4.29 2.22 -0.46
C LEU A 62 5.21 3.10 -1.34
N THR A 63 4.83 4.40 -1.48
CA THR A 63 5.57 5.39 -2.29
C THR A 63 7.04 5.46 -1.85
N ARG A 64 7.25 5.69 -0.54
CA ARG A 64 8.59 5.86 0.06
C ARG A 64 9.45 4.60 -0.10
N LEU A 65 8.80 3.45 -0.37
CA LEU A 65 9.48 2.19 -0.67
C LEU A 65 9.87 2.17 -2.16
N ALA A 66 8.89 2.54 -3.00
CA ALA A 66 8.95 2.36 -4.47
C ALA A 66 9.89 3.38 -5.13
N VAL A 67 10.25 4.43 -4.38
CA VAL A 67 11.14 5.51 -4.85
C VAL A 67 12.53 5.42 -4.18
N SER A 68 12.77 4.34 -3.41
CA SER A 68 14.08 4.06 -2.79
C SER A 68 15.01 3.29 -3.76
N PRO A 69 16.38 3.38 -3.59
CA PRO A 69 17.38 2.60 -4.38
C PRO A 69 17.15 1.06 -4.39
N VAL A 70 16.39 0.53 -3.39
CA VAL A 70 16.00 -0.90 -3.36
C VAL A 70 15.09 -1.24 -4.55
N CYS A 71 14.18 -0.30 -4.88
CA CYS A 71 13.21 -0.46 -5.97
C CYS A 71 13.71 0.15 -7.28
N MET A 72 14.54 1.20 -7.16
CA MET A 72 14.98 2.04 -8.29
C MET A 72 16.47 1.76 -8.56
N GLU A 73 16.80 1.38 -9.82
CA GLU A 73 18.17 0.99 -10.22
C GLU A 73 19.16 2.17 -10.10
N ASP A 74 18.69 3.40 -10.36
CA ASP A 74 19.53 4.61 -10.24
C ASP A 74 19.52 5.14 -8.80
N LYS A 75 20.56 5.92 -8.45
CA LYS A 75 20.76 6.45 -7.09
C LYS A 75 19.74 7.55 -6.74
N GLN A 76 19.39 7.66 -5.46
CA GLN A 76 18.47 8.69 -4.94
C GLN A 76 19.22 9.58 -3.93
N GLY A 1 -18.74 2.32 3.51
CA GLY A 1 -17.90 1.88 2.38
C GLY A 1 -17.69 0.38 2.38
N PRO A 2 -17.03 -0.19 1.31
CA PRO A 2 -16.71 -1.66 1.22
C PRO A 2 -15.68 -2.11 2.29
N SER A 3 -14.99 -1.12 2.88
CA SER A 3 -14.06 -1.30 4.00
C SER A 3 -14.80 -1.03 5.35
N PRO A 4 -14.35 -1.65 6.50
CA PRO A 4 -14.91 -1.37 7.85
C PRO A 4 -14.63 0.09 8.26
N GLU A 5 -15.69 0.91 8.34
CA GLU A 5 -15.59 2.32 8.78
C GLU A 5 -15.24 2.34 10.29
N GLN A 6 -16.18 1.83 11.12
CA GLN A 6 -15.98 1.64 12.57
C GLN A 6 -16.48 0.23 12.93
N ARG A 7 -15.57 -0.76 12.85
CA ARG A 7 -15.93 -2.19 12.98
C ARG A 7 -14.66 -3.03 13.24
N VAL A 8 -14.85 -4.35 13.49
CA VAL A 8 -13.77 -5.35 13.48
C VAL A 8 -12.97 -5.28 12.15
N GLU A 9 -11.66 -5.53 12.23
CA GLU A 9 -10.68 -5.27 11.15
C GLU A 9 -10.75 -6.30 10.00
N ILE A 10 -11.80 -7.13 9.96
CA ILE A 10 -12.03 -8.07 8.85
C ILE A 10 -12.82 -7.36 7.72
N VAL A 11 -12.33 -7.51 6.49
CA VAL A 11 -12.90 -6.86 5.28
C VAL A 11 -12.99 -7.90 4.15
N PRO A 12 -14.15 -7.97 3.41
CA PRO A 12 -14.32 -8.85 2.22
C PRO A 12 -13.35 -8.52 1.07
N ARG A 13 -13.42 -9.31 -0.01
CA ARG A 13 -12.59 -9.14 -1.24
C ARG A 13 -12.72 -7.72 -1.86
N ASP A 14 -13.70 -6.95 -1.37
CA ASP A 14 -13.94 -5.54 -1.71
C ASP A 14 -12.79 -4.61 -1.21
N LEU A 15 -11.79 -5.20 -0.49
CA LEU A 15 -10.55 -4.51 -0.10
C LEU A 15 -9.69 -4.19 -1.34
N ARG A 16 -9.87 -4.99 -2.40
CA ARG A 16 -9.12 -4.85 -3.67
C ARG A 16 -9.54 -3.56 -4.43
N MET A 17 -10.66 -2.94 -3.97
CA MET A 17 -11.09 -1.60 -4.42
C MET A 17 -10.06 -0.56 -3.95
N LYS A 18 -9.48 -0.78 -2.75
CA LYS A 18 -8.44 0.11 -2.20
C LYS A 18 -7.20 0.11 -3.09
N ASP A 19 -6.83 -1.03 -3.68
CA ASP A 19 -5.71 -1.11 -4.65
C ASP A 19 -5.95 -0.13 -5.83
N LYS A 20 -7.19 -0.15 -6.35
CA LYS A 20 -7.66 0.74 -7.42
C LYS A 20 -7.52 2.24 -7.03
N PHE A 21 -7.95 2.54 -5.81
CA PHE A 21 -8.00 3.93 -5.29
C PHE A 21 -6.58 4.49 -5.02
N LEU A 22 -5.79 3.71 -4.26
CA LEU A 22 -4.42 4.05 -3.84
C LEU A 22 -3.51 4.21 -5.06
N LYS A 23 -3.77 3.37 -6.10
CA LYS A 23 -3.06 3.39 -7.40
C LYS A 23 -3.01 4.81 -8.00
N HIS A 24 -4.14 5.53 -7.85
CA HIS A 24 -4.27 6.93 -8.31
C HIS A 24 -3.42 7.87 -7.42
N LEU A 25 -3.59 7.70 -6.09
CA LEU A 25 -3.00 8.58 -5.06
C LEU A 25 -1.46 8.53 -5.05
N THR A 26 -0.91 7.38 -5.42
CA THR A 26 0.52 7.09 -5.28
C THR A 26 1.31 7.25 -6.60
N GLY A 27 0.67 6.89 -7.72
CA GLY A 27 1.36 6.79 -9.01
C GLY A 27 1.98 5.40 -9.21
N PRO A 28 2.92 5.20 -10.19
CA PRO A 28 3.51 3.87 -10.49
C PRO A 28 4.47 3.39 -9.37
N LEU A 29 4.04 2.36 -8.61
CA LEU A 29 4.83 1.79 -7.49
C LEU A 29 5.36 0.39 -7.83
N TYR A 30 5.33 0.04 -9.15
CA TYR A 30 5.55 -1.34 -9.68
C TYR A 30 6.88 -2.03 -9.26
N PHE A 31 7.76 -1.30 -8.53
CA PHE A 31 8.90 -1.87 -7.73
C PHE A 31 9.83 -2.81 -8.53
N SER A 32 10.52 -3.72 -7.83
CA SER A 32 11.36 -4.78 -8.42
C SER A 32 11.05 -6.13 -7.70
N PRO A 33 11.36 -7.32 -8.34
CA PRO A 33 11.23 -8.66 -7.68
C PRO A 33 11.88 -8.71 -6.27
N LYS A 34 13.04 -8.03 -6.16
CA LYS A 34 13.80 -7.90 -4.90
C LYS A 34 12.97 -7.19 -3.82
N CYS A 35 12.32 -6.10 -4.24
CA CYS A 35 11.61 -5.18 -3.35
C CYS A 35 10.12 -5.54 -3.23
N SER A 36 9.68 -6.58 -3.98
CA SER A 36 8.31 -7.13 -3.90
C SER A 36 7.99 -7.62 -2.48
N LYS A 37 9.03 -8.18 -1.85
CA LYS A 37 8.99 -8.65 -0.46
C LYS A 37 8.60 -7.49 0.46
N HIS A 38 9.28 -6.34 0.28
CA HIS A 38 9.07 -5.13 1.06
C HIS A 38 7.66 -4.55 0.85
N PHE A 39 7.24 -4.46 -0.43
CA PHE A 39 5.96 -3.82 -0.83
C PHE A 39 4.77 -4.56 -0.22
N HIS A 40 4.71 -5.88 -0.45
CA HIS A 40 3.61 -6.71 0.02
C HIS A 40 3.62 -6.81 1.55
N ARG A 41 4.84 -6.87 2.16
CA ARG A 41 4.99 -6.90 3.62
C ARG A 41 4.36 -5.65 4.26
N LEU A 42 4.83 -4.46 3.83
CA LEU A 42 4.32 -3.17 4.34
C LEU A 42 2.80 -3.04 4.09
N TYR A 43 2.35 -3.42 2.87
CA TYR A 43 0.93 -3.32 2.47
C TYR A 43 0.03 -4.29 3.27
N HIS A 44 0.59 -5.41 3.75
CA HIS A 44 -0.20 -6.45 4.45
C HIS A 44 -0.05 -6.43 6.00
N ASN A 45 1.08 -5.89 6.50
CA ASN A 45 1.51 -6.08 7.91
C ASN A 45 1.32 -4.83 8.77
N THR A 46 1.54 -3.63 8.20
CA THR A 46 1.60 -2.38 9.00
C THR A 46 0.20 -1.90 9.40
N ARG A 47 0.13 -1.12 10.49
CA ARG A 47 -1.12 -0.70 11.15
C ARG A 47 -2.03 0.08 10.17
N ASP A 48 -1.41 0.94 9.39
CA ASP A 48 -2.11 1.83 8.46
C ASP A 48 -2.62 1.10 7.21
N CYS A 49 -2.04 -0.07 6.93
CA CYS A 49 -2.43 -0.91 5.79
C CYS A 49 -3.36 -2.07 6.22
N THR A 50 -3.36 -2.39 7.54
CA THR A 50 -4.25 -3.45 8.09
C THR A 50 -5.63 -2.87 8.40
N ILE A 51 -5.69 -1.60 8.83
CA ILE A 51 -6.95 -0.85 8.84
C ILE A 51 -7.02 -0.04 7.51
N PRO A 52 -7.93 -0.44 6.55
CA PRO A 52 -8.06 0.24 5.21
C PRO A 52 -8.51 1.71 5.30
N ALA A 53 -9.00 2.11 6.49
CA ALA A 53 -9.42 3.50 6.77
C ALA A 53 -8.21 4.45 6.74
N TYR A 54 -7.01 3.91 7.09
CA TYR A 54 -5.73 4.67 7.06
C TYR A 54 -5.02 4.52 5.71
N TYR A 55 -5.85 4.56 4.64
CA TYR A 55 -5.45 4.33 3.25
C TYR A 55 -4.28 5.25 2.82
N LYS A 56 -4.32 6.52 3.29
CA LYS A 56 -3.43 7.59 2.85
C LYS A 56 -2.04 7.46 3.50
N ARG A 57 -2.00 7.04 4.78
CA ARG A 57 -0.71 6.74 5.45
C ARG A 57 -0.08 5.53 4.76
N CYS A 58 -0.91 4.50 4.47
CA CYS A 58 -0.50 3.28 3.74
C CYS A 58 0.06 3.64 2.35
N ALA A 59 -0.56 4.65 1.73
CA ALA A 59 -0.19 5.14 0.39
C ALA A 59 1.21 5.80 0.41
N ARG A 60 1.43 6.69 1.41
CA ARG A 60 2.73 7.38 1.60
C ARG A 60 3.84 6.35 1.95
N LEU A 61 3.43 5.33 2.70
CA LEU A 61 4.29 4.23 3.17
C LEU A 61 4.80 3.36 2.02
N LEU A 62 3.94 3.13 1.03
CA LEU A 62 4.31 2.40 -0.19
C LEU A 62 5.24 3.27 -1.06
N THR A 63 4.82 4.55 -1.28
CA THR A 63 5.53 5.50 -2.15
C THR A 63 7.02 5.64 -1.75
N ARG A 64 7.27 5.91 -0.45
CA ARG A 64 8.64 6.10 0.12
C ARG A 64 9.52 4.87 -0.15
N LEU A 65 8.88 3.70 -0.23
CA LEU A 65 9.54 2.44 -0.48
C LEU A 65 9.78 2.27 -1.99
N ALA A 66 8.80 2.69 -2.79
CA ALA A 66 8.77 2.45 -4.23
C ALA A 66 9.84 3.29 -4.94
N VAL A 67 10.13 4.46 -4.34
CA VAL A 67 11.07 5.44 -4.87
C VAL A 67 12.47 5.32 -4.19
N SER A 68 12.58 4.48 -3.12
CA SER A 68 13.89 4.18 -2.48
C SER A 68 14.66 3.18 -3.39
N PRO A 69 16.04 3.11 -3.34
CA PRO A 69 16.85 2.42 -4.38
C PRO A 69 16.69 0.88 -4.42
N VAL A 70 15.91 0.30 -3.50
CA VAL A 70 15.60 -1.15 -3.55
C VAL A 70 14.45 -1.43 -4.57
N CYS A 71 13.36 -0.65 -4.52
CA CYS A 71 12.21 -0.78 -5.46
C CYS A 71 12.49 -0.01 -6.76
N MET A 72 13.20 1.10 -6.62
CA MET A 72 13.54 1.97 -7.74
C MET A 72 14.90 1.53 -8.27
N GLU A 73 14.89 0.88 -9.46
CA GLU A 73 16.11 0.41 -10.13
C GLU A 73 16.89 1.59 -10.72
N ASP A 74 17.51 2.35 -9.80
CA ASP A 74 18.26 3.58 -10.09
C ASP A 74 18.97 4.04 -8.78
N LYS A 75 20.04 4.81 -8.95
CA LYS A 75 20.86 5.32 -7.82
C LYS A 75 20.10 6.42 -7.05
N GLN A 76 19.73 6.10 -5.79
CA GLN A 76 19.10 7.05 -4.85
C GLN A 76 20.05 7.20 -3.64
N GLY A 1 -18.55 4.26 2.68
CA GLY A 1 -17.72 3.99 1.48
C GLY A 1 -17.86 2.55 0.99
N PRO A 2 -17.02 2.12 -0.01
CA PRO A 2 -17.06 0.73 -0.57
C PRO A 2 -16.66 -0.33 0.48
N SER A 3 -15.75 0.06 1.38
CA SER A 3 -15.32 -0.77 2.51
C SER A 3 -16.09 -0.35 3.80
N PRO A 4 -16.35 -1.28 4.76
CA PRO A 4 -16.79 -0.92 6.13
C PRO A 4 -15.66 -0.19 6.90
N GLU A 5 -15.67 1.13 6.78
CA GLU A 5 -14.66 2.05 7.35
C GLU A 5 -14.75 2.13 8.89
N GLN A 6 -15.97 2.02 9.41
CA GLN A 6 -16.28 2.14 10.85
C GLN A 6 -17.26 1.03 11.29
N ARG A 7 -17.97 0.42 10.31
CA ARG A 7 -18.92 -0.69 10.56
C ARG A 7 -18.21 -1.91 11.17
N VAL A 8 -17.19 -2.42 10.45
CA VAL A 8 -16.39 -3.55 10.91
C VAL A 8 -14.96 -3.46 10.32
N GLU A 9 -13.95 -3.67 11.17
CA GLU A 9 -12.52 -3.51 10.78
C GLU A 9 -12.01 -4.71 9.96
N ILE A 10 -12.72 -5.87 10.05
CA ILE A 10 -12.33 -7.09 9.31
C ILE A 10 -12.33 -6.81 7.81
N VAL A 11 -13.38 -6.06 7.37
CA VAL A 11 -13.62 -5.63 5.97
C VAL A 11 -13.58 -6.82 4.97
N PRO A 12 -14.73 -7.16 4.29
CA PRO A 12 -14.80 -8.25 3.26
C PRO A 12 -13.75 -8.10 2.13
N ARG A 13 -13.75 -9.09 1.21
CA ARG A 13 -12.85 -9.17 0.02
C ARG A 13 -12.75 -7.83 -0.76
N ASP A 14 -13.78 -6.97 -0.58
CA ASP A 14 -13.88 -5.64 -1.18
C ASP A 14 -12.77 -4.67 -0.70
N LEU A 15 -11.93 -5.11 0.25
CA LEU A 15 -10.74 -4.35 0.72
C LEU A 15 -9.74 -4.14 -0.44
N ARG A 16 -9.87 -4.96 -1.51
CA ARG A 16 -9.03 -4.83 -2.72
C ARG A 16 -9.22 -3.48 -3.43
N MET A 17 -10.30 -2.74 -3.10
CA MET A 17 -10.52 -1.36 -3.59
C MET A 17 -9.34 -0.45 -3.18
N LYS A 18 -8.72 -0.79 -2.02
CA LYS A 18 -7.56 -0.10 -1.48
C LYS A 18 -6.39 -0.12 -2.47
N ASP A 19 -6.04 -1.32 -2.97
CA ASP A 19 -4.85 -1.54 -3.85
C ASP A 19 -4.85 -0.53 -5.02
N LYS A 20 -5.99 -0.49 -5.71
CA LYS A 20 -6.23 0.40 -6.85
C LYS A 20 -6.20 1.87 -6.40
N PHE A 21 -6.87 2.17 -5.26
CA PHE A 21 -7.00 3.54 -4.74
C PHE A 21 -5.66 4.12 -4.28
N LEU A 22 -4.79 3.26 -3.73
CA LEU A 22 -3.45 3.64 -3.22
C LEU A 22 -2.55 3.97 -4.41
N LYS A 23 -2.62 3.08 -5.42
CA LYS A 23 -1.91 3.23 -6.71
C LYS A 23 -2.48 4.42 -7.54
N HIS A 24 -3.75 4.78 -7.27
CA HIS A 24 -4.42 5.95 -7.90
C HIS A 24 -3.99 7.24 -7.18
N LEU A 25 -3.82 7.11 -5.86
CA LEU A 25 -3.48 8.22 -4.95
C LEU A 25 -2.00 8.63 -5.13
N THR A 26 -1.16 7.68 -5.53
CA THR A 26 0.29 7.89 -5.60
C THR A 26 0.82 7.89 -7.06
N GLY A 27 0.28 6.96 -7.88
CA GLY A 27 0.80 6.69 -9.23
C GLY A 27 1.44 5.30 -9.32
N PRO A 28 2.33 5.04 -10.34
CA PRO A 28 3.01 3.73 -10.50
C PRO A 28 4.00 3.42 -9.36
N LEU A 29 3.63 2.47 -8.49
CA LEU A 29 4.47 1.97 -7.38
C LEU A 29 5.01 0.56 -7.70
N TYR A 30 4.95 0.19 -9.01
CA TYR A 30 5.17 -1.18 -9.54
C TYR A 30 6.43 -1.90 -9.02
N PHE A 31 7.40 -1.14 -8.43
CA PHE A 31 8.58 -1.67 -7.68
C PHE A 31 9.45 -2.67 -8.48
N SER A 32 10.48 -3.23 -7.82
CA SER A 32 11.38 -4.25 -8.38
C SER A 32 11.10 -5.62 -7.71
N PRO A 33 11.58 -6.77 -8.30
CA PRO A 33 11.56 -8.11 -7.62
C PRO A 33 12.13 -8.10 -6.18
N LYS A 34 13.03 -7.15 -5.88
CA LYS A 34 13.60 -6.96 -4.51
C LYS A 34 12.51 -6.40 -3.58
N CYS A 35 11.78 -5.40 -4.08
CA CYS A 35 10.68 -4.75 -3.33
C CYS A 35 9.34 -5.45 -3.52
N SER A 36 9.33 -6.59 -4.23
CA SER A 36 8.19 -7.52 -4.18
C SER A 36 8.02 -8.04 -2.73
N LYS A 37 9.18 -8.32 -2.12
CA LYS A 37 9.32 -8.73 -0.71
C LYS A 37 8.85 -7.60 0.22
N HIS A 38 9.43 -6.40 0.00
CA HIS A 38 9.21 -5.22 0.85
C HIS A 38 7.76 -4.68 0.76
N PHE A 39 7.15 -4.77 -0.44
CA PHE A 39 5.79 -4.27 -0.69
C PHE A 39 4.77 -5.21 -0.07
N HIS A 40 4.98 -6.54 -0.26
CA HIS A 40 4.13 -7.57 0.33
C HIS A 40 4.14 -7.45 1.87
N ARG A 41 5.32 -7.17 2.43
CA ARG A 41 5.49 -6.94 3.87
C ARG A 41 4.71 -5.69 4.33
N LEU A 42 5.06 -4.51 3.78
CA LEU A 42 4.43 -3.23 4.17
C LEU A 42 2.90 -3.25 4.03
N TYR A 43 2.39 -3.89 2.96
CA TYR A 43 0.95 -3.93 2.72
C TYR A 43 0.24 -4.90 3.69
N HIS A 44 0.74 -6.13 3.81
CA HIS A 44 0.04 -7.22 4.53
C HIS A 44 0.27 -7.12 6.06
N ASN A 45 1.35 -6.43 6.49
CA ASN A 45 1.80 -6.43 7.91
C ASN A 45 1.28 -5.18 8.64
N THR A 46 1.47 -4.00 8.05
CA THR A 46 1.20 -2.73 8.76
C THR A 46 -0.31 -2.47 8.79
N ARG A 47 -0.81 -2.05 9.97
CA ARG A 47 -2.23 -1.73 10.21
C ARG A 47 -2.70 -0.53 9.37
N ASP A 48 -1.72 0.22 8.83
CA ASP A 48 -1.95 1.33 7.89
C ASP A 48 -2.65 0.83 6.61
N CYS A 49 -2.14 -0.31 6.09
CA CYS A 49 -2.59 -0.89 4.82
C CYS A 49 -3.68 -1.94 5.00
N THR A 50 -3.74 -2.59 6.17
CA THR A 50 -4.76 -3.60 6.47
C THR A 50 -6.14 -2.91 6.59
N ILE A 51 -6.14 -1.80 7.33
CA ILE A 51 -7.34 -1.01 7.64
C ILE A 51 -7.51 0.10 6.57
N PRO A 52 -8.69 0.18 5.88
CA PRO A 52 -8.92 1.12 4.75
C PRO A 52 -8.94 2.60 5.19
N ALA A 53 -9.10 2.80 6.51
CA ALA A 53 -9.19 4.13 7.12
C ALA A 53 -7.84 4.87 7.10
N TYR A 54 -6.74 4.10 7.09
CA TYR A 54 -5.38 4.65 7.08
C TYR A 54 -4.79 4.63 5.66
N TYR A 55 -5.67 4.83 4.67
CA TYR A 55 -5.32 4.82 3.23
C TYR A 55 -4.16 5.77 2.88
N LYS A 56 -4.21 7.01 3.42
CA LYS A 56 -3.21 8.04 3.17
C LYS A 56 -1.83 7.64 3.76
N ARG A 57 -1.90 7.00 4.94
CA ARG A 57 -0.72 6.56 5.69
C ARG A 57 -0.02 5.44 4.90
N CYS A 58 -0.84 4.47 4.46
CA CYS A 58 -0.40 3.30 3.67
C CYS A 58 0.20 3.74 2.33
N ALA A 59 -0.50 4.67 1.65
CA ALA A 59 -0.12 5.13 0.32
C ALA A 59 1.26 5.79 0.33
N ARG A 60 1.47 6.68 1.31
CA ARG A 60 2.76 7.37 1.52
C ARG A 60 3.85 6.37 1.93
N LEU A 61 3.46 5.39 2.76
CA LEU A 61 4.35 4.30 3.24
C LEU A 61 4.85 3.42 2.08
N LEU A 62 3.99 3.22 1.07
CA LEU A 62 4.34 2.49 -0.16
C LEU A 62 5.22 3.37 -1.08
N THR A 63 4.87 4.67 -1.17
CA THR A 63 5.57 5.63 -2.04
C THR A 63 7.06 5.71 -1.68
N ARG A 64 7.33 6.00 -0.38
CA ARG A 64 8.71 6.14 0.15
C ARG A 64 9.53 4.85 -0.01
N LEU A 65 8.83 3.72 -0.27
CA LEU A 65 9.47 2.45 -0.59
C LEU A 65 9.84 2.43 -2.08
N ALA A 66 8.83 2.74 -2.92
CA ALA A 66 8.89 2.48 -4.38
C ALA A 66 9.86 3.42 -5.10
N VAL A 67 10.13 4.57 -4.46
CA VAL A 67 11.00 5.63 -5.00
C VAL A 67 12.45 5.48 -4.49
N SER A 68 12.66 4.60 -3.49
CA SER A 68 14.00 4.28 -2.97
C SER A 68 14.73 3.32 -3.93
N PRO A 69 16.11 3.32 -4.00
CA PRO A 69 16.92 2.53 -4.99
C PRO A 69 16.81 0.99 -4.81
N VAL A 70 16.15 0.55 -3.73
CA VAL A 70 15.83 -0.87 -3.52
C VAL A 70 14.72 -1.32 -4.50
N CYS A 71 13.78 -0.40 -4.81
CA CYS A 71 12.63 -0.66 -5.69
C CYS A 71 12.86 -0.02 -7.08
N MET A 72 13.61 1.08 -7.07
CA MET A 72 14.00 1.84 -8.28
C MET A 72 15.35 1.30 -8.78
N GLU A 73 15.45 1.03 -10.09
CA GLU A 73 16.67 0.46 -10.71
C GLU A 73 17.90 1.39 -10.54
N ASP A 74 17.64 2.71 -10.49
CA ASP A 74 18.69 3.74 -10.38
C ASP A 74 18.81 4.24 -8.93
N LYS A 75 19.87 5.06 -8.72
CA LYS A 75 20.17 5.71 -7.43
C LYS A 75 19.57 7.13 -7.40
N GLN A 76 19.33 7.65 -6.20
CA GLN A 76 18.83 9.02 -5.97
C GLN A 76 19.73 9.74 -4.92
N GLY A 1 -17.97 5.24 3.52
CA GLY A 1 -16.93 4.56 2.71
C GLY A 1 -17.39 3.18 2.21
N PRO A 2 -16.81 2.64 1.08
CA PRO A 2 -17.14 1.30 0.55
C PRO A 2 -16.83 0.19 1.57
N SER A 3 -15.68 0.34 2.22
CA SER A 3 -15.22 -0.52 3.31
C SER A 3 -15.53 0.16 4.68
N PRO A 4 -15.86 -0.63 5.76
CA PRO A 4 -15.98 -0.10 7.15
C PRO A 4 -14.71 0.62 7.63
N GLU A 5 -14.80 1.96 7.78
CA GLU A 5 -13.71 2.81 8.32
C GLU A 5 -13.54 2.51 9.83
N GLN A 6 -12.77 1.44 10.12
CA GLN A 6 -12.43 1.00 11.50
C GLN A 6 -13.64 0.50 12.32
N ARG A 7 -14.84 0.48 11.72
CA ARG A 7 -16.05 -0.01 12.37
C ARG A 7 -15.87 -1.50 12.72
N VAL A 8 -15.45 -2.24 11.70
CA VAL A 8 -15.09 -3.65 11.83
C VAL A 8 -14.07 -3.96 10.71
N GLU A 9 -13.05 -4.76 11.03
CA GLU A 9 -11.97 -5.11 10.09
C GLU A 9 -12.46 -6.14 9.05
N ILE A 10 -13.61 -6.81 9.31
CA ILE A 10 -14.21 -7.74 8.33
C ILE A 10 -14.77 -6.92 7.15
N VAL A 11 -14.00 -6.94 6.05
CA VAL A 11 -14.35 -6.27 4.80
C VAL A 11 -14.40 -7.34 3.70
N PRO A 12 -15.50 -7.43 2.89
CA PRO A 12 -15.63 -8.43 1.77
C PRO A 12 -14.46 -8.42 0.76
N ARG A 13 -14.51 -9.39 -0.18
CA ARG A 13 -13.61 -9.49 -1.37
C ARG A 13 -13.36 -8.15 -2.11
N ASP A 14 -14.32 -7.23 -2.01
CA ASP A 14 -14.28 -5.89 -2.64
C ASP A 14 -13.33 -4.91 -1.92
N LEU A 15 -12.59 -5.42 -0.92
CA LEU A 15 -11.41 -4.74 -0.28
C LEU A 15 -10.33 -4.35 -1.34
N ARG A 16 -10.48 -4.86 -2.60
CA ARG A 16 -9.71 -4.38 -3.79
C ARG A 16 -9.87 -2.86 -4.02
N MET A 17 -10.89 -2.26 -3.38
CA MET A 17 -11.05 -0.79 -3.28
C MET A 17 -9.76 -0.16 -2.73
N LYS A 18 -9.19 -0.81 -1.69
CA LYS A 18 -7.94 -0.37 -1.05
C LYS A 18 -6.77 -0.39 -2.04
N ASP A 19 -6.45 -1.59 -2.54
CA ASP A 19 -5.31 -1.82 -3.47
C ASP A 19 -5.32 -0.82 -4.66
N LYS A 20 -6.52 -0.66 -5.25
CA LYS A 20 -6.75 0.26 -6.38
C LYS A 20 -6.56 1.73 -5.96
N PHE A 21 -7.11 2.06 -4.78
CA PHE A 21 -7.09 3.45 -4.24
C PHE A 21 -5.65 3.89 -3.99
N LEU A 22 -4.86 3.00 -3.37
CA LEU A 22 -3.49 3.27 -2.95
C LEU A 22 -2.61 3.52 -4.18
N LYS A 23 -2.71 2.59 -5.14
CA LYS A 23 -1.95 2.66 -6.39
C LYS A 23 -2.34 3.90 -7.24
N HIS A 24 -3.61 4.35 -7.10
CA HIS A 24 -4.14 5.53 -7.84
C HIS A 24 -3.65 6.84 -7.19
N LEU A 25 -3.71 6.86 -5.86
CA LEU A 25 -3.42 8.05 -5.02
C LEU A 25 -1.93 8.45 -5.15
N THR A 26 -1.10 7.45 -5.37
CA THR A 26 0.37 7.58 -5.37
C THR A 26 0.96 7.59 -6.79
N GLY A 27 0.31 6.82 -7.70
CA GLY A 27 0.80 6.61 -9.06
C GLY A 27 1.58 5.29 -9.19
N PRO A 28 2.85 5.29 -9.70
CA PRO A 28 3.62 4.05 -9.86
C PRO A 28 4.27 3.58 -8.53
N LEU A 29 3.71 2.49 -7.96
CA LEU A 29 4.30 1.76 -6.83
C LEU A 29 4.81 0.39 -7.28
N TYR A 30 4.90 0.20 -8.60
CA TYR A 30 5.10 -1.12 -9.26
C TYR A 30 6.42 -1.82 -8.86
N PHE A 31 7.32 -1.09 -8.16
CA PHE A 31 8.50 -1.63 -7.43
C PHE A 31 9.41 -2.56 -8.29
N SER A 32 10.19 -3.44 -7.63
CA SER A 32 11.12 -4.40 -8.26
C SER A 32 10.88 -5.83 -7.69
N PRO A 33 11.33 -6.92 -8.39
CA PRO A 33 11.32 -8.32 -7.83
C PRO A 33 11.92 -8.42 -6.40
N LYS A 34 12.91 -7.55 -6.11
CA LYS A 34 13.56 -7.45 -4.76
C LYS A 34 12.64 -6.71 -3.76
N CYS A 35 11.95 -5.67 -4.26
CA CYS A 35 10.98 -4.89 -3.47
C CYS A 35 9.59 -5.52 -3.43
N SER A 36 9.42 -6.68 -4.09
CA SER A 36 8.19 -7.49 -3.95
C SER A 36 7.97 -7.87 -2.48
N LYS A 37 9.07 -8.32 -1.86
CA LYS A 37 9.11 -8.72 -0.44
C LYS A 37 8.91 -7.49 0.47
N HIS A 38 9.68 -6.42 0.18
CA HIS A 38 9.65 -5.16 0.96
C HIS A 38 8.22 -4.54 0.99
N PHE A 39 7.54 -4.60 -0.18
CA PHE A 39 6.18 -4.06 -0.37
C PHE A 39 5.15 -4.94 0.35
N HIS A 40 5.34 -6.27 0.28
CA HIS A 40 4.50 -7.26 0.98
C HIS A 40 4.51 -7.00 2.50
N ARG A 41 5.69 -6.63 3.03
CA ARG A 41 5.85 -6.27 4.44
C ARG A 41 5.10 -4.95 4.75
N LEU A 42 5.32 -3.94 3.91
CA LEU A 42 4.70 -2.61 4.10
C LEU A 42 3.19 -2.59 3.73
N TYR A 43 2.66 -3.69 3.15
CA TYR A 43 1.21 -3.82 2.90
C TYR A 43 0.52 -4.68 3.99
N HIS A 44 1.07 -5.87 4.23
CA HIS A 44 0.41 -6.93 5.03
C HIS A 44 0.77 -6.84 6.54
N ASN A 45 1.97 -6.33 6.85
CA ASN A 45 2.51 -6.32 8.25
C ASN A 45 2.32 -4.93 8.90
N THR A 46 1.63 -4.01 8.18
CA THR A 46 1.37 -2.64 8.66
C THR A 46 -0.14 -2.42 8.83
N ARG A 47 -0.53 -1.77 9.95
CA ARG A 47 -1.94 -1.43 10.21
C ARG A 47 -2.49 -0.45 9.15
N ASP A 48 -1.58 0.27 8.51
CA ASP A 48 -1.88 1.31 7.53
C ASP A 48 -2.63 0.74 6.31
N CYS A 49 -2.04 -0.28 5.68
CA CYS A 49 -2.55 -0.83 4.42
C CYS A 49 -3.61 -1.93 4.67
N THR A 50 -3.50 -2.64 5.79
CA THR A 50 -4.47 -3.70 6.18
C THR A 50 -5.87 -3.08 6.44
N ILE A 51 -5.88 -2.04 7.27
CA ILE A 51 -7.11 -1.34 7.67
C ILE A 51 -7.47 -0.29 6.59
N PRO A 52 -8.71 -0.37 6.00
CA PRO A 52 -9.13 0.49 4.86
C PRO A 52 -9.19 2.00 5.18
N ALA A 53 -9.14 2.33 6.47
CA ALA A 53 -9.22 3.72 6.98
C ALA A 53 -7.92 4.51 6.68
N TYR A 54 -6.77 3.85 6.87
CA TYR A 54 -5.44 4.50 6.79
C TYR A 54 -4.93 4.54 5.32
N TYR A 55 -5.72 5.10 4.41
CA TYR A 55 -5.40 5.13 2.97
C TYR A 55 -4.24 6.09 2.66
N LYS A 56 -4.20 7.25 3.36
CA LYS A 56 -3.12 8.26 3.18
C LYS A 56 -1.81 7.78 3.81
N ARG A 57 -1.93 7.14 4.99
CA ARG A 57 -0.78 6.61 5.74
C ARG A 57 -0.09 5.49 4.96
N CYS A 58 -0.92 4.58 4.42
CA CYS A 58 -0.46 3.49 3.55
C CYS A 58 0.14 4.04 2.25
N ALA A 59 -0.52 5.08 1.69
CA ALA A 59 -0.09 5.71 0.43
C ALA A 59 1.37 6.21 0.52
N ARG A 60 1.64 7.05 1.53
CA ARG A 60 2.98 7.63 1.76
C ARG A 60 4.01 6.53 2.09
N LEU A 61 3.63 5.60 2.97
CA LEU A 61 4.53 4.54 3.47
C LEU A 61 4.99 3.58 2.34
N LEU A 62 4.10 3.33 1.36
CA LEU A 62 4.41 2.52 0.18
C LEU A 62 5.27 3.31 -0.82
N THR A 63 4.87 4.59 -1.09
CA THR A 63 5.56 5.46 -2.08
C THR A 63 7.05 5.60 -1.76
N ARG A 64 7.33 5.95 -0.50
CA ARG A 64 8.71 6.20 -0.02
C ARG A 64 9.58 4.93 -0.11
N LEU A 65 8.96 3.76 -0.29
CA LEU A 65 9.67 2.50 -0.58
C LEU A 65 9.86 2.38 -2.09
N ALA A 66 8.76 2.59 -2.83
CA ALA A 66 8.64 2.19 -4.24
C ALA A 66 9.50 3.07 -5.17
N VAL A 67 9.85 4.26 -4.68
CA VAL A 67 10.65 5.26 -5.42
C VAL A 67 12.13 5.23 -4.98
N SER A 68 12.46 4.37 -3.99
CA SER A 68 13.84 4.20 -3.46
C SER A 68 14.70 3.36 -4.43
N PRO A 69 16.09 3.49 -4.38
CA PRO A 69 17.04 2.74 -5.26
C PRO A 69 16.81 1.21 -5.30
N VAL A 70 16.34 0.65 -4.16
CA VAL A 70 16.03 -0.81 -4.04
C VAL A 70 14.86 -1.22 -4.96
N CYS A 71 13.85 -0.35 -5.06
CA CYS A 71 12.63 -0.60 -5.83
C CYS A 71 12.70 0.05 -7.22
N MET A 72 13.79 0.80 -7.47
CA MET A 72 14.01 1.53 -8.72
C MET A 72 14.98 0.74 -9.63
N GLU A 73 14.96 1.05 -10.94
CA GLU A 73 15.98 0.57 -11.89
C GLU A 73 17.30 1.38 -11.68
N ASP A 74 17.95 1.06 -10.55
CA ASP A 74 19.13 1.77 -10.02
C ASP A 74 19.87 0.80 -9.07
N LYS A 75 21.07 1.20 -8.61
CA LYS A 75 21.93 0.39 -7.72
C LYS A 75 21.21 0.01 -6.40
N GLN A 76 21.38 -1.27 -5.98
CA GLN A 76 20.83 -1.80 -4.72
C GLN A 76 21.71 -2.98 -4.22
N GLY A 1 -15.29 4.26 3.33
CA GLY A 1 -14.62 3.28 2.45
C GLY A 1 -15.42 2.00 2.24
N PRO A 2 -14.76 0.84 1.90
CA PRO A 2 -15.45 -0.47 1.73
C PRO A 2 -15.96 -1.08 3.08
N SER A 3 -15.26 -0.72 4.17
CA SER A 3 -15.47 -1.30 5.51
C SER A 3 -16.54 -0.52 6.31
N PRO A 4 -17.43 -1.25 7.08
CA PRO A 4 -18.12 -0.67 8.26
C PRO A 4 -17.11 -0.16 9.33
N GLU A 5 -16.52 1.00 9.01
CA GLU A 5 -15.50 1.68 9.83
C GLU A 5 -16.17 2.47 10.97
N GLN A 6 -15.42 2.69 12.08
CA GLN A 6 -15.94 3.32 13.33
C GLN A 6 -17.12 2.47 13.92
N ARG A 7 -17.10 1.16 13.59
CA ARG A 7 -18.21 0.23 13.88
C ARG A 7 -17.67 -1.16 14.29
N VAL A 8 -16.76 -1.73 13.48
CA VAL A 8 -16.27 -3.12 13.66
C VAL A 8 -14.97 -3.38 12.86
N GLU A 9 -14.79 -2.62 11.76
CA GLU A 9 -13.55 -2.55 10.93
C GLU A 9 -13.36 -3.79 10.03
N ILE A 10 -14.31 -4.75 10.08
CA ILE A 10 -14.31 -5.90 9.15
C ILE A 10 -14.69 -5.41 7.75
N VAL A 11 -14.17 -6.06 6.71
CA VAL A 11 -14.38 -5.60 5.33
C VAL A 11 -14.57 -6.81 4.37
N PRO A 12 -15.64 -6.79 3.50
CA PRO A 12 -15.82 -7.80 2.42
C PRO A 12 -14.76 -7.65 1.30
N ARG A 13 -14.82 -8.54 0.28
CA ARG A 13 -13.90 -8.52 -0.89
C ARG A 13 -13.98 -7.20 -1.72
N ASP A 14 -14.92 -6.29 -1.34
CA ASP A 14 -15.02 -4.90 -1.88
C ASP A 14 -13.72 -4.09 -1.59
N LEU A 15 -12.89 -4.61 -0.66
CA LEU A 15 -11.57 -4.04 -0.31
C LEU A 15 -10.59 -3.97 -1.51
N ARG A 16 -10.88 -4.68 -2.61
CA ARG A 16 -10.02 -4.62 -3.82
C ARG A 16 -10.08 -3.22 -4.49
N MET A 17 -11.13 -2.44 -4.15
CA MET A 17 -11.23 -1.01 -4.52
C MET A 17 -10.07 -0.23 -3.90
N LYS A 18 -9.68 -0.63 -2.66
CA LYS A 18 -8.60 0.02 -1.90
C LYS A 18 -7.28 -0.06 -2.67
N ASP A 19 -6.95 -1.28 -3.15
CA ASP A 19 -5.73 -1.54 -3.96
C ASP A 19 -5.68 -0.63 -5.21
N LYS A 20 -6.86 -0.45 -5.83
CA LYS A 20 -7.03 0.43 -7.01
C LYS A 20 -6.74 1.90 -6.61
N PHE A 21 -7.37 2.36 -5.51
CA PHE A 21 -7.27 3.77 -5.06
C PHE A 21 -5.83 4.11 -4.67
N LEU A 22 -5.16 3.17 -3.98
CA LEU A 22 -3.77 3.34 -3.50
C LEU A 22 -2.82 3.48 -4.68
N LYS A 23 -3.00 2.59 -5.67
CA LYS A 23 -2.19 2.53 -6.91
C LYS A 23 -2.40 3.81 -7.77
N HIS A 24 -3.62 4.36 -7.70
CA HIS A 24 -3.99 5.62 -8.37
C HIS A 24 -3.43 6.83 -7.58
N LEU A 25 -3.40 6.70 -6.25
CA LEU A 25 -2.98 7.77 -5.32
C LEU A 25 -1.45 7.98 -5.41
N THR A 26 -0.74 6.87 -5.57
CA THR A 26 0.73 6.84 -5.58
C THR A 26 1.32 6.96 -7.01
N GLY A 27 0.50 6.62 -8.02
CA GLY A 27 0.97 6.51 -9.41
C GLY A 27 1.62 5.15 -9.68
N PRO A 28 2.14 4.89 -10.93
CA PRO A 28 2.88 3.64 -11.20
C PRO A 28 4.25 3.65 -10.48
N LEU A 29 4.29 2.94 -9.34
CA LEU A 29 5.49 2.73 -8.50
C LEU A 29 5.93 1.26 -8.48
N TYR A 30 5.50 0.49 -9.51
CA TYR A 30 5.59 -1.02 -9.60
C TYR A 30 6.95 -1.69 -9.25
N PHE A 31 7.96 -0.90 -8.83
CA PHE A 31 9.19 -1.35 -8.11
C PHE A 31 9.95 -2.52 -8.78
N SER A 32 10.79 -3.22 -8.01
CA SER A 32 11.60 -4.36 -8.46
C SER A 32 11.21 -5.65 -7.69
N PRO A 33 11.56 -6.88 -8.20
CA PRO A 33 11.45 -8.17 -7.45
C PRO A 33 11.96 -8.08 -5.99
N LYS A 34 13.03 -7.27 -5.79
CA LYS A 34 13.66 -7.08 -4.46
C LYS A 34 12.69 -6.34 -3.51
N CYS A 35 11.95 -5.38 -4.06
CA CYS A 35 10.93 -4.62 -3.32
C CYS A 35 9.55 -5.25 -3.40
N SER A 36 9.37 -6.34 -4.17
CA SER A 36 8.15 -7.18 -4.06
C SER A 36 8.11 -7.83 -2.66
N LYS A 37 9.31 -8.19 -2.20
CA LYS A 37 9.59 -8.69 -0.84
C LYS A 37 9.19 -7.62 0.21
N HIS A 38 9.77 -6.43 0.05
CA HIS A 38 9.61 -5.30 1.01
C HIS A 38 8.19 -4.69 0.95
N PHE A 39 7.52 -4.84 -0.20
CA PHE A 39 6.14 -4.36 -0.41
C PHE A 39 5.16 -5.27 0.32
N HIS A 40 5.37 -6.59 0.16
CA HIS A 40 4.57 -7.61 0.86
C HIS A 40 4.73 -7.46 2.38
N ARG A 41 5.97 -7.12 2.82
CA ARG A 41 6.26 -6.78 4.23
C ARG A 41 5.34 -5.63 4.71
N LEU A 42 5.55 -4.42 4.17
CA LEU A 42 4.87 -3.19 4.62
C LEU A 42 3.33 -3.29 4.49
N TYR A 43 2.84 -3.77 3.35
CA TYR A 43 1.39 -3.84 3.04
C TYR A 43 0.66 -4.86 3.94
N HIS A 44 1.25 -6.07 4.11
CA HIS A 44 0.58 -7.15 4.88
C HIS A 44 0.79 -6.98 6.41
N ASN A 45 1.87 -6.31 6.84
CA ASN A 45 2.23 -6.20 8.27
C ASN A 45 1.53 -5.01 8.94
N THR A 46 1.72 -3.82 8.38
CA THR A 46 1.45 -2.55 9.08
C THR A 46 -0.06 -2.22 9.10
N ARG A 47 -0.50 -1.57 10.20
CA ARG A 47 -1.91 -1.14 10.40
C ARG A 47 -2.33 -0.08 9.37
N ASP A 48 -1.32 0.54 8.74
CA ASP A 48 -1.49 1.54 7.67
C ASP A 48 -2.29 0.94 6.50
N CYS A 49 -1.87 -0.25 6.02
CA CYS A 49 -2.48 -0.90 4.84
C CYS A 49 -3.57 -1.93 5.21
N THR A 50 -3.45 -2.56 6.39
CA THR A 50 -4.38 -3.63 6.82
C THR A 50 -5.74 -3.05 7.28
N ILE A 51 -5.71 -1.84 7.88
CA ILE A 51 -6.93 -1.05 8.16
C ILE A 51 -7.16 -0.10 6.94
N PRO A 52 -8.32 -0.27 6.19
CA PRO A 52 -8.63 0.54 4.98
C PRO A 52 -8.86 2.04 5.28
N ALA A 53 -9.15 2.36 6.56
CA ALA A 53 -9.35 3.75 7.03
C ALA A 53 -8.02 4.56 6.97
N TYR A 54 -6.89 3.84 7.01
CA TYR A 54 -5.54 4.41 6.95
C TYR A 54 -4.96 4.31 5.53
N TYR A 55 -5.81 4.57 4.52
CA TYR A 55 -5.43 4.46 3.09
C TYR A 55 -4.28 5.43 2.70
N LYS A 56 -4.33 6.67 3.18
CA LYS A 56 -3.26 7.68 2.92
C LYS A 56 -1.95 7.29 3.61
N ARG A 57 -2.09 6.74 4.84
CA ARG A 57 -0.95 6.22 5.64
C ARG A 57 -0.22 5.11 4.86
N CYS A 58 -1.02 4.16 4.35
CA CYS A 58 -0.55 3.03 3.53
C CYS A 58 0.19 3.53 2.30
N ALA A 59 -0.46 4.46 1.59
CA ALA A 59 0.03 5.00 0.32
C ALA A 59 1.40 5.69 0.48
N ARG A 60 1.54 6.50 1.54
CA ARG A 60 2.81 7.22 1.86
C ARG A 60 3.93 6.22 2.21
N LEU A 61 3.56 5.21 3.02
CA LEU A 61 4.46 4.16 3.49
C LEU A 61 4.98 3.26 2.34
N LEU A 62 4.11 3.03 1.34
CA LEU A 62 4.49 2.29 0.12
C LEU A 62 5.37 3.19 -0.79
N THR A 63 4.94 4.45 -0.97
CA THR A 63 5.61 5.41 -1.89
C THR A 63 7.09 5.59 -1.51
N ARG A 64 7.34 5.91 -0.23
CA ARG A 64 8.70 6.15 0.32
C ARG A 64 9.62 4.94 0.09
N LEU A 65 9.02 3.74 0.00
CA LEU A 65 9.73 2.50 -0.29
C LEU A 65 10.03 2.44 -1.79
N ALA A 66 8.99 2.70 -2.60
CA ALA A 66 9.00 2.41 -4.04
C ALA A 66 9.79 3.45 -4.86
N VAL A 67 10.11 4.58 -4.21
CA VAL A 67 10.90 5.67 -4.84
C VAL A 67 12.39 5.62 -4.42
N SER A 68 12.74 4.78 -3.43
CA SER A 68 14.14 4.61 -2.97
C SER A 68 14.89 3.63 -3.92
N PRO A 69 16.27 3.77 -4.07
CA PRO A 69 17.12 2.97 -5.01
C PRO A 69 16.87 1.43 -5.04
N VAL A 70 16.45 0.85 -3.89
CA VAL A 70 16.15 -0.60 -3.79
C VAL A 70 14.99 -0.99 -4.74
N CYS A 71 13.96 -0.15 -4.80
CA CYS A 71 12.75 -0.42 -5.57
C CYS A 71 12.84 0.16 -6.99
N MET A 72 13.56 1.28 -7.11
CA MET A 72 13.69 1.99 -8.38
C MET A 72 14.79 1.31 -9.23
N GLU A 73 14.43 0.98 -10.48
CA GLU A 73 15.27 0.20 -11.45
C GLU A 73 16.73 0.71 -11.55
N ASP A 74 16.90 2.02 -11.38
CA ASP A 74 18.21 2.70 -11.28
C ASP A 74 18.18 3.59 -10.03
N LYS A 75 19.32 3.68 -9.31
CA LYS A 75 19.44 4.49 -8.07
C LYS A 75 19.08 5.96 -8.35
N GLN A 76 18.27 6.56 -7.46
CA GLN A 76 17.70 7.92 -7.67
C GLN A 76 18.81 9.01 -7.79
N GLY A 1 -18.39 4.60 3.36
CA GLY A 1 -17.20 4.07 2.64
C GLY A 1 -17.31 2.57 2.39
N PRO A 2 -16.77 2.05 1.25
CA PRO A 2 -16.91 0.62 0.85
C PRO A 2 -16.25 -0.35 1.87
N SER A 3 -15.09 0.06 2.37
CA SER A 3 -14.37 -0.62 3.46
C SER A 3 -14.61 0.13 4.80
N PRO A 4 -14.78 -0.59 5.96
CA PRO A 4 -15.03 0.04 7.30
C PRO A 4 -13.87 0.96 7.76
N GLU A 5 -14.20 2.23 8.07
CA GLU A 5 -13.24 3.22 8.57
C GLU A 5 -12.94 2.92 10.05
N GLN A 6 -13.91 3.23 10.92
CA GLN A 6 -13.84 2.94 12.35
C GLN A 6 -15.12 2.18 12.73
N ARG A 7 -15.02 0.85 12.71
CA ARG A 7 -16.15 -0.05 12.85
C ARG A 7 -15.65 -1.44 13.27
N VAL A 8 -14.87 -2.08 12.39
CA VAL A 8 -14.37 -3.43 12.60
C VAL A 8 -13.13 -3.69 11.72
N GLU A 9 -12.18 -4.45 12.26
CA GLU A 9 -10.93 -4.83 11.55
C GLU A 9 -11.22 -5.67 10.29
N ILE A 10 -12.31 -6.46 10.35
CA ILE A 10 -12.68 -7.36 9.26
C ILE A 10 -13.28 -6.53 8.11
N VAL A 11 -12.73 -6.72 6.91
CA VAL A 11 -13.15 -6.00 5.71
C VAL A 11 -13.53 -7.05 4.66
N PRO A 12 -14.67 -6.89 3.93
CA PRO A 12 -15.07 -7.85 2.86
C PRO A 12 -14.09 -7.82 1.67
N ARG A 13 -14.28 -8.75 0.72
CA ARG A 13 -13.41 -8.90 -0.48
C ARG A 13 -13.57 -7.71 -1.47
N ASP A 14 -14.49 -6.79 -1.12
CA ASP A 14 -14.65 -5.47 -1.75
C ASP A 14 -13.49 -4.50 -1.37
N LEU A 15 -12.52 -5.01 -0.54
CA LEU A 15 -11.23 -4.33 -0.21
C LEU A 15 -10.37 -4.13 -1.49
N ARG A 16 -10.76 -4.80 -2.60
CA ARG A 16 -10.16 -4.60 -3.94
C ARG A 16 -10.20 -3.09 -4.34
N MET A 17 -11.27 -2.39 -3.91
CA MET A 17 -11.44 -0.92 -4.13
C MET A 17 -10.22 -0.15 -3.64
N LYS A 18 -9.72 -0.57 -2.45
CA LYS A 18 -8.62 0.10 -1.75
C LYS A 18 -7.35 0.10 -2.62
N ASP A 19 -6.99 -1.08 -3.12
CA ASP A 19 -5.76 -1.28 -3.93
C ASP A 19 -5.79 -0.39 -5.18
N LYS A 20 -6.96 -0.37 -5.85
CA LYS A 20 -7.21 0.46 -7.05
C LYS A 20 -7.00 1.96 -6.73
N PHE A 21 -7.54 2.38 -5.57
CA PHE A 21 -7.45 3.77 -5.11
C PHE A 21 -5.99 4.14 -4.78
N LEU A 22 -5.26 3.19 -4.16
CA LEU A 22 -3.86 3.40 -3.74
C LEU A 22 -2.98 3.64 -4.98
N LYS A 23 -3.20 2.86 -6.04
CA LYS A 23 -2.46 3.01 -7.32
C LYS A 23 -2.72 4.39 -7.95
N HIS A 24 -3.96 4.89 -7.81
CA HIS A 24 -4.36 6.21 -8.30
C HIS A 24 -3.68 7.33 -7.45
N LEU A 25 -3.63 7.12 -6.13
CA LEU A 25 -3.19 8.14 -5.15
C LEU A 25 -1.64 8.28 -5.15
N THR A 26 -0.95 7.19 -5.48
CA THR A 26 0.52 7.12 -5.39
C THR A 26 1.18 7.22 -6.78
N GLY A 27 0.53 6.59 -7.79
CA GLY A 27 1.07 6.48 -9.13
C GLY A 27 1.74 5.13 -9.37
N PRO A 28 2.93 5.06 -10.03
CA PRO A 28 3.61 3.79 -10.32
C PRO A 28 4.45 3.30 -9.12
N LEU A 29 3.98 2.21 -8.47
CA LEU A 29 4.68 1.56 -7.35
C LEU A 29 5.28 0.22 -7.78
N TYR A 30 5.38 0.00 -9.11
CA TYR A 30 5.74 -1.30 -9.74
C TYR A 30 7.07 -1.93 -9.25
N PHE A 31 7.86 -1.17 -8.45
CA PHE A 31 9.02 -1.65 -7.64
C PHE A 31 10.03 -2.55 -8.41
N SER A 32 10.81 -3.34 -7.66
CA SER A 32 11.75 -4.35 -8.18
C SER A 32 11.45 -5.71 -7.51
N PRO A 33 11.94 -6.86 -8.07
CA PRO A 33 11.92 -8.18 -7.35
C PRO A 33 12.51 -8.08 -5.92
N LYS A 34 13.45 -7.14 -5.73
CA LYS A 34 14.05 -6.80 -4.42
C LYS A 34 12.95 -6.29 -3.46
N CYS A 35 12.14 -5.35 -3.98
CA CYS A 35 11.01 -4.75 -3.23
C CYS A 35 9.69 -5.47 -3.44
N SER A 36 9.71 -6.65 -4.09
CA SER A 36 8.54 -7.56 -4.05
C SER A 36 8.25 -7.92 -2.59
N LYS A 37 9.32 -8.39 -1.91
CA LYS A 37 9.28 -8.76 -0.49
C LYS A 37 8.88 -7.55 0.39
N HIS A 38 9.46 -6.38 0.08
CA HIS A 38 9.26 -5.15 0.87
C HIS A 38 7.82 -4.58 0.73
N PHE A 39 7.30 -4.58 -0.50
CA PHE A 39 5.96 -3.99 -0.82
C PHE A 39 4.85 -4.86 -0.21
N HIS A 40 4.98 -6.17 -0.42
CA HIS A 40 3.99 -7.13 0.08
C HIS A 40 4.03 -7.22 1.61
N ARG A 41 5.23 -7.07 2.20
CA ARG A 41 5.40 -7.02 3.66
C ARG A 41 4.69 -5.79 4.25
N LEU A 42 5.01 -4.59 3.74
CA LEU A 42 4.39 -3.32 4.18
C LEU A 42 2.85 -3.39 4.06
N TYR A 43 2.37 -3.87 2.91
CA TYR A 43 0.93 -3.91 2.61
C TYR A 43 0.18 -4.95 3.48
N HIS A 44 0.84 -6.06 3.82
CA HIS A 44 0.21 -7.15 4.60
C HIS A 44 0.29 -6.91 6.12
N ASN A 45 1.40 -6.31 6.58
CA ASN A 45 1.82 -6.34 7.99
C ASN A 45 1.44 -5.06 8.75
N THR A 46 1.69 -3.89 8.15
CA THR A 46 1.67 -2.60 8.89
C THR A 46 0.21 -2.16 9.14
N ARG A 47 -0.02 -1.53 10.33
CA ARG A 47 -1.36 -1.08 10.78
C ARG A 47 -2.02 -0.13 9.77
N ASP A 48 -1.16 0.57 9.01
CA ASP A 48 -1.53 1.49 7.93
C ASP A 48 -2.37 0.75 6.86
N CYS A 49 -1.85 -0.40 6.40
CA CYS A 49 -2.43 -1.14 5.26
C CYS A 49 -3.38 -2.28 5.70
N THR A 50 -3.25 -2.74 6.96
CA THR A 50 -4.17 -3.77 7.52
C THR A 50 -5.57 -3.16 7.70
N ILE A 51 -5.58 -1.87 8.06
CA ILE A 51 -6.79 -1.11 8.33
C ILE A 51 -7.03 -0.14 7.17
N PRO A 52 -8.16 -0.30 6.41
CA PRO A 52 -8.44 0.48 5.18
C PRO A 52 -8.71 1.97 5.46
N ALA A 53 -8.99 2.27 6.73
CA ALA A 53 -9.16 3.65 7.23
C ALA A 53 -7.89 4.46 6.98
N TYR A 54 -6.74 3.80 7.17
CA TYR A 54 -5.42 4.43 7.04
C TYR A 54 -4.89 4.23 5.62
N TYR A 55 -5.75 4.50 4.61
CA TYR A 55 -5.42 4.35 3.18
C TYR A 55 -4.30 5.32 2.77
N LYS A 56 -4.37 6.55 3.31
CA LYS A 56 -3.41 7.64 3.02
C LYS A 56 -2.07 7.31 3.68
N ARG A 57 -2.14 6.75 4.90
CA ARG A 57 -0.96 6.30 5.65
C ARG A 57 -0.26 5.15 4.90
N CYS A 58 -1.08 4.21 4.41
CA CYS A 58 -0.62 3.04 3.62
C CYS A 58 -0.03 3.50 2.28
N ALA A 59 -0.66 4.53 1.69
CA ALA A 59 -0.28 5.07 0.38
C ALA A 59 1.12 5.67 0.42
N ARG A 60 1.36 6.56 1.40
CA ARG A 60 2.68 7.22 1.57
C ARG A 60 3.76 6.20 1.96
N LEU A 61 3.36 5.22 2.77
CA LEU A 61 4.25 4.14 3.24
C LEU A 61 4.74 3.25 2.08
N LEU A 62 3.86 3.00 1.09
CA LEU A 62 4.21 2.26 -0.13
C LEU A 62 5.05 3.16 -1.09
N THR A 63 4.61 4.43 -1.25
CA THR A 63 5.28 5.38 -2.19
C THR A 63 6.75 5.57 -1.79
N ARG A 64 6.97 5.92 -0.51
CA ARG A 64 8.31 6.18 0.08
C ARG A 64 9.24 4.96 -0.07
N LEU A 65 8.65 3.79 -0.34
CA LEU A 65 9.40 2.56 -0.60
C LEU A 65 9.76 2.48 -2.08
N ALA A 66 8.75 2.67 -2.94
CA ALA A 66 8.83 2.35 -4.37
C ALA A 66 9.72 3.34 -5.14
N VAL A 67 9.90 4.51 -4.55
CA VAL A 67 10.72 5.61 -5.11
C VAL A 67 12.17 5.57 -4.57
N SER A 68 12.41 4.73 -3.54
CA SER A 68 13.75 4.50 -2.94
C SER A 68 14.61 3.61 -3.86
N PRO A 69 15.99 3.76 -3.82
CA PRO A 69 16.93 2.91 -4.62
C PRO A 69 16.85 1.38 -4.35
N VAL A 70 16.08 0.95 -3.33
CA VAL A 70 15.85 -0.51 -3.10
C VAL A 70 14.83 -1.06 -4.12
N CYS A 71 13.87 -0.21 -4.53
CA CYS A 71 12.76 -0.63 -5.43
C CYS A 71 12.97 -0.08 -6.84
N MET A 72 13.60 1.08 -6.93
CA MET A 72 13.99 1.70 -8.18
C MET A 72 15.47 1.33 -8.39
N GLU A 73 15.76 0.55 -9.46
CA GLU A 73 17.12 0.03 -9.73
C GLU A 73 18.13 1.20 -9.99
N ASP A 74 17.59 2.38 -10.31
CA ASP A 74 18.36 3.63 -10.34
C ASP A 74 18.30 4.30 -8.95
N LYS A 75 19.45 4.76 -8.45
CA LYS A 75 19.53 5.57 -7.21
C LYS A 75 18.88 6.93 -7.45
N GLN A 76 18.38 7.56 -6.38
CA GLN A 76 17.80 8.91 -6.44
C GLN A 76 18.95 9.94 -6.66
N GLY A 1 -19.67 1.24 2.35
CA GLY A 1 -18.54 1.14 3.30
C GLY A 1 -17.68 -0.12 3.08
N PRO A 2 -16.67 -0.08 2.15
CA PRO A 2 -15.73 -1.22 1.95
C PRO A 2 -14.79 -1.46 3.16
N SER A 3 -14.33 -0.38 3.79
CA SER A 3 -13.38 -0.42 4.92
C SER A 3 -14.12 -0.57 6.25
N PRO A 4 -13.47 -1.12 7.34
CA PRO A 4 -14.08 -1.19 8.68
C PRO A 4 -14.12 0.20 9.37
N GLU A 5 -15.06 1.03 8.91
CA GLU A 5 -15.29 2.37 9.46
C GLU A 5 -16.00 2.23 10.83
N GLN A 6 -15.23 2.48 11.92
CA GLN A 6 -15.71 2.36 13.32
C GLN A 6 -16.10 0.89 13.65
N ARG A 7 -15.43 -0.06 12.98
CA ARG A 7 -15.75 -1.50 13.00
C ARG A 7 -14.45 -2.32 13.24
N VAL A 8 -14.63 -3.59 13.68
CA VAL A 8 -13.53 -4.58 13.84
C VAL A 8 -12.60 -4.57 12.61
N GLU A 9 -11.29 -4.58 12.88
CA GLU A 9 -10.24 -4.40 11.86
C GLU A 9 -10.18 -5.62 10.91
N ILE A 10 -11.12 -5.64 9.94
CA ILE A 10 -11.23 -6.65 8.88
C ILE A 10 -11.81 -5.97 7.62
N VAL A 11 -11.37 -6.38 6.44
CA VAL A 11 -11.86 -5.83 5.16
C VAL A 11 -12.00 -6.99 4.15
N PRO A 12 -13.15 -7.09 3.41
CA PRO A 12 -13.39 -8.20 2.45
C PRO A 12 -12.49 -8.13 1.21
N ARG A 13 -12.65 -9.15 0.35
CA ARG A 13 -12.04 -9.19 -1.00
C ARG A 13 -12.37 -7.94 -1.87
N ASP A 14 -13.38 -7.16 -1.42
CA ASP A 14 -13.75 -5.85 -2.02
C ASP A 14 -12.67 -4.77 -1.76
N LEU A 15 -11.57 -5.16 -1.07
CA LEU A 15 -10.36 -4.32 -0.88
C LEU A 15 -9.68 -3.95 -2.23
N ARG A 16 -10.10 -4.62 -3.33
CA ARG A 16 -9.65 -4.29 -4.71
C ARG A 16 -9.92 -2.80 -5.06
N MET A 17 -11.06 -2.27 -4.56
CA MET A 17 -11.45 -0.85 -4.71
C MET A 17 -10.35 0.04 -4.15
N LYS A 18 -9.90 -0.32 -2.94
CA LYS A 18 -8.89 0.43 -2.20
C LYS A 18 -7.51 0.30 -2.85
N ASP A 19 -7.15 -0.94 -3.23
CA ASP A 19 -5.82 -1.26 -3.82
C ASP A 19 -5.57 -0.44 -5.11
N LYS A 20 -6.63 -0.34 -5.94
CA LYS A 20 -6.62 0.47 -7.16
C LYS A 20 -6.53 1.96 -6.81
N PHE A 21 -7.29 2.35 -5.75
CA PHE A 21 -7.31 3.73 -5.24
C PHE A 21 -5.92 4.17 -4.74
N LEU A 22 -5.19 3.24 -4.10
CA LEU A 22 -3.86 3.51 -3.50
C LEU A 22 -2.81 3.68 -4.59
N LYS A 23 -2.89 2.81 -5.61
CA LYS A 23 -2.05 2.90 -6.82
C LYS A 23 -2.38 4.19 -7.60
N HIS A 24 -3.65 4.60 -7.61
CA HIS A 24 -4.10 5.82 -8.31
C HIS A 24 -3.69 7.09 -7.54
N LEU A 25 -3.74 6.98 -6.20
CA LEU A 25 -3.45 8.08 -5.25
C LEU A 25 -1.99 8.53 -5.37
N THR A 26 -1.11 7.60 -5.73
CA THR A 26 0.34 7.81 -5.72
C THR A 26 0.93 7.87 -7.14
N GLY A 27 0.40 7.02 -8.03
CA GLY A 27 0.95 6.82 -9.38
C GLY A 27 1.58 5.42 -9.51
N PRO A 28 2.64 5.24 -10.37
CA PRO A 28 3.29 3.92 -10.55
C PRO A 28 4.15 3.52 -9.31
N LEU A 29 3.66 2.54 -8.54
CA LEU A 29 4.41 1.88 -7.43
C LEU A 29 4.77 0.43 -7.82
N TYR A 30 4.67 0.12 -9.15
CA TYR A 30 4.78 -1.25 -9.72
C TYR A 30 6.11 -2.00 -9.43
N PHE A 31 7.04 -1.32 -8.72
CA PHE A 31 8.16 -1.93 -7.95
C PHE A 31 9.10 -2.87 -8.76
N SER A 32 10.00 -3.54 -8.02
CA SER A 32 11.04 -4.46 -8.55
C SER A 32 11.01 -5.79 -7.73
N PRO A 33 11.59 -6.94 -8.25
CA PRO A 33 11.75 -8.23 -7.48
C PRO A 33 12.06 -8.08 -5.97
N LYS A 34 13.11 -7.30 -5.64
CA LYS A 34 13.55 -7.08 -4.24
C LYS A 34 12.50 -6.30 -3.42
N CYS A 35 11.78 -5.42 -4.13
CA CYS A 35 10.78 -4.53 -3.53
C CYS A 35 9.46 -5.25 -3.26
N SER A 36 9.14 -6.27 -4.08
CA SER A 36 7.87 -7.04 -3.95
C SER A 36 7.78 -7.71 -2.58
N LYS A 37 8.96 -8.04 -2.04
CA LYS A 37 9.13 -8.59 -0.69
C LYS A 37 8.61 -7.60 0.36
N HIS A 38 9.12 -6.36 0.26
CA HIS A 38 8.80 -5.27 1.20
C HIS A 38 7.40 -4.69 0.94
N PHE A 39 6.90 -4.83 -0.30
CA PHE A 39 5.58 -4.32 -0.71
C PHE A 39 4.49 -5.18 -0.07
N HIS A 40 4.66 -6.51 -0.21
CA HIS A 40 3.78 -7.50 0.42
C HIS A 40 3.83 -7.34 1.94
N ARG A 41 5.08 -7.25 2.48
CA ARG A 41 5.34 -7.09 3.91
C ARG A 41 4.55 -5.89 4.47
N LEU A 42 4.90 -4.68 4.02
CA LEU A 42 4.29 -3.43 4.52
C LEU A 42 2.76 -3.40 4.34
N TYR A 43 2.27 -3.85 3.16
CA TYR A 43 0.83 -3.82 2.84
C TYR A 43 0.01 -4.78 3.73
N HIS A 44 0.61 -5.91 4.14
CA HIS A 44 -0.10 -6.94 4.92
C HIS A 44 0.24 -6.89 6.43
N ASN A 45 1.33 -6.20 6.81
CA ASN A 45 1.87 -6.24 8.20
C ASN A 45 1.48 -4.99 9.00
N THR A 46 1.65 -3.81 8.38
CA THR A 46 1.51 -2.52 9.08
C THR A 46 0.04 -2.12 9.24
N ARG A 47 -0.31 -1.61 10.43
CA ARG A 47 -1.69 -1.15 10.78
C ARG A 47 -2.25 -0.09 9.80
N ASP A 48 -1.33 0.65 9.15
CA ASP A 48 -1.66 1.69 8.18
C ASP A 48 -2.34 1.07 6.93
N CYS A 49 -1.90 -0.14 6.55
CA CYS A 49 -2.37 -0.86 5.34
C CYS A 49 -3.37 -1.97 5.66
N THR A 50 -3.29 -2.56 6.88
CA THR A 50 -4.25 -3.58 7.32
C THR A 50 -5.65 -2.98 7.46
N ILE A 51 -5.65 -1.70 7.88
CA ILE A 51 -6.85 -0.89 7.98
C ILE A 51 -6.89 0.09 6.78
N PRO A 52 -7.73 -0.19 5.75
CA PRO A 52 -7.94 0.69 4.56
C PRO A 52 -8.52 2.09 4.91
N ALA A 53 -8.93 2.30 6.17
CA ALA A 53 -9.35 3.63 6.67
C ALA A 53 -8.14 4.58 6.72
N TYR A 54 -6.94 4.02 6.92
CA TYR A 54 -5.66 4.77 6.88
C TYR A 54 -5.03 4.67 5.48
N TYR A 55 -5.87 4.81 4.45
CA TYR A 55 -5.46 4.71 3.03
C TYR A 55 -4.38 5.73 2.67
N LYS A 56 -4.43 6.92 3.31
CA LYS A 56 -3.42 7.97 3.14
C LYS A 56 -2.04 7.50 3.62
N ARG A 57 -2.03 6.92 4.82
CA ARG A 57 -0.80 6.49 5.51
C ARG A 57 -0.19 5.27 4.81
N CYS A 58 -1.06 4.37 4.32
CA CYS A 58 -0.67 3.17 3.57
C CYS A 58 -0.02 3.55 2.24
N ALA A 59 -0.69 4.48 1.52
CA ALA A 59 -0.25 4.93 0.20
C ALA A 59 1.11 5.66 0.27
N ARG A 60 1.27 6.49 1.31
CA ARG A 60 2.53 7.23 1.58
C ARG A 60 3.66 6.24 1.92
N LEU A 61 3.34 5.24 2.76
CA LEU A 61 4.26 4.16 3.17
C LEU A 61 4.75 3.33 1.96
N LEU A 62 3.86 3.10 0.99
CA LEU A 62 4.20 2.40 -0.26
C LEU A 62 5.08 3.30 -1.15
N THR A 63 4.73 4.60 -1.25
CA THR A 63 5.43 5.56 -2.12
C THR A 63 6.91 5.65 -1.75
N ARG A 64 7.18 5.94 -0.45
CA ARG A 64 8.57 6.03 0.05
C ARG A 64 9.34 4.71 -0.12
N LEU A 65 8.59 3.59 -0.26
CA LEU A 65 9.18 2.28 -0.52
C LEU A 65 9.57 2.20 -2.00
N ALA A 66 8.66 2.66 -2.88
CA ALA A 66 8.79 2.49 -4.34
C ALA A 66 9.90 3.38 -4.90
N VAL A 67 10.09 4.54 -4.25
CA VAL A 67 11.04 5.57 -4.70
C VAL A 67 12.42 5.44 -4.01
N SER A 68 12.50 4.59 -2.96
CA SER A 68 13.80 4.24 -2.32
C SER A 68 14.52 3.18 -3.20
N PRO A 69 15.90 3.13 -3.23
CA PRO A 69 16.67 2.38 -4.26
C PRO A 69 16.56 0.83 -4.16
N VAL A 70 15.94 0.30 -3.09
CA VAL A 70 15.59 -1.15 -2.99
C VAL A 70 14.53 -1.53 -4.06
N CYS A 71 13.74 -0.51 -4.44
CA CYS A 71 12.58 -0.64 -5.31
C CYS A 71 12.77 0.15 -6.61
N MET A 72 13.52 1.24 -6.52
CA MET A 72 13.73 2.18 -7.63
C MET A 72 14.99 1.80 -8.42
N GLU A 73 14.94 1.98 -9.75
CA GLU A 73 16.08 1.72 -10.65
C GLU A 73 17.24 2.69 -10.33
N ASP A 74 16.89 3.95 -10.06
CA ASP A 74 17.85 4.97 -9.63
C ASP A 74 18.15 4.83 -8.13
N LYS A 75 19.31 5.37 -7.73
CA LYS A 75 19.72 5.47 -6.32
C LYS A 75 18.96 6.63 -5.63
N GLN A 76 19.08 6.72 -4.30
CA GLN A 76 18.49 7.82 -3.51
C GLN A 76 19.61 8.87 -3.28
#